data_1X5I
#
_entry.id   1X5I
#
_entity_poly.entity_id   1
_entity_poly.type   'polypeptide(L)'
_entity_poly.pdbx_seq_one_letter_code
;GSSGSSGPATDWLSAETFESDLDETRVPEVPSSLHVRPLVTSIVVSWTPPENQNIVVRGYAIGYGIGSPHAQTIKVDYKQ
RYYTIENLDPSSHYVITLKAFNNVGEGIPLYESAVTRPHTSGPSSG
;
_entity_poly.pdbx_strand_id   A
#
# COMPACT_ATOMS: atom_id res chain seq x y z
N GLY A 1 4.10 -25.65 45.49
CA GLY A 1 3.77 -24.41 44.80
C GLY A 1 3.32 -23.32 45.75
N SER A 2 3.30 -22.09 45.26
CA SER A 2 2.89 -20.95 46.07
C SER A 2 1.80 -20.14 45.39
N SER A 3 0.55 -20.37 45.80
CA SER A 3 -0.59 -19.67 45.22
C SER A 3 -0.41 -19.49 43.71
N GLY A 4 0.09 -20.53 43.06
CA GLY A 4 0.31 -20.46 41.63
C GLY A 4 0.73 -19.07 41.17
N SER A 5 0.15 -18.62 40.05
CA SER A 5 0.48 -17.31 39.51
C SER A 5 -0.57 -16.87 38.49
N SER A 6 -0.42 -15.65 37.98
CA SER A 6 -1.35 -15.11 37.01
C SER A 6 -0.69 -14.02 36.16
N GLY A 7 -1.44 -13.49 35.19
CA GLY A 7 -0.91 -12.45 34.34
C GLY A 7 -1.96 -11.43 33.95
N PRO A 8 -2.13 -10.40 34.80
CA PRO A 8 -3.11 -9.34 34.56
C PRO A 8 -2.72 -8.44 33.40
N ALA A 9 -3.71 -7.82 32.77
CA ALA A 9 -3.47 -6.93 31.65
C ALA A 9 -4.67 -6.00 31.41
N THR A 10 -4.37 -4.76 31.02
CA THR A 10 -5.42 -3.78 30.76
C THR A 10 -4.84 -2.52 30.14
N ASP A 11 -5.52 -1.99 29.13
CA ASP A 11 -5.08 -0.77 28.46
C ASP A 11 -6.13 -0.29 27.46
N TRP A 12 -6.05 0.98 27.10
CA TRP A 12 -6.99 1.56 26.15
C TRP A 12 -6.38 1.65 24.76
N LEU A 13 -7.23 1.68 23.74
CA LEU A 13 -6.78 1.75 22.36
C LEU A 13 -7.70 2.65 21.53
N SER A 14 -7.27 2.96 20.31
CA SER A 14 -8.06 3.81 19.42
C SER A 14 -8.48 3.04 18.17
N ALA A 15 -9.67 2.44 18.23
CA ALA A 15 -10.20 1.68 17.12
C ALA A 15 -11.63 1.20 17.40
N GLU A 16 -12.36 0.87 16.33
CA GLU A 16 -13.73 0.40 16.48
C GLU A 16 -13.79 -0.91 17.26
N THR A 17 -14.99 -1.42 17.46
CA THR A 17 -15.18 -2.66 18.20
C THR A 17 -15.32 -3.85 17.26
N PHE A 18 -14.44 -3.93 16.27
CA PHE A 18 -14.47 -5.00 15.30
C PHE A 18 -15.91 -5.44 15.00
N GLU A 19 -16.78 -4.45 14.81
CA GLU A 19 -18.18 -4.72 14.52
C GLU A 19 -18.32 -5.79 13.44
N SER A 20 -19.10 -6.82 13.74
CA SER A 20 -19.32 -7.92 12.79
C SER A 20 -20.16 -7.45 11.60
N ASP A 21 -20.87 -6.35 11.78
CA ASP A 21 -21.71 -5.81 10.72
C ASP A 21 -20.89 -5.52 9.48
N LEU A 22 -19.70 -4.97 9.67
CA LEU A 22 -18.81 -4.65 8.56
C LEU A 22 -18.87 -5.73 7.48
N ASP A 23 -18.65 -5.33 6.23
CA ASP A 23 -18.67 -6.26 5.12
C ASP A 23 -17.39 -7.11 5.09
N GLU A 24 -17.45 -8.27 5.72
CA GLU A 24 -16.30 -9.18 5.77
C GLU A 24 -16.65 -10.52 5.14
N THR A 25 -17.71 -10.55 4.34
CA THR A 25 -18.15 -11.78 3.69
C THR A 25 -17.54 -11.89 2.30
N ARG A 26 -16.93 -10.81 1.83
CA ARG A 26 -16.31 -10.79 0.50
C ARG A 26 -14.96 -10.09 0.54
N VAL A 27 -14.18 -10.27 -0.52
CA VAL A 27 -12.86 -9.66 -0.60
C VAL A 27 -12.95 -8.22 -1.11
N PRO A 28 -12.06 -7.36 -0.61
CA PRO A 28 -12.02 -5.95 -1.01
C PRO A 28 -11.53 -5.76 -2.44
N GLU A 29 -12.47 -5.49 -3.34
CA GLU A 29 -12.14 -5.29 -4.75
C GLU A 29 -11.12 -4.17 -4.92
N VAL A 30 -10.60 -4.01 -6.13
CA VAL A 30 -9.62 -2.98 -6.42
C VAL A 30 -9.94 -1.69 -5.68
N PRO A 31 -8.90 -1.04 -5.14
CA PRO A 31 -9.05 0.21 -4.40
C PRO A 31 -9.44 1.38 -5.30
N SER A 32 -9.79 2.50 -4.69
CA SER A 32 -10.18 3.69 -5.43
C SER A 32 -9.17 4.01 -6.52
N SER A 33 -7.89 3.99 -6.16
CA SER A 33 -6.82 4.28 -7.10
C SER A 33 -5.45 4.06 -6.45
N LEU A 34 -4.40 4.38 -7.19
CA LEU A 34 -3.04 4.22 -6.70
C LEU A 34 -2.08 5.18 -7.39
N HIS A 35 -1.48 6.08 -6.61
CA HIS A 35 -0.55 7.06 -7.16
C HIS A 35 0.88 6.73 -6.74
N VAL A 36 1.82 6.97 -7.65
CA VAL A 36 3.23 6.70 -7.38
C VAL A 36 4.10 7.88 -7.79
N ARG A 37 5.09 8.20 -6.96
CA ARG A 37 6.00 9.31 -7.23
C ARG A 37 7.44 8.82 -7.31
N PRO A 38 7.99 8.79 -8.53
CA PRO A 38 9.37 8.35 -8.78
C PRO A 38 10.40 9.34 -8.22
N LEU A 39 11.35 8.82 -7.46
CA LEU A 39 12.39 9.65 -6.86
C LEU A 39 13.78 9.17 -7.30
N VAL A 40 14.75 10.08 -7.29
CA VAL A 40 16.11 9.76 -7.67
C VAL A 40 16.46 8.32 -7.31
N THR A 41 16.63 8.07 -6.01
CA THR A 41 16.96 6.74 -5.52
C THR A 41 15.86 6.19 -4.62
N SER A 42 14.65 6.70 -4.80
CA SER A 42 13.52 6.27 -3.99
C SER A 42 12.22 6.33 -4.79
N ILE A 43 11.12 5.98 -4.16
CA ILE A 43 9.81 6.00 -4.81
C ILE A 43 8.68 6.03 -3.79
N VAL A 44 8.00 7.18 -3.71
CA VAL A 44 6.90 7.35 -2.77
C VAL A 44 5.61 6.77 -3.35
N VAL A 45 5.27 5.55 -2.95
CA VAL A 45 4.07 4.88 -3.42
C VAL A 45 2.87 5.23 -2.54
N SER A 46 2.04 6.14 -3.01
CA SER A 46 0.85 6.57 -2.27
C SER A 46 -0.41 5.98 -2.87
N TRP A 47 -1.20 5.29 -2.05
CA TRP A 47 -2.44 4.68 -2.51
C TRP A 47 -3.63 5.20 -1.71
N THR A 48 -4.82 4.71 -2.04
CA THR A 48 -6.03 5.13 -1.36
C THR A 48 -7.01 3.96 -1.20
N PRO A 49 -7.73 3.93 -0.08
CA PRO A 49 -8.71 2.88 0.21
C PRO A 49 -9.93 2.97 -0.68
N PRO A 50 -10.73 1.90 -0.72
CA PRO A 50 -11.95 1.82 -1.53
C PRO A 50 -13.04 2.73 -0.99
N GLU A 51 -13.68 3.50 -1.88
CA GLU A 51 -14.75 4.40 -1.50
C GLU A 51 -15.57 3.81 -0.36
N ASN A 52 -15.93 2.54 -0.49
CA ASN A 52 -16.72 1.86 0.53
C ASN A 52 -15.89 1.61 1.79
N GLN A 53 -16.22 2.33 2.86
CA GLN A 53 -15.51 2.19 4.12
C GLN A 53 -16.24 1.23 5.05
N ASN A 54 -16.80 0.17 4.47
CA ASN A 54 -17.52 -0.83 5.24
C ASN A 54 -16.83 -2.18 5.17
N ILE A 55 -16.10 -2.41 4.08
CA ILE A 55 -15.38 -3.66 3.90
C ILE A 55 -14.16 -3.75 4.81
N VAL A 56 -14.05 -4.85 5.55
CA VAL A 56 -12.93 -5.04 6.47
C VAL A 56 -11.63 -5.24 5.70
N VAL A 57 -10.74 -4.25 5.79
CA VAL A 57 -9.46 -4.31 5.11
C VAL A 57 -8.32 -4.50 6.11
N ARG A 58 -7.67 -5.67 6.04
CA ARG A 58 -6.57 -5.98 6.93
C ARG A 58 -5.30 -5.26 6.49
N GLY A 59 -4.99 -5.36 5.20
CA GLY A 59 -3.80 -4.70 4.67
C GLY A 59 -3.71 -4.81 3.17
N TYR A 60 -2.68 -4.18 2.60
CA TYR A 60 -2.48 -4.19 1.15
C TYR A 60 -1.10 -4.71 0.80
N ALA A 61 -0.88 -4.94 -0.49
CA ALA A 61 0.41 -5.44 -0.97
C ALA A 61 1.01 -4.50 -2.00
N ILE A 62 2.32 -4.26 -1.90
CA ILE A 62 3.01 -3.38 -2.83
C ILE A 62 4.09 -4.14 -3.60
N GLY A 63 3.83 -4.38 -4.89
CA GLY A 63 4.79 -5.08 -5.71
C GLY A 63 5.57 -4.16 -6.62
N TYR A 64 6.89 -4.34 -6.65
CA TYR A 64 7.75 -3.51 -7.47
C TYR A 64 8.82 -4.36 -8.16
N GLY A 65 9.37 -3.82 -9.25
CA GLY A 65 10.41 -4.54 -9.98
C GLY A 65 10.40 -4.22 -11.46
N ILE A 66 11.59 -4.13 -12.05
CA ILE A 66 11.71 -3.84 -13.47
C ILE A 66 11.18 -4.99 -14.33
N GLY A 67 10.14 -4.70 -15.10
CA GLY A 67 9.57 -5.72 -15.96
C GLY A 67 8.30 -6.32 -15.38
N SER A 68 8.33 -6.61 -14.08
CA SER A 68 7.17 -7.19 -13.40
C SER A 68 7.26 -6.95 -11.91
N PRO A 69 6.10 -6.67 -11.29
CA PRO A 69 6.01 -6.41 -9.85
C PRO A 69 6.24 -7.67 -9.02
N HIS A 70 6.02 -8.83 -9.63
CA HIS A 70 6.21 -10.10 -8.95
C HIS A 70 7.61 -10.19 -8.34
N ALA A 71 8.56 -9.49 -8.95
CA ALA A 71 9.94 -9.48 -8.46
C ALA A 71 9.98 -9.40 -6.94
N GLN A 72 9.50 -8.29 -6.39
CA GLN A 72 9.48 -8.08 -4.95
C GLN A 72 8.13 -7.58 -4.49
N THR A 73 7.78 -7.89 -3.24
CA THR A 73 6.50 -7.47 -2.68
C THR A 73 6.67 -6.96 -1.25
N ILE A 74 5.93 -5.91 -0.91
CA ILE A 74 6.00 -5.33 0.42
C ILE A 74 4.62 -5.25 1.06
N LYS A 75 4.50 -5.80 2.26
CA LYS A 75 3.23 -5.78 2.98
C LYS A 75 3.29 -4.81 4.16
N VAL A 76 2.21 -4.06 4.36
CA VAL A 76 2.13 -3.09 5.45
C VAL A 76 0.76 -3.13 6.11
N ASP A 77 0.55 -2.22 7.06
CA ASP A 77 -0.72 -2.15 7.78
C ASP A 77 -1.66 -1.15 7.11
N TYR A 78 -2.96 -1.35 7.30
CA TYR A 78 -3.96 -0.46 6.73
C TYR A 78 -3.60 1.00 6.97
N LYS A 79 -3.37 1.34 8.23
CA LYS A 79 -3.02 2.71 8.61
C LYS A 79 -2.12 3.34 7.56
N GLN A 80 -1.08 2.61 7.16
CA GLN A 80 -0.14 3.10 6.16
C GLN A 80 -0.87 3.57 4.91
N ARG A 81 -0.58 4.80 4.48
CA ARG A 81 -1.22 5.36 3.30
C ARG A 81 -0.28 5.27 2.09
N TYR A 82 1.02 5.39 2.34
CA TYR A 82 2.01 5.33 1.28
C TYR A 82 3.32 4.73 1.78
N TYR A 83 4.12 4.20 0.86
CA TYR A 83 5.39 3.60 1.22
C TYR A 83 6.53 4.19 0.39
N THR A 84 7.57 4.64 1.09
CA THR A 84 8.73 5.24 0.43
C THR A 84 9.84 4.22 0.24
N ILE A 85 9.86 3.58 -0.93
CA ILE A 85 10.88 2.58 -1.23
C ILE A 85 12.23 3.24 -1.51
N GLU A 86 13.14 3.14 -0.54
CA GLU A 86 14.47 3.73 -0.68
C GLU A 86 15.46 2.71 -1.24
N ASN A 87 16.72 3.11 -1.34
CA ASN A 87 17.77 2.23 -1.85
C ASN A 87 17.33 1.57 -3.15
N LEU A 88 16.90 2.39 -4.11
CA LEU A 88 16.45 1.88 -5.40
C LEU A 88 17.45 2.24 -6.50
N ASP A 89 17.11 1.90 -7.74
CA ASP A 89 17.97 2.19 -8.87
C ASP A 89 17.38 3.30 -9.74
N PRO A 90 18.12 4.42 -9.85
CA PRO A 90 17.69 5.57 -10.64
C PRO A 90 17.71 5.29 -12.14
N SER A 91 17.06 6.15 -12.91
CA SER A 91 16.98 6.00 -14.36
C SER A 91 16.48 4.60 -14.73
N SER A 92 15.36 4.21 -14.12
CA SER A 92 14.77 2.90 -14.38
C SER A 92 13.27 2.92 -14.10
N HIS A 93 12.50 2.38 -15.03
CA HIS A 93 11.05 2.34 -14.89
C HIS A 93 10.63 1.20 -13.97
N TYR A 94 10.09 1.56 -12.81
CA TYR A 94 9.66 0.56 -11.83
C TYR A 94 8.14 0.40 -11.86
N VAL A 95 7.68 -0.83 -12.04
CA VAL A 95 6.26 -1.12 -12.08
C VAL A 95 5.70 -1.41 -10.69
N ILE A 96 5.01 -0.43 -10.12
CA ILE A 96 4.43 -0.57 -8.79
C ILE A 96 2.98 -1.01 -8.87
N THR A 97 2.62 -2.01 -8.07
CA THR A 97 1.25 -2.52 -8.06
C THR A 97 0.66 -2.46 -6.65
N LEU A 98 -0.66 -2.55 -6.55
CA LEU A 98 -1.35 -2.51 -5.28
C LEU A 98 -2.62 -3.36 -5.31
N LYS A 99 -2.77 -4.22 -4.30
CA LYS A 99 -3.94 -5.09 -4.22
C LYS A 99 -4.44 -5.18 -2.79
N ALA A 100 -5.76 -5.09 -2.62
CA ALA A 100 -6.36 -5.17 -1.30
C ALA A 100 -6.71 -6.60 -0.93
N PHE A 101 -6.27 -7.03 0.25
CA PHE A 101 -6.54 -8.39 0.72
C PHE A 101 -7.03 -8.37 2.16
N ASN A 102 -7.93 -9.30 2.47
CA ASN A 102 -8.50 -9.40 3.82
C ASN A 102 -8.69 -10.86 4.22
N ASN A 103 -9.27 -11.07 5.39
CA ASN A 103 -9.51 -12.41 5.90
C ASN A 103 -10.27 -13.25 4.88
N VAL A 104 -11.12 -12.60 4.11
CA VAL A 104 -11.92 -13.27 3.08
C VAL A 104 -11.04 -13.75 1.93
N GLY A 105 -10.14 -12.87 1.49
CA GLY A 105 -9.25 -13.22 0.40
C GLY A 105 -8.58 -12.00 -0.22
N GLU A 106 -7.90 -12.20 -1.34
CA GLU A 106 -7.22 -11.12 -2.02
C GLU A 106 -8.07 -10.56 -3.16
N GLY A 107 -7.80 -9.31 -3.54
CA GLY A 107 -8.56 -8.69 -4.61
C GLY A 107 -7.76 -8.57 -5.89
N ILE A 108 -8.06 -7.55 -6.69
CA ILE A 108 -7.37 -7.34 -7.96
C ILE A 108 -6.32 -6.24 -7.82
N PRO A 109 -5.07 -6.58 -8.19
CA PRO A 109 -3.94 -5.64 -8.12
C PRO A 109 -4.05 -4.53 -9.17
N LEU A 110 -3.32 -3.44 -8.94
CA LEU A 110 -3.34 -2.30 -9.85
C LEU A 110 -2.02 -2.18 -10.61
N TYR A 111 -2.02 -1.42 -11.69
CA TYR A 111 -0.82 -1.23 -12.49
C TYR A 111 -0.48 0.26 -12.60
N GLU A 112 0.75 0.60 -12.22
CA GLU A 112 1.20 1.98 -12.27
C GLU A 112 2.60 2.08 -12.89
N SER A 113 3.10 3.29 -13.02
CA SER A 113 4.42 3.52 -13.61
C SER A 113 5.15 4.64 -12.88
N ALA A 114 6.45 4.44 -12.65
CA ALA A 114 7.27 5.43 -11.97
C ALA A 114 8.70 5.38 -12.46
N VAL A 115 9.13 6.42 -13.16
CA VAL A 115 10.48 6.49 -13.69
C VAL A 115 11.37 7.35 -12.79
N THR A 116 12.29 6.70 -12.07
CA THR A 116 13.20 7.39 -11.18
C THR A 116 14.04 8.42 -11.93
N ARG A 117 14.21 9.60 -11.33
CA ARG A 117 14.99 10.66 -11.95
C ARG A 117 16.46 10.24 -12.11
N PRO A 118 17.11 10.78 -13.15
CA PRO A 118 18.53 10.47 -13.43
C PRO A 118 19.47 11.08 -12.39
N HIS A 119 20.08 10.20 -11.59
CA HIS A 119 21.01 10.65 -10.56
C HIS A 119 22.10 11.54 -11.15
N THR A 120 22.79 11.03 -12.16
CA THR A 120 23.85 11.78 -12.82
C THR A 120 24.72 12.51 -11.79
N SER A 121 24.99 11.84 -10.68
CA SER A 121 25.81 12.43 -9.62
C SER A 121 25.48 13.91 -9.45
N GLY A 122 24.20 14.24 -9.54
CA GLY A 122 23.78 15.63 -9.39
C GLY A 122 22.70 16.02 -10.38
N PRO A 123 21.44 15.70 -10.04
CA PRO A 123 20.29 16.00 -10.90
C PRO A 123 20.00 17.50 -10.95
N SER A 124 20.74 18.27 -10.16
CA SER A 124 20.55 19.73 -10.12
C SER A 124 20.73 20.33 -11.51
N SER A 125 20.02 21.43 -11.76
CA SER A 125 20.09 22.10 -13.05
C SER A 125 19.56 21.21 -14.16
N GLY A 126 18.46 20.51 -13.88
CA GLY A 126 17.86 19.63 -14.87
C GLY A 126 16.35 19.58 -14.77
N GLY A 1 22.09 18.65 -2.37
CA GLY A 1 22.13 17.29 -1.84
C GLY A 1 21.17 17.10 -0.67
N SER A 2 19.96 17.65 -0.80
CA SER A 2 18.96 17.54 0.26
C SER A 2 18.37 16.13 0.30
N SER A 3 17.62 15.85 1.36
CA SER A 3 16.99 14.54 1.52
C SER A 3 15.91 14.59 2.59
N GLY A 4 14.94 13.68 2.49
CA GLY A 4 13.86 13.63 3.44
C GLY A 4 13.87 12.37 4.28
N SER A 5 14.82 12.27 5.20
CA SER A 5 14.94 11.10 6.06
C SER A 5 14.26 11.34 7.40
N SER A 6 12.97 11.08 7.46
CA SER A 6 12.20 11.27 8.69
C SER A 6 10.81 10.65 8.56
N GLY A 7 10.25 10.24 9.69
CA GLY A 7 8.92 9.64 9.69
C GLY A 7 8.17 9.92 10.97
N PRO A 8 7.50 11.08 11.03
CA PRO A 8 6.72 11.49 12.20
C PRO A 8 5.46 10.66 12.37
N ALA A 9 5.10 10.38 13.62
CA ALA A 9 3.90 9.60 13.91
C ALA A 9 3.61 9.58 15.41
N THR A 10 2.34 9.74 15.76
CA THR A 10 1.93 9.75 17.17
C THR A 10 0.93 8.65 17.45
N ASP A 11 0.57 8.48 18.72
CA ASP A 11 -0.39 7.46 19.12
C ASP A 11 -1.69 7.58 18.32
N TRP A 12 -1.84 6.71 17.33
CA TRP A 12 -3.03 6.71 16.48
C TRP A 12 -4.29 6.59 17.32
N LEU A 13 -4.94 7.73 17.56
CA LEU A 13 -6.17 7.74 18.36
C LEU A 13 -7.37 7.31 17.53
N SER A 14 -8.44 6.92 18.20
CA SER A 14 -9.65 6.47 17.52
C SER A 14 -10.25 7.60 16.69
N ALA A 15 -10.69 7.26 15.48
CA ALA A 15 -11.30 8.24 14.58
C ALA A 15 -12.76 8.47 14.92
N GLU A 16 -13.54 7.38 14.92
CA GLU A 16 -14.96 7.46 15.23
C GLU A 16 -15.50 6.10 15.66
N THR A 17 -16.70 6.10 16.23
CA THR A 17 -17.34 4.87 16.68
C THR A 17 -17.91 4.08 15.51
N PHE A 18 -17.54 2.80 15.43
CA PHE A 18 -18.02 1.94 14.35
C PHE A 18 -18.32 0.53 14.88
N GLU A 19 -19.47 0.01 14.51
CA GLU A 19 -19.89 -1.32 14.94
C GLU A 19 -19.07 -2.40 14.24
N SER A 20 -19.14 -3.62 14.75
CA SER A 20 -18.39 -4.74 14.18
C SER A 20 -19.28 -5.54 13.23
N ASP A 21 -20.00 -4.84 12.37
CA ASP A 21 -20.88 -5.48 11.40
C ASP A 21 -20.47 -5.12 9.97
N LEU A 22 -19.50 -5.85 9.44
CA LEU A 22 -19.02 -5.61 8.08
C LEU A 22 -19.02 -6.90 7.26
N ASP A 23 -18.66 -6.79 5.99
CA ASP A 23 -18.62 -7.94 5.10
C ASP A 23 -17.23 -8.58 5.12
N GLU A 24 -17.13 -9.75 5.73
CA GLU A 24 -15.86 -10.46 5.82
C GLU A 24 -15.95 -11.83 5.15
N THR A 25 -16.81 -11.93 4.13
CA THR A 25 -16.99 -13.18 3.41
C THR A 25 -16.31 -13.13 2.05
N ARG A 26 -16.02 -11.92 1.57
CA ARG A 26 -15.37 -11.73 0.28
C ARG A 26 -14.12 -10.88 0.42
N VAL A 27 -13.34 -10.81 -0.66
CA VAL A 27 -12.11 -10.02 -0.66
C VAL A 27 -12.36 -8.62 -1.18
N PRO A 28 -11.60 -7.64 -0.66
CA PRO A 28 -11.72 -6.24 -1.05
C PRO A 28 -11.22 -5.99 -2.47
N GLU A 29 -12.15 -5.87 -3.42
CA GLU A 29 -11.79 -5.64 -4.82
C GLU A 29 -10.86 -4.43 -4.94
N VAL A 30 -10.30 -4.26 -6.14
CA VAL A 30 -9.40 -3.14 -6.40
C VAL A 30 -9.85 -1.88 -5.67
N PRO A 31 -8.90 -1.19 -5.03
CA PRO A 31 -9.19 0.04 -4.29
C PRO A 31 -9.54 1.20 -5.22
N SER A 32 -9.82 2.37 -4.63
CA SER A 32 -10.17 3.55 -5.40
C SER A 32 -9.14 3.80 -6.51
N SER A 33 -7.88 3.97 -6.11
CA SER A 33 -6.81 4.22 -7.06
C SER A 33 -5.45 4.03 -6.41
N LEU A 34 -4.39 4.34 -7.16
CA LEU A 34 -3.03 4.20 -6.65
C LEU A 34 -2.09 5.17 -7.37
N HIS A 35 -1.47 6.06 -6.60
CA HIS A 35 -0.53 7.02 -7.16
C HIS A 35 0.91 6.65 -6.83
N VAL A 36 1.83 7.02 -7.71
CA VAL A 36 3.25 6.72 -7.51
C VAL A 36 4.11 7.91 -7.89
N ARG A 37 5.13 8.18 -7.08
CA ARG A 37 6.04 9.29 -7.34
C ARG A 37 7.48 8.82 -7.40
N PRO A 38 8.06 8.83 -8.61
CA PRO A 38 9.45 8.39 -8.83
C PRO A 38 10.46 9.37 -8.23
N LEU A 39 11.38 8.83 -7.43
CA LEU A 39 12.41 9.64 -6.79
C LEU A 39 13.80 9.16 -7.19
N VAL A 40 14.77 10.08 -7.12
CA VAL A 40 16.14 9.76 -7.48
C VAL A 40 16.46 8.29 -7.17
N THR A 41 16.57 7.96 -5.89
CA THR A 41 16.87 6.60 -5.47
C THR A 41 15.75 6.04 -4.60
N SER A 42 14.54 6.57 -4.77
CA SER A 42 13.39 6.13 -4.00
C SER A 42 12.11 6.27 -4.82
N ILE A 43 10.98 5.91 -4.20
CA ILE A 43 9.69 6.00 -4.87
C ILE A 43 8.55 6.05 -3.85
N VAL A 44 7.93 7.22 -3.72
CA VAL A 44 6.82 7.39 -2.80
C VAL A 44 5.53 6.80 -3.35
N VAL A 45 5.24 5.56 -2.97
CA VAL A 45 4.03 4.88 -3.43
C VAL A 45 2.84 5.23 -2.57
N SER A 46 1.99 6.13 -3.06
CA SER A 46 0.80 6.55 -2.32
C SER A 46 -0.45 5.91 -2.89
N TRP A 47 -1.22 5.26 -2.03
CA TRP A 47 -2.45 4.60 -2.44
C TRP A 47 -3.64 5.07 -1.61
N THR A 48 -4.79 4.46 -1.84
CA THR A 48 -6.01 4.82 -1.10
C THR A 48 -6.89 3.60 -0.88
N PRO A 49 -7.75 3.67 0.15
CA PRO A 49 -8.67 2.58 0.50
C PRO A 49 -9.77 2.41 -0.54
N PRO A 50 -10.41 1.23 -0.53
CA PRO A 50 -11.49 0.91 -1.46
C PRO A 50 -12.76 1.70 -1.17
N GLU A 51 -13.46 2.10 -2.22
CA GLU A 51 -14.69 2.88 -2.08
C GLU A 51 -15.64 2.20 -1.09
N ASN A 52 -15.82 0.90 -1.26
CA ASN A 52 -16.70 0.13 -0.38
C ASN A 52 -15.98 -0.29 0.89
N GLN A 53 -16.18 0.47 1.96
CA GLN A 53 -15.55 0.18 3.24
C GLN A 53 -16.16 -1.07 3.88
N ASN A 54 -17.47 -1.23 3.69
CA ASN A 54 -18.18 -2.38 4.25
C ASN A 54 -17.29 -3.63 4.24
N ILE A 55 -16.56 -3.82 3.15
CA ILE A 55 -15.68 -4.97 3.02
C ILE A 55 -14.50 -4.86 3.97
N VAL A 56 -14.23 -5.93 4.70
CA VAL A 56 -13.12 -5.97 5.64
C VAL A 56 -11.78 -5.86 4.93
N VAL A 57 -10.84 -5.15 5.54
CA VAL A 57 -9.52 -4.97 4.95
C VAL A 57 -8.42 -5.05 6.03
N ARG A 58 -7.61 -6.09 5.96
CA ARG A 58 -6.53 -6.28 6.92
C ARG A 58 -5.31 -5.45 6.54
N GLY A 59 -5.02 -5.36 5.24
CA GLY A 59 -3.89 -4.59 4.77
C GLY A 59 -3.77 -4.60 3.26
N TYR A 60 -2.65 -4.09 2.76
CA TYR A 60 -2.41 -4.04 1.32
C TYR A 60 -1.01 -4.52 0.97
N ALA A 61 -0.87 -5.08 -0.23
CA ALA A 61 0.42 -5.58 -0.68
C ALA A 61 0.97 -4.74 -1.83
N ILE A 62 2.23 -4.34 -1.71
CA ILE A 62 2.87 -3.52 -2.74
C ILE A 62 3.93 -4.33 -3.50
N GLY A 63 3.92 -4.20 -4.82
CA GLY A 63 4.88 -4.92 -5.63
C GLY A 63 5.58 -4.01 -6.63
N TYR A 64 6.89 -4.20 -6.77
CA TYR A 64 7.68 -3.39 -7.69
C TYR A 64 8.77 -4.23 -8.36
N GLY A 65 9.05 -3.93 -9.63
CA GLY A 65 10.06 -4.66 -10.35
C GLY A 65 10.17 -4.22 -11.80
N ILE A 66 11.40 -3.99 -12.26
CA ILE A 66 11.64 -3.55 -13.63
C ILE A 66 11.13 -4.60 -14.62
N GLY A 67 9.99 -4.29 -15.25
CA GLY A 67 9.42 -5.20 -16.23
C GLY A 67 8.18 -5.90 -15.70
N SER A 68 8.22 -6.30 -14.43
CA SER A 68 7.10 -6.98 -13.81
C SER A 68 7.15 -6.86 -12.30
N PRO A 69 5.98 -6.68 -11.67
CA PRO A 69 5.86 -6.55 -10.22
C PRO A 69 6.17 -7.85 -9.48
N HIS A 70 6.54 -8.87 -10.25
CA HIS A 70 6.86 -10.18 -9.66
C HIS A 70 8.33 -10.24 -9.25
N ALA A 71 8.82 -9.15 -8.66
CA ALA A 71 10.20 -9.08 -8.21
C ALA A 71 10.29 -8.98 -6.69
N GLN A 72 9.52 -8.06 -6.13
CA GLN A 72 9.51 -7.87 -4.68
C GLN A 72 8.09 -7.58 -4.17
N THR A 73 7.87 -7.84 -2.89
CA THR A 73 6.56 -7.62 -2.29
C THR A 73 6.69 -7.05 -0.87
N ILE A 74 5.97 -5.97 -0.61
CA ILE A 74 6.01 -5.34 0.71
C ILE A 74 4.61 -5.23 1.31
N LYS A 75 4.35 -6.05 2.33
CA LYS A 75 3.05 -6.04 2.99
C LYS A 75 3.09 -5.19 4.25
N VAL A 76 2.20 -4.21 4.33
CA VAL A 76 2.13 -3.32 5.47
C VAL A 76 0.68 -3.09 5.90
N ASP A 77 0.49 -2.73 7.17
CA ASP A 77 -0.84 -2.48 7.71
C ASP A 77 -1.66 -1.63 6.75
N TYR A 78 -2.98 -1.78 6.82
CA TYR A 78 -3.88 -1.02 5.95
C TYR A 78 -3.70 0.48 6.16
N LYS A 79 -3.69 0.90 7.41
CA LYS A 79 -3.53 2.31 7.75
C LYS A 79 -2.50 2.96 6.84
N GLN A 80 -1.36 2.31 6.67
CA GLN A 80 -0.29 2.84 5.82
C GLN A 80 -0.87 3.57 4.62
N ARG A 81 -0.69 4.89 4.59
CA ARG A 81 -1.18 5.71 3.49
C ARG A 81 -0.28 5.59 2.26
N TYR A 82 1.03 5.52 2.51
CA TYR A 82 2.00 5.41 1.43
C TYR A 82 3.31 4.82 1.93
N TYR A 83 4.13 4.34 1.00
CA TYR A 83 5.42 3.75 1.35
C TYR A 83 6.53 4.29 0.47
N THR A 84 7.69 4.52 1.06
CA THR A 84 8.84 5.04 0.33
C THR A 84 9.85 3.96 0.04
N ILE A 85 9.75 3.35 -1.13
CA ILE A 85 10.67 2.29 -1.54
C ILE A 85 12.08 2.83 -1.76
N GLU A 86 13.02 2.34 -0.96
CA GLU A 86 14.41 2.78 -1.07
C GLU A 86 15.26 1.70 -1.72
N ASN A 87 16.55 2.00 -1.88
CA ASN A 87 17.47 1.05 -2.50
C ASN A 87 17.15 0.84 -3.97
N LEU A 88 16.88 1.94 -4.67
CA LEU A 88 16.56 1.88 -6.08
C LEU A 88 17.59 2.65 -6.91
N ASP A 89 17.56 2.43 -8.23
CA ASP A 89 18.49 3.11 -9.13
C ASP A 89 17.76 4.12 -10.01
N PRO A 90 18.35 5.31 -10.16
CA PRO A 90 17.77 6.38 -10.98
C PRO A 90 17.82 6.06 -12.47
N SER A 91 17.00 6.76 -13.23
CA SER A 91 16.93 6.55 -14.68
C SER A 91 16.48 5.13 -15.00
N SER A 92 15.43 4.68 -14.32
CA SER A 92 14.90 3.34 -14.53
C SER A 92 13.40 3.29 -14.22
N HIS A 93 12.64 2.67 -15.11
CA HIS A 93 11.20 2.56 -14.94
C HIS A 93 10.86 1.42 -13.98
N TYR A 94 9.99 1.71 -13.01
CA TYR A 94 9.59 0.72 -12.03
C TYR A 94 8.07 0.55 -12.00
N VAL A 95 7.61 -0.67 -12.27
CA VAL A 95 6.18 -0.96 -12.28
C VAL A 95 5.67 -1.29 -10.88
N ILE A 96 4.89 -0.38 -10.32
CA ILE A 96 4.33 -0.58 -8.98
C ILE A 96 2.88 -1.06 -9.05
N THR A 97 2.56 -2.06 -8.23
CA THR A 97 1.21 -2.60 -8.20
C THR A 97 0.68 -2.67 -6.77
N LEU A 98 -0.62 -2.45 -6.62
CA LEU A 98 -1.25 -2.47 -5.31
C LEU A 98 -2.52 -3.33 -5.33
N LYS A 99 -2.65 -4.21 -4.35
CA LYS A 99 -3.81 -5.08 -4.25
C LYS A 99 -4.33 -5.15 -2.82
N ALA A 100 -5.61 -4.89 -2.64
CA ALA A 100 -6.23 -4.92 -1.32
C ALA A 100 -6.62 -6.35 -0.93
N PHE A 101 -6.09 -6.81 0.20
CA PHE A 101 -6.36 -8.16 0.68
C PHE A 101 -6.98 -8.12 2.07
N ASN A 102 -7.48 -9.26 2.53
CA ASN A 102 -8.09 -9.36 3.86
C ASN A 102 -8.18 -10.81 4.31
N ASN A 103 -8.81 -11.03 5.46
CA ASN A 103 -8.96 -12.37 6.00
C ASN A 103 -9.58 -13.32 4.97
N VAL A 104 -10.46 -12.78 4.14
CA VAL A 104 -11.12 -13.57 3.11
C VAL A 104 -10.13 -14.03 2.05
N GLY A 105 -9.32 -13.10 1.56
CA GLY A 105 -8.33 -13.44 0.55
C GLY A 105 -7.55 -12.23 0.08
N GLU A 106 -7.47 -12.05 -1.24
CA GLU A 106 -6.75 -10.92 -1.81
C GLU A 106 -7.58 -10.21 -2.86
N GLY A 107 -7.24 -8.96 -3.13
CA GLY A 107 -7.99 -8.18 -4.11
C GLY A 107 -7.27 -8.08 -5.43
N ILE A 108 -7.82 -7.30 -6.36
CA ILE A 108 -7.23 -7.13 -7.68
C ILE A 108 -6.12 -6.08 -7.64
N PRO A 109 -4.93 -6.46 -8.15
CA PRO A 109 -3.77 -5.56 -8.19
C PRO A 109 -3.95 -4.43 -9.19
N LEU A 110 -3.13 -3.40 -9.05
CA LEU A 110 -3.19 -2.25 -9.95
C LEU A 110 -1.97 -2.19 -10.84
N TYR A 111 -1.93 -1.19 -11.73
CA TYR A 111 -0.80 -1.02 -12.64
C TYR A 111 -0.43 0.45 -12.77
N GLU A 112 0.78 0.79 -12.32
CA GLU A 112 1.26 2.17 -12.39
C GLU A 112 2.65 2.23 -13.03
N SER A 113 3.15 3.45 -13.22
CA SER A 113 4.46 3.64 -13.82
C SER A 113 5.21 4.77 -13.13
N ALA A 114 6.49 4.53 -12.84
CA ALA A 114 7.32 5.53 -12.18
C ALA A 114 8.75 5.47 -12.68
N VAL A 115 9.19 6.53 -13.36
CA VAL A 115 10.54 6.60 -13.90
C VAL A 115 11.45 7.42 -12.99
N THR A 116 12.18 6.73 -12.13
CA THR A 116 13.09 7.39 -11.20
C THR A 116 13.85 8.52 -11.88
N ARG A 117 14.05 9.61 -11.17
CA ARG A 117 14.77 10.77 -11.70
C ARG A 117 16.10 10.35 -12.32
N PRO A 118 16.61 11.17 -13.24
CA PRO A 118 17.88 10.92 -13.91
C PRO A 118 19.08 11.05 -12.98
N HIS A 119 18.81 11.47 -11.75
CA HIS A 119 19.87 11.64 -10.75
C HIS A 119 21.02 12.48 -11.32
N THR A 120 20.67 13.57 -12.00
CA THR A 120 21.66 14.45 -12.59
C THR A 120 21.71 15.79 -11.87
N SER A 121 22.56 15.88 -10.86
CA SER A 121 22.70 17.11 -10.08
C SER A 121 23.32 18.21 -10.93
N GLY A 122 24.53 17.95 -11.44
CA GLY A 122 25.21 18.93 -12.25
C GLY A 122 26.52 19.40 -11.62
N PRO A 123 27.10 20.46 -12.18
CA PRO A 123 28.35 21.03 -11.68
C PRO A 123 28.18 21.72 -10.34
N SER A 124 29.10 21.43 -9.41
CA SER A 124 29.04 22.02 -8.08
C SER A 124 29.58 23.44 -8.09
N SER A 125 28.91 24.34 -7.37
CA SER A 125 29.32 25.74 -7.30
C SER A 125 28.59 26.46 -6.17
N GLY A 126 28.99 27.70 -5.92
CA GLY A 126 28.37 28.49 -4.86
C GLY A 126 28.96 29.88 -4.76
N GLY A 1 -24.06 -41.20 21.14
CA GLY A 1 -23.49 -40.23 22.06
C GLY A 1 -22.00 -40.04 21.85
N SER A 2 -21.23 -40.17 22.94
CA SER A 2 -19.79 -40.01 22.87
C SER A 2 -19.42 -38.59 22.45
N SER A 3 -20.12 -37.61 23.01
CA SER A 3 -19.87 -36.21 22.69
C SER A 3 -18.54 -35.74 23.27
N GLY A 4 -18.18 -34.50 22.98
CA GLY A 4 -16.94 -33.95 23.49
C GLY A 4 -17.03 -32.47 23.80
N SER A 5 -15.89 -31.79 23.82
CA SER A 5 -15.85 -30.36 24.11
C SER A 5 -14.76 -29.67 23.31
N SER A 6 -14.90 -28.37 23.12
CA SER A 6 -13.92 -27.59 22.36
C SER A 6 -13.44 -26.40 23.18
N GLY A 7 -12.20 -25.96 22.92
CA GLY A 7 -11.65 -24.83 23.64
C GLY A 7 -12.09 -23.51 23.05
N PRO A 8 -12.23 -22.49 23.93
CA PRO A 8 -12.66 -21.15 23.51
C PRO A 8 -11.59 -20.43 22.69
N ALA A 9 -11.99 -19.90 21.54
CA ALA A 9 -11.08 -19.18 20.67
C ALA A 9 -10.61 -17.87 21.31
N THR A 10 -9.36 -17.51 21.06
CA THR A 10 -8.78 -16.30 21.62
C THR A 10 -9.49 -15.06 21.07
N ASP A 11 -9.49 -13.99 21.85
CA ASP A 11 -10.13 -12.74 21.44
C ASP A 11 -9.13 -11.59 21.45
N TRP A 12 -8.51 -11.35 20.29
CA TRP A 12 -7.53 -10.29 20.16
C TRP A 12 -7.92 -9.09 21.01
N LEU A 13 -6.92 -8.50 21.67
CA LEU A 13 -7.15 -7.34 22.53
C LEU A 13 -7.18 -6.05 21.71
N SER A 14 -6.21 -5.91 20.80
CA SER A 14 -6.12 -4.74 19.95
C SER A 14 -5.70 -5.12 18.54
N ALA A 15 -6.63 -5.00 17.60
CA ALA A 15 -6.35 -5.33 16.21
C ALA A 15 -6.89 -4.25 15.27
N GLU A 16 -8.12 -3.82 15.52
CA GLU A 16 -8.76 -2.79 14.71
C GLU A 16 -9.81 -2.03 15.50
N THR A 17 -9.93 -0.74 15.23
CA THR A 17 -10.91 0.10 15.92
C THR A 17 -12.11 0.39 15.04
N PHE A 18 -13.06 -0.56 15.00
CA PHE A 18 -14.26 -0.39 14.19
C PHE A 18 -15.32 -1.42 14.59
N GLU A 19 -16.50 -0.92 14.95
CA GLU A 19 -17.60 -1.79 15.36
C GLU A 19 -17.57 -3.10 14.58
N SER A 20 -18.02 -4.17 15.24
CA SER A 20 -18.06 -5.49 14.61
C SER A 20 -19.29 -5.65 13.73
N ASP A 21 -19.62 -4.59 12.97
CA ASP A 21 -20.77 -4.62 12.09
C ASP A 21 -20.35 -4.44 10.64
N LEU A 22 -19.23 -5.04 10.28
CA LEU A 22 -18.72 -4.94 8.91
C LEU A 22 -18.82 -6.29 8.20
N ASP A 23 -18.68 -6.25 6.88
CA ASP A 23 -18.75 -7.47 6.06
C ASP A 23 -17.38 -8.10 5.91
N GLU A 24 -17.26 -9.37 6.30
CA GLU A 24 -16.00 -10.09 6.21
C GLU A 24 -16.18 -11.41 5.47
N THR A 25 -17.11 -11.44 4.52
CA THR A 25 -17.37 -12.64 3.74
C THR A 25 -16.83 -12.51 2.32
N ARG A 26 -16.61 -11.27 1.89
CA ARG A 26 -16.09 -11.02 0.55
C ARG A 26 -14.79 -10.22 0.62
N VAL A 27 -13.93 -10.42 -0.38
CA VAL A 27 -12.66 -9.71 -0.44
C VAL A 27 -12.85 -8.29 -0.94
N PRO A 28 -11.99 -7.38 -0.45
CA PRO A 28 -12.04 -5.96 -0.84
C PRO A 28 -11.61 -5.74 -2.29
N GLU A 29 -12.58 -5.52 -3.16
CA GLU A 29 -12.31 -5.29 -4.57
C GLU A 29 -11.22 -4.24 -4.74
N VAL A 30 -10.87 -3.96 -6.00
CA VAL A 30 -9.85 -2.97 -6.31
C VAL A 30 -10.09 -1.68 -5.53
N PRO A 31 -9.00 -1.08 -5.02
CA PRO A 31 -9.05 0.15 -4.24
C PRO A 31 -9.42 1.35 -5.11
N SER A 32 -9.74 2.47 -4.46
CA SER A 32 -10.10 3.69 -5.18
C SER A 32 -9.09 4.01 -6.27
N SER A 33 -7.82 4.00 -5.91
CA SER A 33 -6.75 4.30 -6.85
C SER A 33 -5.39 4.08 -6.22
N LEU A 34 -4.33 4.38 -6.98
CA LEU A 34 -2.97 4.21 -6.48
C LEU A 34 -2.02 5.17 -7.21
N HIS A 35 -1.52 6.17 -6.48
CA HIS A 35 -0.60 7.14 -7.05
C HIS A 35 0.85 6.79 -6.71
N VAL A 36 1.74 7.00 -7.66
CA VAL A 36 3.16 6.70 -7.45
C VAL A 36 4.02 7.90 -7.81
N ARG A 37 5.05 8.15 -7.00
CA ARG A 37 5.95 9.27 -7.23
C ARG A 37 7.40 8.79 -7.34
N PRO A 38 7.95 8.81 -8.56
CA PRO A 38 9.32 8.38 -8.81
C PRO A 38 10.35 9.34 -8.23
N LEU A 39 11.28 8.80 -7.46
CA LEU A 39 12.33 9.62 -6.84
C LEU A 39 13.71 9.13 -7.25
N VAL A 40 14.69 10.04 -7.22
CA VAL A 40 16.05 9.70 -7.59
C VAL A 40 16.37 8.25 -7.27
N THR A 41 16.50 7.95 -5.97
CA THR A 41 16.80 6.59 -5.53
C THR A 41 15.69 6.05 -4.65
N SER A 42 14.49 6.59 -4.81
CA SER A 42 13.34 6.16 -4.02
C SER A 42 12.05 6.27 -4.83
N ILE A 43 10.93 5.94 -4.20
CA ILE A 43 9.64 6.00 -4.86
C ILE A 43 8.49 6.05 -3.84
N VAL A 44 7.89 7.22 -3.68
CA VAL A 44 6.79 7.39 -2.74
C VAL A 44 5.49 6.83 -3.32
N VAL A 45 5.16 5.61 -2.92
CA VAL A 45 3.94 4.96 -3.39
C VAL A 45 2.75 5.34 -2.51
N SER A 46 1.94 6.28 -2.99
CA SER A 46 0.77 6.73 -2.25
C SER A 46 -0.51 6.18 -2.87
N TRP A 47 -1.31 5.50 -2.06
CA TRP A 47 -2.55 4.92 -2.54
C TRP A 47 -3.73 5.39 -1.67
N THR A 48 -4.92 4.86 -1.97
CA THR A 48 -6.12 5.22 -1.21
C THR A 48 -6.97 3.99 -0.93
N PRO A 49 -7.76 4.06 0.16
CA PRO A 49 -8.64 2.96 0.57
C PRO A 49 -9.81 2.76 -0.39
N PRO A 50 -10.43 1.58 -0.32
CA PRO A 50 -11.58 1.25 -1.18
C PRO A 50 -12.83 2.05 -0.82
N GLU A 51 -13.37 2.77 -1.80
CA GLU A 51 -14.56 3.57 -1.59
C GLU A 51 -15.56 2.84 -0.69
N ASN A 52 -15.71 1.54 -0.92
CA ASN A 52 -16.63 0.74 -0.13
C ASN A 52 -16.11 0.53 1.28
N GLN A 53 -16.74 1.19 2.24
CA GLN A 53 -16.34 1.09 3.63
C GLN A 53 -17.14 -0.01 4.35
N ASN A 54 -17.44 -1.08 3.63
CA ASN A 54 -18.20 -2.19 4.19
C ASN A 54 -17.34 -3.45 4.27
N ILE A 55 -16.35 -3.54 3.37
CA ILE A 55 -15.46 -4.69 3.35
C ILE A 55 -14.32 -4.52 4.34
N VAL A 56 -14.14 -5.53 5.19
CA VAL A 56 -13.08 -5.50 6.19
C VAL A 56 -11.70 -5.61 5.54
N VAL A 57 -10.88 -4.57 5.72
CA VAL A 57 -9.54 -4.54 5.15
C VAL A 57 -8.48 -4.74 6.23
N ARG A 58 -7.62 -5.73 6.02
CA ARG A 58 -6.56 -6.03 6.98
C ARG A 58 -5.25 -5.37 6.56
N GLY A 59 -5.04 -5.26 5.25
CA GLY A 59 -3.82 -4.64 4.73
C GLY A 59 -3.74 -4.70 3.23
N TYR A 60 -2.63 -4.21 2.67
CA TYR A 60 -2.44 -4.21 1.23
C TYR A 60 -1.04 -4.72 0.87
N ALA A 61 -0.86 -5.04 -0.41
CA ALA A 61 0.43 -5.55 -0.88
C ALA A 61 0.97 -4.69 -2.01
N ILE A 62 2.20 -4.21 -1.84
CA ILE A 62 2.85 -3.37 -2.85
C ILE A 62 4.00 -4.09 -3.51
N GLY A 63 3.81 -4.48 -4.77
CA GLY A 63 4.85 -5.18 -5.51
C GLY A 63 5.61 -4.26 -6.44
N TYR A 64 6.92 -4.49 -6.56
CA TYR A 64 7.77 -3.67 -7.42
C TYR A 64 8.86 -4.51 -8.05
N GLY A 65 9.37 -4.06 -9.20
CA GLY A 65 10.42 -4.78 -9.89
C GLY A 65 10.66 -4.26 -11.29
N ILE A 66 11.87 -4.49 -11.81
CA ILE A 66 12.22 -4.03 -13.15
C ILE A 66 11.63 -4.94 -14.21
N GLY A 67 10.42 -4.64 -14.63
CA GLY A 67 9.76 -5.45 -15.65
C GLY A 67 8.50 -6.11 -15.15
N SER A 68 8.51 -6.51 -13.87
CA SER A 68 7.35 -7.17 -13.27
C SER A 68 7.33 -6.95 -11.76
N PRO A 69 6.13 -6.76 -11.20
CA PRO A 69 5.95 -6.54 -9.77
C PRO A 69 6.23 -7.79 -8.95
N HIS A 70 6.60 -8.87 -9.63
CA HIS A 70 6.90 -10.13 -8.97
C HIS A 70 8.27 -10.09 -8.31
N ALA A 71 9.20 -9.36 -8.94
CA ALA A 71 10.56 -9.24 -8.40
C ALA A 71 10.55 -9.20 -6.88
N GLN A 72 9.90 -8.20 -6.32
CA GLN A 72 9.81 -8.04 -4.87
C GLN A 72 8.43 -7.56 -4.44
N THR A 73 8.06 -7.85 -3.20
CA THR A 73 6.76 -7.44 -2.68
C THR A 73 6.88 -6.98 -1.23
N ILE A 74 6.24 -5.86 -0.91
CA ILE A 74 6.27 -5.31 0.43
C ILE A 74 4.87 -5.16 1.00
N LYS A 75 4.55 -5.96 2.02
CA LYS A 75 3.23 -5.91 2.65
C LYS A 75 3.29 -5.10 3.95
N VAL A 76 2.30 -4.23 4.13
CA VAL A 76 2.23 -3.40 5.32
C VAL A 76 0.83 -3.42 5.93
N ASP A 77 0.68 -2.75 7.07
CA ASP A 77 -0.61 -2.70 7.74
C ASP A 77 -1.62 -1.92 6.92
N TYR A 78 -2.85 -1.79 7.44
CA TYR A 78 -3.90 -1.06 6.75
C TYR A 78 -3.85 0.42 7.06
N LYS A 79 -3.11 0.77 8.11
CA LYS A 79 -2.97 2.17 8.51
C LYS A 79 -1.81 2.83 7.78
N GLN A 80 -1.62 2.44 6.52
CA GLN A 80 -0.56 3.00 5.70
C GLN A 80 -1.12 3.66 4.45
N ARG A 81 -0.95 4.96 4.33
CA ARG A 81 -1.44 5.71 3.18
C ARG A 81 -0.43 5.67 2.04
N TYR A 82 0.85 5.77 2.37
CA TYR A 82 1.90 5.75 1.37
C TYR A 82 3.15 5.04 1.92
N TYR A 83 4.03 4.63 1.01
CA TYR A 83 5.25 3.96 1.39
C TYR A 83 6.43 4.40 0.51
N THR A 84 7.56 4.69 1.15
CA THR A 84 8.75 5.12 0.43
C THR A 84 9.69 3.96 0.18
N ILE A 85 9.83 3.57 -1.08
CA ILE A 85 10.71 2.47 -1.46
C ILE A 85 12.11 2.97 -1.78
N GLU A 86 13.01 2.87 -0.81
CA GLU A 86 14.39 3.32 -1.00
C GLU A 86 15.28 2.16 -1.46
N ASN A 87 16.54 2.46 -1.74
CA ASN A 87 17.49 1.45 -2.18
C ASN A 87 17.16 0.97 -3.59
N LEU A 88 16.87 1.92 -4.47
CA LEU A 88 16.54 1.60 -5.85
C LEU A 88 17.58 2.17 -6.80
N ASP A 89 17.49 1.78 -8.08
CA ASP A 89 18.43 2.26 -9.09
C ASP A 89 17.81 3.39 -9.90
N PRO A 90 18.50 4.55 -9.93
CA PRO A 90 18.03 5.72 -10.67
C PRO A 90 18.12 5.53 -12.17
N SER A 91 17.34 6.30 -12.91
CA SER A 91 17.33 6.22 -14.37
C SER A 91 16.83 4.85 -14.83
N SER A 92 15.73 4.40 -14.25
CA SER A 92 15.15 3.10 -14.60
C SER A 92 13.65 3.08 -14.29
N HIS A 93 12.89 2.44 -15.18
CA HIS A 93 11.44 2.34 -15.01
C HIS A 93 11.09 1.24 -13.99
N TYR A 94 10.16 1.56 -13.09
CA TYR A 94 9.74 0.60 -12.08
C TYR A 94 8.21 0.46 -12.07
N VAL A 95 7.75 -0.79 -12.09
CA VAL A 95 6.32 -1.07 -12.08
C VAL A 95 5.82 -1.35 -10.66
N ILE A 96 4.85 -0.56 -10.22
CA ILE A 96 4.30 -0.73 -8.88
C ILE A 96 2.84 -1.21 -8.95
N THR A 97 2.51 -2.18 -8.12
CA THR A 97 1.16 -2.74 -8.08
C THR A 97 0.63 -2.80 -6.66
N LEU A 98 -0.67 -2.57 -6.50
CA LEU A 98 -1.30 -2.61 -5.19
C LEU A 98 -2.63 -3.35 -5.25
N LYS A 99 -2.87 -4.20 -4.25
CA LYS A 99 -4.10 -4.98 -4.18
C LYS A 99 -4.61 -5.05 -2.75
N ALA A 100 -5.90 -4.78 -2.57
CA ALA A 100 -6.52 -4.83 -1.25
C ALA A 100 -6.87 -6.26 -0.85
N PHE A 101 -6.33 -6.70 0.28
CA PHE A 101 -6.58 -8.04 0.78
C PHE A 101 -7.14 -8.01 2.19
N ASN A 102 -7.74 -9.12 2.62
CA ASN A 102 -8.31 -9.22 3.96
C ASN A 102 -8.46 -10.68 4.38
N ASN A 103 -9.05 -10.89 5.55
CA ASN A 103 -9.26 -12.24 6.07
C ASN A 103 -9.94 -13.13 5.03
N VAL A 104 -10.83 -12.53 4.25
CA VAL A 104 -11.56 -13.26 3.22
C VAL A 104 -10.61 -13.75 2.13
N GLY A 105 -9.76 -12.86 1.64
CA GLY A 105 -8.82 -13.22 0.60
C GLY A 105 -8.05 -12.03 0.06
N GLU A 106 -8.02 -11.88 -1.26
CA GLU A 106 -7.32 -10.77 -1.89
C GLU A 106 -8.19 -10.12 -2.96
N GLY A 107 -7.87 -8.86 -3.27
CA GLY A 107 -8.63 -8.15 -4.28
C GLY A 107 -7.89 -8.02 -5.60
N ILE A 108 -8.39 -7.16 -6.47
CA ILE A 108 -7.76 -6.95 -7.77
C ILE A 108 -6.64 -5.93 -7.70
N PRO A 109 -5.44 -6.34 -8.13
CA PRO A 109 -4.25 -5.47 -8.11
C PRO A 109 -4.34 -4.34 -9.13
N LEU A 110 -3.45 -3.38 -9.02
CA LEU A 110 -3.43 -2.23 -9.94
C LEU A 110 -2.12 -2.18 -10.71
N TYR A 111 -2.02 -1.23 -11.63
CA TYR A 111 -0.83 -1.06 -12.45
C TYR A 111 -0.43 0.41 -12.56
N GLU A 112 0.81 0.70 -12.19
CA GLU A 112 1.31 2.07 -12.25
C GLU A 112 2.70 2.12 -12.89
N SER A 113 3.21 3.32 -13.10
CA SER A 113 4.53 3.51 -13.70
C SER A 113 5.30 4.61 -12.98
N ALA A 114 6.57 4.35 -12.71
CA ALA A 114 7.42 5.32 -12.04
C ALA A 114 8.86 5.25 -12.54
N VAL A 115 9.32 6.31 -13.18
CA VAL A 115 10.66 6.37 -13.72
C VAL A 115 11.59 7.19 -12.82
N THR A 116 12.40 6.50 -12.04
CA THR A 116 13.33 7.16 -11.13
C THR A 116 14.10 8.27 -11.84
N ARG A 117 14.41 9.33 -11.11
CA ARG A 117 15.14 10.46 -11.67
C ARG A 117 16.62 10.11 -11.85
N PRO A 118 17.30 10.84 -12.74
CA PRO A 118 18.72 10.62 -13.02
C PRO A 118 19.61 11.04 -11.86
N HIS A 119 20.36 10.08 -11.32
CA HIS A 119 21.25 10.35 -10.20
C HIS A 119 22.68 10.61 -10.69
N THR A 120 22.79 11.29 -11.82
CA THR A 120 24.10 11.60 -12.40
C THR A 120 24.59 12.98 -11.95
N SER A 121 25.19 13.03 -10.76
CA SER A 121 25.70 14.28 -10.22
C SER A 121 26.79 14.01 -9.18
N GLY A 122 27.68 14.98 -9.00
CA GLY A 122 28.75 14.83 -8.03
C GLY A 122 28.38 15.35 -6.66
N PRO A 123 29.38 15.89 -5.94
CA PRO A 123 29.17 16.43 -4.59
C PRO A 123 28.36 17.72 -4.60
N SER A 124 28.05 18.20 -5.79
CA SER A 124 27.28 19.43 -5.95
C SER A 124 25.93 19.31 -5.25
N SER A 125 25.21 18.24 -5.54
CA SER A 125 23.89 18.01 -4.95
C SER A 125 23.99 17.90 -3.43
N GLY A 126 24.76 16.91 -2.96
CA GLY A 126 24.92 16.72 -1.54
C GLY A 126 24.30 15.42 -1.05
N GLY A 1 19.81 -16.58 -15.27
CA GLY A 1 18.67 -16.16 -14.48
C GLY A 1 18.52 -16.97 -13.21
N SER A 2 17.49 -16.66 -12.43
CA SER A 2 17.23 -17.37 -11.18
C SER A 2 15.86 -17.00 -10.62
N SER A 3 15.28 -17.92 -9.85
CA SER A 3 13.96 -17.70 -9.26
C SER A 3 14.00 -17.97 -7.76
N GLY A 4 12.91 -17.62 -7.08
CA GLY A 4 12.83 -17.84 -5.64
C GLY A 4 11.44 -17.62 -5.10
N SER A 5 11.25 -17.91 -3.81
CA SER A 5 9.95 -17.75 -3.17
C SER A 5 10.08 -16.92 -1.91
N SER A 6 8.98 -16.26 -1.53
CA SER A 6 8.95 -15.42 -0.34
C SER A 6 7.59 -15.50 0.36
N GLY A 7 7.60 -16.04 1.57
CA GLY A 7 6.36 -16.17 2.33
C GLY A 7 6.06 -14.93 3.16
N PRO A 8 4.81 -14.85 3.65
CA PRO A 8 4.37 -13.71 4.46
C PRO A 8 5.03 -13.70 5.84
N ALA A 9 5.27 -14.88 6.39
CA ALA A 9 5.89 -15.00 7.71
C ALA A 9 5.37 -13.93 8.66
N THR A 10 4.11 -13.58 8.51
CA THR A 10 3.49 -12.56 9.36
C THR A 10 2.71 -13.21 10.50
N ASP A 11 3.01 -12.78 11.73
CA ASP A 11 2.33 -13.32 12.90
C ASP A 11 1.85 -12.20 13.81
N TRP A 12 0.56 -11.89 13.72
CA TRP A 12 -0.03 -10.82 14.53
C TRP A 12 -1.16 -11.37 15.40
N LEU A 13 -1.51 -10.62 16.44
CA LEU A 13 -2.58 -11.03 17.35
C LEU A 13 -3.93 -10.49 16.88
N SER A 14 -4.99 -10.93 17.54
CA SER A 14 -6.34 -10.49 17.19
C SER A 14 -6.86 -9.47 18.20
N ALA A 15 -7.73 -8.57 17.72
CA ALA A 15 -8.30 -7.54 18.58
C ALA A 15 -9.83 -7.58 18.55
N GLU A 16 -10.45 -7.21 19.66
CA GLU A 16 -11.90 -7.21 19.75
C GLU A 16 -12.44 -5.79 19.66
N THR A 17 -11.89 -5.00 18.76
CA THR A 17 -12.31 -3.62 18.57
C THR A 17 -12.98 -3.42 17.21
N PHE A 18 -13.68 -4.44 16.76
CA PHE A 18 -14.37 -4.38 15.47
C PHE A 18 -15.65 -5.22 15.49
N GLU A 19 -16.78 -4.54 15.28
CA GLU A 19 -18.07 -5.22 15.28
C GLU A 19 -18.25 -6.06 14.01
N SER A 20 -19.06 -7.10 14.11
CA SER A 20 -19.32 -7.98 12.97
C SER A 20 -20.47 -7.45 12.12
N ASP A 21 -20.47 -6.15 11.88
CA ASP A 21 -21.52 -5.52 11.08
C ASP A 21 -20.98 -5.10 9.72
N LEU A 22 -20.24 -6.00 9.07
CA LEU A 22 -19.66 -5.72 7.76
C LEU A 22 -19.62 -6.99 6.91
N ASP A 23 -19.29 -6.83 5.64
CA ASP A 23 -19.19 -7.95 4.72
C ASP A 23 -17.74 -8.39 4.53
N GLU A 24 -17.23 -9.18 5.47
CA GLU A 24 -15.86 -9.65 5.40
C GLU A 24 -15.75 -10.89 4.51
N THR A 25 -16.79 -11.71 4.54
CA THR A 25 -16.82 -12.93 3.74
C THR A 25 -16.29 -12.68 2.34
N ARG A 26 -16.37 -11.43 1.90
CA ARG A 26 -15.90 -11.05 0.57
C ARG A 26 -14.58 -10.28 0.66
N VAL A 27 -13.71 -10.49 -0.33
CA VAL A 27 -12.42 -9.82 -0.37
C VAL A 27 -12.54 -8.42 -0.94
N PRO A 28 -11.67 -7.50 -0.47
CA PRO A 28 -11.67 -6.11 -0.93
C PRO A 28 -11.18 -5.97 -2.37
N GLU A 29 -12.12 -5.78 -3.28
CA GLU A 29 -11.79 -5.63 -4.70
C GLU A 29 -10.81 -4.48 -4.91
N VAL A 30 -10.44 -4.24 -6.16
CA VAL A 30 -9.51 -3.18 -6.50
C VAL A 30 -9.85 -1.90 -5.74
N PRO A 31 -8.82 -1.27 -5.16
CA PRO A 31 -8.97 -0.03 -4.39
C PRO A 31 -9.32 1.16 -5.27
N SER A 32 -9.74 2.25 -4.66
CA SER A 32 -10.10 3.46 -5.40
C SER A 32 -9.08 3.75 -6.50
N SER A 33 -7.81 3.83 -6.11
CA SER A 33 -6.73 4.10 -7.06
C SER A 33 -5.37 3.96 -6.40
N LEU A 34 -4.31 4.17 -7.17
CA LEU A 34 -2.95 4.07 -6.66
C LEU A 34 -2.04 5.07 -7.36
N HIS A 35 -1.44 5.97 -6.57
CA HIS A 35 -0.54 6.98 -7.11
C HIS A 35 0.90 6.72 -6.67
N VAL A 36 1.85 7.07 -7.52
CA VAL A 36 3.26 6.87 -7.22
C VAL A 36 4.09 8.08 -7.64
N ARG A 37 5.29 8.19 -7.09
CA ARG A 37 6.18 9.30 -7.40
C ARG A 37 7.62 8.82 -7.52
N PRO A 38 8.15 8.81 -8.76
CA PRO A 38 9.52 8.38 -9.04
C PRO A 38 10.56 9.36 -8.49
N LEU A 39 11.41 8.87 -7.60
CA LEU A 39 12.45 9.70 -7.00
C LEU A 39 13.84 9.20 -7.39
N VAL A 40 14.81 10.11 -7.38
CA VAL A 40 16.19 9.75 -7.73
C VAL A 40 16.51 8.32 -7.32
N THR A 41 16.70 8.11 -6.02
CA THR A 41 17.02 6.79 -5.51
C THR A 41 15.88 6.25 -4.64
N SER A 42 14.69 6.77 -4.87
CA SER A 42 13.51 6.34 -4.10
C SER A 42 12.25 6.44 -4.95
N ILE A 43 11.11 6.09 -4.35
CA ILE A 43 9.83 6.14 -5.05
C ILE A 43 8.67 6.18 -4.06
N VAL A 44 8.02 7.33 -3.95
CA VAL A 44 6.89 7.50 -3.05
C VAL A 44 5.64 6.81 -3.60
N VAL A 45 5.13 5.84 -2.87
CA VAL A 45 3.94 5.10 -3.28
C VAL A 45 2.74 5.47 -2.41
N SER A 46 1.86 6.31 -2.95
CA SER A 46 0.68 6.75 -2.21
C SER A 46 -0.59 6.12 -2.82
N TRP A 47 -1.39 5.50 -1.96
CA TRP A 47 -2.63 4.86 -2.41
C TRP A 47 -3.80 5.32 -1.56
N THR A 48 -4.99 4.79 -1.86
CA THR A 48 -6.20 5.15 -1.13
C THR A 48 -7.07 3.92 -0.88
N PRO A 49 -7.87 3.98 0.20
CA PRO A 49 -8.77 2.88 0.57
C PRO A 49 -9.93 2.73 -0.40
N PRO A 50 -10.51 1.52 -0.45
CA PRO A 50 -11.64 1.22 -1.33
C PRO A 50 -12.92 1.94 -0.91
N GLU A 51 -13.53 2.66 -1.84
CA GLU A 51 -14.76 3.39 -1.56
C GLU A 51 -15.77 2.51 -0.83
N ASN A 52 -15.65 1.20 -1.03
CA ASN A 52 -16.55 0.25 -0.39
C ASN A 52 -16.05 -0.12 1.00
N GLN A 53 -16.55 0.58 2.02
CA GLN A 53 -16.15 0.33 3.39
C GLN A 53 -16.86 -0.91 3.94
N ASN A 54 -17.94 -1.31 3.28
CA ASN A 54 -18.71 -2.47 3.69
C ASN A 54 -17.82 -3.71 3.82
N ILE A 55 -16.76 -3.75 3.01
CA ILE A 55 -15.83 -4.86 3.02
C ILE A 55 -14.71 -4.63 4.03
N VAL A 56 -14.35 -5.68 4.76
CA VAL A 56 -13.29 -5.59 5.76
C VAL A 56 -11.92 -5.72 5.11
N VAL A 57 -11.01 -4.83 5.50
CA VAL A 57 -9.65 -4.84 4.95
C VAL A 57 -8.62 -5.05 6.06
N ARG A 58 -7.71 -5.99 5.85
CA ARG A 58 -6.67 -6.28 6.83
C ARG A 58 -5.35 -5.64 6.43
N GLY A 59 -5.15 -5.47 5.13
CA GLY A 59 -3.93 -4.86 4.64
C GLY A 59 -3.83 -4.89 3.12
N TYR A 60 -2.76 -4.31 2.59
CA TYR A 60 -2.55 -4.28 1.14
C TYR A 60 -1.20 -4.88 0.77
N ALA A 61 -1.03 -5.20 -0.50
CA ALA A 61 0.21 -5.78 -0.98
C ALA A 61 0.84 -4.92 -2.07
N ILE A 62 2.02 -4.39 -1.80
CA ILE A 62 2.72 -3.54 -2.76
C ILE A 62 3.79 -4.34 -3.49
N GLY A 63 3.97 -4.02 -4.78
CA GLY A 63 4.96 -4.70 -5.58
C GLY A 63 5.74 -3.75 -6.47
N TYR A 64 7.02 -4.06 -6.69
CA TYR A 64 7.87 -3.23 -7.52
C TYR A 64 8.92 -4.07 -8.24
N GLY A 65 9.45 -3.53 -9.34
CA GLY A 65 10.46 -4.25 -10.10
C GLY A 65 10.50 -3.83 -11.56
N ILE A 66 11.69 -3.86 -12.15
CA ILE A 66 11.85 -3.48 -13.54
C ILE A 66 11.21 -4.50 -14.47
N GLY A 67 10.11 -4.11 -15.11
CA GLY A 67 9.43 -5.01 -16.03
C GLY A 67 8.23 -5.68 -15.39
N SER A 68 8.43 -6.21 -14.18
CA SER A 68 7.34 -6.89 -13.47
C SER A 68 7.50 -6.71 -11.96
N PRO A 69 6.38 -6.51 -11.27
CA PRO A 69 6.36 -6.32 -9.82
C PRO A 69 6.70 -7.60 -9.07
N HIS A 70 6.49 -8.74 -9.72
CA HIS A 70 6.77 -10.04 -9.11
C HIS A 70 8.13 -10.01 -8.41
N ALA A 71 9.01 -9.13 -8.85
CA ALA A 71 10.34 -9.02 -8.26
C ALA A 71 10.28 -9.10 -6.74
N GLN A 72 9.74 -8.07 -6.11
CA GLN A 72 9.62 -8.04 -4.67
C GLN A 72 8.22 -7.56 -4.24
N THR A 73 7.76 -8.07 -3.10
CA THR A 73 6.45 -7.70 -2.59
C THR A 73 6.53 -7.24 -1.14
N ILE A 74 6.03 -6.05 -0.86
CA ILE A 74 6.04 -5.50 0.49
C ILE A 74 4.63 -5.40 1.06
N LYS A 75 4.34 -6.24 2.05
CA LYS A 75 3.03 -6.25 2.69
C LYS A 75 3.04 -5.45 3.98
N VAL A 76 2.16 -4.46 4.07
CA VAL A 76 2.08 -3.63 5.27
C VAL A 76 0.67 -3.65 5.86
N ASP A 77 0.46 -2.87 6.91
CA ASP A 77 -0.84 -2.81 7.57
C ASP A 77 -1.85 -2.08 6.69
N TYR A 78 -3.07 -1.92 7.22
CA TYR A 78 -4.13 -1.25 6.47
C TYR A 78 -4.19 0.23 6.83
N LYS A 79 -3.34 0.64 7.78
CA LYS A 79 -3.30 2.03 8.21
C LYS A 79 -2.11 2.75 7.58
N GLN A 80 -1.75 2.35 6.37
CA GLN A 80 -0.64 2.96 5.65
C GLN A 80 -1.12 3.73 4.43
N ARG A 81 -1.04 5.05 4.49
CA ARG A 81 -1.48 5.90 3.38
C ARG A 81 -0.53 5.77 2.20
N TYR A 82 0.77 5.75 2.49
CA TYR A 82 1.78 5.64 1.44
C TYR A 82 3.04 4.95 1.98
N TYR A 83 3.90 4.54 1.07
CA TYR A 83 5.14 3.86 1.45
C TYR A 83 6.32 4.40 0.63
N THR A 84 7.44 4.61 1.32
CA THR A 84 8.65 5.12 0.67
C THR A 84 9.63 4.00 0.37
N ILE A 85 9.86 3.73 -0.90
CA ILE A 85 10.78 2.68 -1.31
C ILE A 85 12.17 3.25 -1.60
N GLU A 86 13.15 2.86 -0.79
CA GLU A 86 14.52 3.33 -0.96
C GLU A 86 15.43 2.19 -1.40
N ASN A 87 16.65 2.54 -1.81
CA ASN A 87 17.62 1.55 -2.25
C ASN A 87 17.27 1.01 -3.63
N LEU A 88 16.98 1.92 -4.55
CA LEU A 88 16.64 1.55 -5.92
C LEU A 88 17.64 2.12 -6.92
N ASP A 89 17.58 1.62 -8.15
CA ASP A 89 18.48 2.09 -9.20
C ASP A 89 17.88 3.28 -9.94
N PRO A 90 18.59 4.41 -9.94
CA PRO A 90 18.16 5.63 -10.61
C PRO A 90 18.18 5.51 -12.13
N SER A 91 17.29 6.24 -12.79
CA SER A 91 17.22 6.20 -14.25
C SER A 91 16.73 4.84 -14.74
N SER A 92 15.65 4.35 -14.14
CA SER A 92 15.08 3.07 -14.50
C SER A 92 13.59 3.02 -14.22
N HIS A 93 12.83 2.42 -15.13
CA HIS A 93 11.38 2.32 -14.97
C HIS A 93 11.02 1.18 -14.02
N TYR A 94 10.11 1.46 -13.10
CA TYR A 94 9.68 0.46 -12.13
C TYR A 94 8.15 0.37 -12.08
N VAL A 95 7.63 -0.84 -12.17
CA VAL A 95 6.19 -1.07 -12.13
C VAL A 95 5.70 -1.24 -10.70
N ILE A 96 4.89 -0.31 -10.25
CA ILE A 96 4.34 -0.36 -8.89
C ILE A 96 2.90 -0.86 -8.89
N THR A 97 2.63 -1.85 -8.04
CA THR A 97 1.29 -2.42 -7.94
C THR A 97 0.81 -2.45 -6.50
N LEU A 98 -0.51 -2.45 -6.32
CA LEU A 98 -1.10 -2.48 -4.99
C LEU A 98 -2.46 -3.18 -5.01
N LYS A 99 -2.73 -3.95 -3.96
CA LYS A 99 -3.99 -4.67 -3.85
C LYS A 99 -4.40 -4.84 -2.39
N ALA A 100 -5.71 -4.85 -2.14
CA ALA A 100 -6.23 -5.01 -0.79
C ALA A 100 -6.60 -6.46 -0.51
N PHE A 101 -6.26 -6.93 0.69
CA PHE A 101 -6.55 -8.30 1.08
C PHE A 101 -7.20 -8.35 2.47
N ASN A 102 -7.76 -9.50 2.80
CA ASN A 102 -8.41 -9.67 4.10
C ASN A 102 -8.33 -11.13 4.56
N ASN A 103 -8.91 -11.41 5.72
CA ASN A 103 -8.92 -12.76 6.27
C ASN A 103 -9.50 -13.75 5.27
N VAL A 104 -10.16 -13.23 4.25
CA VAL A 104 -10.77 -14.08 3.23
C VAL A 104 -9.80 -14.32 2.08
N GLY A 105 -9.21 -13.25 1.56
CA GLY A 105 -8.28 -13.38 0.47
C GLY A 105 -7.87 -12.03 -0.10
N GLU A 106 -7.35 -12.04 -1.32
CA GLU A 106 -6.91 -10.81 -1.97
C GLU A 106 -7.82 -10.46 -3.15
N GLY A 107 -7.55 -9.32 -3.78
CA GLY A 107 -8.35 -8.89 -4.91
C GLY A 107 -7.52 -8.68 -6.17
N ILE A 108 -7.91 -7.69 -6.96
CA ILE A 108 -7.19 -7.38 -8.20
C ILE A 108 -6.34 -6.12 -8.05
N PRO A 109 -5.01 -6.31 -8.09
CA PRO A 109 -4.06 -5.19 -7.96
C PRO A 109 -4.08 -4.27 -9.18
N LEU A 110 -3.46 -3.11 -9.04
CA LEU A 110 -3.39 -2.14 -10.12
C LEU A 110 -1.99 -2.06 -10.71
N TYR A 111 -1.86 -1.42 -11.86
CA TYR A 111 -0.57 -1.26 -12.52
C TYR A 111 -0.20 0.21 -12.66
N GLU A 112 1.04 0.53 -12.30
CA GLU A 112 1.52 1.90 -12.39
C GLU A 112 2.90 1.96 -13.05
N SER A 113 3.36 3.18 -13.31
CA SER A 113 4.66 3.37 -13.96
C SER A 113 5.40 4.55 -13.35
N ALA A 114 6.69 4.36 -13.09
CA ALA A 114 7.52 5.41 -12.50
C ALA A 114 8.95 5.33 -13.01
N VAL A 115 9.45 6.44 -13.54
CA VAL A 115 10.80 6.50 -14.06
C VAL A 115 11.71 7.37 -13.18
N THR A 116 12.52 6.71 -12.35
CA THR A 116 13.42 7.41 -11.45
C THR A 116 14.26 8.44 -12.20
N ARG A 117 14.61 9.53 -11.52
CA ARG A 117 15.41 10.58 -12.13
C ARG A 117 16.87 10.19 -12.19
N PRO A 118 17.61 10.75 -13.17
CA PRO A 118 19.03 10.48 -13.36
C PRO A 118 19.89 11.06 -12.23
N HIS A 119 20.22 10.23 -11.25
CA HIS A 119 21.04 10.65 -10.12
C HIS A 119 22.08 11.67 -10.57
N THR A 120 21.87 12.93 -10.18
CA THR A 120 22.79 14.01 -10.54
C THR A 120 23.39 14.66 -9.30
N SER A 121 24.50 15.36 -9.48
CA SER A 121 25.17 16.04 -8.37
C SER A 121 25.18 17.55 -8.58
N GLY A 122 24.73 18.28 -7.58
CA GLY A 122 24.69 19.73 -7.67
C GLY A 122 23.68 20.36 -6.73
N PRO A 123 24.00 20.36 -5.43
CA PRO A 123 23.12 20.92 -4.40
C PRO A 123 23.02 22.44 -4.49
N SER A 124 21.82 22.97 -4.29
CA SER A 124 21.59 24.40 -4.36
C SER A 124 21.56 25.02 -2.95
N SER A 125 22.70 25.56 -2.54
CA SER A 125 22.81 26.18 -1.21
C SER A 125 21.60 27.06 -0.93
N GLY A 126 21.28 27.94 -1.87
CA GLY A 126 20.15 28.83 -1.70
C GLY A 126 19.42 29.13 -3.00
N GLY A 1 -43.81 -5.42 43.68
CA GLY A 1 -43.05 -6.58 44.11
C GLY A 1 -41.67 -6.62 43.48
N SER A 2 -41.36 -7.70 42.78
CA SER A 2 -40.06 -7.87 42.14
C SER A 2 -40.16 -8.79 40.93
N SER A 3 -39.28 -8.58 39.97
CA SER A 3 -39.27 -9.39 38.75
C SER A 3 -37.84 -9.58 38.23
N GLY A 4 -37.69 -10.42 37.21
CA GLY A 4 -36.39 -10.66 36.63
C GLY A 4 -36.34 -11.93 35.82
N SER A 5 -36.39 -11.79 34.49
CA SER A 5 -36.37 -12.93 33.60
C SER A 5 -34.99 -13.08 32.95
N SER A 6 -34.47 -11.98 32.43
CA SER A 6 -33.15 -12.00 31.79
C SER A 6 -32.11 -12.64 32.69
N GLY A 7 -31.21 -13.41 32.09
CA GLY A 7 -30.16 -14.07 32.85
C GLY A 7 -29.48 -15.17 32.08
N PRO A 8 -28.79 -14.79 30.99
CA PRO A 8 -28.07 -15.74 30.13
C PRO A 8 -26.85 -16.33 30.83
N ALA A 9 -26.40 -17.49 30.33
CA ALA A 9 -25.24 -18.16 30.90
C ALA A 9 -23.95 -17.65 30.27
N THR A 10 -23.88 -16.34 30.06
CA THR A 10 -22.69 -15.73 29.46
C THR A 10 -22.28 -14.47 30.22
N ASP A 11 -20.99 -14.19 30.23
CA ASP A 11 -20.45 -13.02 30.92
C ASP A 11 -21.22 -11.77 30.51
N TRP A 12 -20.90 -10.66 31.17
CA TRP A 12 -21.56 -9.38 30.88
C TRP A 12 -20.89 -8.69 29.70
N LEU A 13 -21.64 -8.55 28.61
CA LEU A 13 -21.13 -7.91 27.41
C LEU A 13 -21.57 -6.44 27.35
N SER A 14 -20.60 -5.53 27.33
CA SER A 14 -20.90 -4.11 27.26
C SER A 14 -20.67 -3.56 25.86
N ALA A 15 -21.56 -3.92 24.94
CA ALA A 15 -21.45 -3.47 23.56
C ALA A 15 -20.00 -3.37 23.11
N GLU A 16 -19.23 -4.41 23.41
CA GLU A 16 -17.82 -4.44 23.05
C GLU A 16 -17.59 -5.32 21.82
N THR A 17 -17.80 -4.75 20.65
CA THR A 17 -17.62 -5.47 19.40
C THR A 17 -16.69 -4.72 18.45
N PHE A 18 -15.92 -5.48 17.67
CA PHE A 18 -14.99 -4.88 16.71
C PHE A 18 -15.56 -4.91 15.30
N GLU A 19 -16.06 -6.06 14.89
CA GLU A 19 -16.63 -6.22 13.56
C GLU A 19 -17.91 -7.05 13.61
N SER A 20 -19.01 -6.46 13.14
CA SER A 20 -20.30 -7.14 13.15
C SER A 20 -21.00 -6.99 11.78
N ASP A 21 -21.17 -5.74 11.35
CA ASP A 21 -21.81 -5.46 10.08
C ASP A 21 -20.80 -5.54 8.93
N LEU A 22 -19.57 -5.12 9.21
CA LEU A 22 -18.52 -5.13 8.20
C LEU A 22 -18.50 -6.46 7.46
N ASP A 23 -18.35 -6.40 6.14
CA ASP A 23 -18.32 -7.60 5.31
C ASP A 23 -16.88 -8.06 5.08
N GLU A 24 -16.49 -9.11 5.80
CA GLU A 24 -15.13 -9.65 5.68
C GLU A 24 -15.14 -10.96 4.90
N THR A 25 -16.19 -11.74 5.07
CA THR A 25 -16.32 -13.02 4.38
C THR A 25 -15.79 -12.93 2.96
N ARG A 26 -15.84 -11.73 2.38
CA ARG A 26 -15.37 -11.51 1.02
C ARG A 26 -14.07 -10.73 1.02
N VAL A 27 -13.32 -10.82 -0.08
CA VAL A 27 -12.05 -10.13 -0.22
C VAL A 27 -12.24 -8.75 -0.86
N PRO A 28 -11.41 -7.79 -0.43
CA PRO A 28 -11.47 -6.42 -0.95
C PRO A 28 -10.99 -6.33 -2.40
N GLU A 29 -11.84 -5.79 -3.26
CA GLU A 29 -11.51 -5.66 -4.68
C GLU A 29 -10.55 -4.48 -4.89
N VAL A 30 -10.22 -4.23 -6.15
CA VAL A 30 -9.31 -3.15 -6.49
C VAL A 30 -9.72 -1.85 -5.81
N PRO A 31 -8.74 -1.19 -5.17
CA PRO A 31 -8.97 0.08 -4.46
C PRO A 31 -9.27 1.23 -5.41
N SER A 32 -9.67 2.37 -4.85
CA SER A 32 -9.98 3.54 -5.66
C SER A 32 -8.92 3.78 -6.72
N SER A 33 -7.67 3.84 -6.29
CA SER A 33 -6.56 4.06 -7.21
C SER A 33 -5.21 3.94 -6.48
N LEU A 34 -4.14 4.21 -7.20
CA LEU A 34 -2.80 4.14 -6.63
C LEU A 34 -1.86 5.13 -7.30
N HIS A 35 -1.40 6.11 -6.53
CA HIS A 35 -0.49 7.13 -7.04
C HIS A 35 0.95 6.80 -6.69
N VAL A 36 1.87 7.10 -7.61
CA VAL A 36 3.29 6.84 -7.40
C VAL A 36 4.14 8.02 -7.84
N ARG A 37 5.23 8.26 -7.13
CA ARG A 37 6.14 9.35 -7.45
C ARG A 37 7.58 8.87 -7.51
N PRO A 38 8.16 8.89 -8.73
CA PRO A 38 9.54 8.45 -8.96
C PRO A 38 10.54 9.41 -8.36
N LEU A 39 11.40 8.91 -7.48
CA LEU A 39 12.43 9.72 -6.83
C LEU A 39 13.82 9.24 -7.21
N VAL A 40 14.79 10.15 -7.15
CA VAL A 40 16.17 9.82 -7.49
C VAL A 40 16.48 8.37 -7.16
N THR A 41 16.62 8.08 -5.87
CA THR A 41 16.93 6.72 -5.42
C THR A 41 15.79 6.16 -4.57
N SER A 42 14.58 6.68 -4.79
CA SER A 42 13.41 6.22 -4.05
C SER A 42 12.15 6.37 -4.89
N ILE A 43 11.01 6.02 -4.30
CA ILE A 43 9.73 6.12 -4.99
C ILE A 43 8.57 6.16 -4.00
N VAL A 44 7.95 7.33 -3.90
CA VAL A 44 6.81 7.51 -2.99
C VAL A 44 5.56 6.84 -3.53
N VAL A 45 5.16 5.74 -2.90
CA VAL A 45 3.97 5.01 -3.32
C VAL A 45 2.78 5.34 -2.43
N SER A 46 1.90 6.21 -2.93
CA SER A 46 0.71 6.62 -2.19
C SER A 46 -0.55 6.02 -2.80
N TRP A 47 -1.39 5.44 -1.96
CA TRP A 47 -2.63 4.84 -2.42
C TRP A 47 -3.79 5.19 -1.49
N THR A 48 -4.99 4.73 -1.84
CA THR A 48 -6.18 5.00 -1.04
C THR A 48 -7.07 3.76 -0.95
N PRO A 49 -7.92 3.73 0.09
CA PRO A 49 -8.84 2.61 0.30
C PRO A 49 -9.96 2.56 -0.74
N PRO A 50 -10.57 1.38 -0.91
CA PRO A 50 -11.65 1.18 -1.87
C PRO A 50 -12.94 1.89 -1.44
N GLU A 51 -13.56 2.58 -2.39
CA GLU A 51 -14.80 3.30 -2.11
C GLU A 51 -15.69 2.51 -1.15
N ASN A 52 -15.59 1.18 -1.22
CA ASN A 52 -16.38 0.32 -0.36
C ASN A 52 -15.61 -0.03 0.91
N GLN A 53 -15.72 0.83 1.93
CA GLN A 53 -15.04 0.60 3.19
C GLN A 53 -15.75 -0.46 4.02
N ASN A 54 -17.02 -0.70 3.69
CA ASN A 54 -17.81 -1.69 4.42
C ASN A 54 -17.08 -3.03 4.49
N ILE A 55 -16.07 -3.20 3.64
CA ILE A 55 -15.29 -4.42 3.62
C ILE A 55 -14.07 -4.32 4.52
N VAL A 56 -13.71 -5.43 5.16
CA VAL A 56 -12.56 -5.46 6.07
C VAL A 56 -11.27 -5.65 5.29
N VAL A 57 -10.22 -4.93 5.70
CA VAL A 57 -8.93 -5.03 5.05
C VAL A 57 -7.81 -5.16 6.07
N ARG A 58 -7.08 -6.28 6.00
CA ARG A 58 -5.98 -6.54 6.93
C ARG A 58 -4.72 -5.83 6.47
N GLY A 59 -4.75 -5.31 5.24
CA GLY A 59 -3.59 -4.62 4.69
C GLY A 59 -3.52 -4.71 3.18
N TYR A 60 -2.51 -4.07 2.61
CA TYR A 60 -2.34 -4.08 1.16
C TYR A 60 -0.93 -4.57 0.78
N ALA A 61 -0.80 -5.06 -0.44
CA ALA A 61 0.48 -5.56 -0.93
C ALA A 61 1.03 -4.67 -2.05
N ILE A 62 2.28 -4.26 -1.92
CA ILE A 62 2.92 -3.41 -2.91
C ILE A 62 4.01 -4.16 -3.65
N GLY A 63 3.79 -4.39 -4.95
CA GLY A 63 4.77 -5.10 -5.76
C GLY A 63 5.53 -4.18 -6.70
N TYR A 64 6.85 -4.18 -6.60
CA TYR A 64 7.68 -3.34 -7.45
C TYR A 64 8.81 -4.15 -8.08
N GLY A 65 9.29 -3.68 -9.22
CA GLY A 65 10.38 -4.37 -9.90
C GLY A 65 10.55 -3.91 -11.33
N ILE A 66 11.79 -3.89 -11.81
CA ILE A 66 12.09 -3.46 -13.18
C ILE A 66 11.58 -4.48 -14.18
N GLY A 67 10.42 -4.19 -14.78
CA GLY A 67 9.85 -5.09 -15.76
C GLY A 67 8.67 -5.87 -15.22
N SER A 68 8.82 -6.40 -14.00
CA SER A 68 7.77 -7.18 -13.37
C SER A 68 7.57 -6.76 -11.92
N PRO A 69 6.32 -6.51 -11.53
CA PRO A 69 5.97 -6.09 -10.17
C PRO A 69 6.16 -7.22 -9.16
N HIS A 70 6.21 -8.46 -9.66
CA HIS A 70 6.39 -9.62 -8.80
C HIS A 70 7.80 -9.67 -8.24
N ALA A 71 8.73 -9.00 -8.90
CA ALA A 71 10.11 -8.96 -8.46
C ALA A 71 10.21 -8.86 -6.95
N GLN A 72 9.46 -7.94 -6.38
CA GLN A 72 9.46 -7.73 -4.93
C GLN A 72 8.06 -7.45 -4.41
N THR A 73 7.83 -7.71 -3.13
CA THR A 73 6.53 -7.48 -2.52
C THR A 73 6.68 -6.95 -1.09
N ILE A 74 5.78 -6.04 -0.71
CA ILE A 74 5.81 -5.46 0.62
C ILE A 74 4.41 -5.33 1.20
N LYS A 75 4.11 -6.16 2.19
CA LYS A 75 2.80 -6.13 2.84
C LYS A 75 2.83 -5.31 4.12
N VAL A 76 2.01 -4.26 4.16
CA VAL A 76 1.95 -3.39 5.32
C VAL A 76 0.51 -3.25 5.84
N ASP A 77 0.38 -2.89 7.10
CA ASP A 77 -0.94 -2.72 7.71
C ASP A 77 -1.84 -1.86 6.82
N TYR A 78 -3.09 -1.67 7.26
CA TYR A 78 -4.04 -0.88 6.51
C TYR A 78 -3.82 0.62 6.74
N LYS A 79 -3.71 1.00 8.01
CA LYS A 79 -3.49 2.39 8.37
C LYS A 79 -2.51 3.05 7.41
N GLN A 80 -1.58 2.26 6.88
CA GLN A 80 -0.59 2.78 5.95
C GLN A 80 -1.26 3.35 4.69
N ARG A 81 -0.97 4.60 4.40
CA ARG A 81 -1.54 5.27 3.23
C ARG A 81 -0.53 5.32 2.08
N TYR A 82 0.75 5.32 2.43
CA TYR A 82 1.82 5.37 1.43
C TYR A 82 3.07 4.69 1.95
N TYR A 83 4.00 4.40 1.03
CA TYR A 83 5.25 3.75 1.39
C TYR A 83 6.42 4.33 0.59
N THR A 84 7.54 4.54 1.27
CA THR A 84 8.73 5.09 0.63
C THR A 84 9.71 3.99 0.25
N ILE A 85 9.66 3.58 -1.01
CA ILE A 85 10.54 2.53 -1.50
C ILE A 85 11.97 3.04 -1.68
N GLU A 86 12.91 2.46 -0.93
CA GLU A 86 14.30 2.87 -1.02
C GLU A 86 15.16 1.74 -1.59
N ASN A 87 16.45 2.03 -1.76
CA ASN A 87 17.38 1.05 -2.31
C ASN A 87 17.02 0.69 -3.75
N LEU A 88 16.87 1.71 -4.59
CA LEU A 88 16.52 1.50 -5.99
C LEU A 88 17.57 2.13 -6.91
N ASP A 89 17.48 1.82 -8.19
CA ASP A 89 18.42 2.36 -9.18
C ASP A 89 17.82 3.55 -9.90
N PRO A 90 18.55 4.68 -9.91
CA PRO A 90 18.10 5.91 -10.56
C PRO A 90 18.10 5.79 -12.08
N SER A 91 17.17 6.49 -12.73
CA SER A 91 17.06 6.46 -14.18
C SER A 91 16.62 5.08 -14.66
N SER A 92 15.61 4.52 -13.99
CA SER A 92 15.09 3.21 -14.34
C SER A 92 13.58 3.15 -14.15
N HIS A 93 12.90 2.45 -15.06
CA HIS A 93 11.45 2.31 -14.99
C HIS A 93 11.06 1.18 -14.04
N TYR A 94 10.09 1.45 -13.17
CA TYR A 94 9.63 0.46 -12.20
C TYR A 94 8.11 0.29 -12.29
N VAL A 95 7.65 -0.94 -12.11
CA VAL A 95 6.22 -1.24 -12.15
C VAL A 95 5.66 -1.53 -10.76
N ILE A 96 4.94 -0.56 -10.22
CA ILE A 96 4.35 -0.70 -8.90
C ILE A 96 2.93 -1.24 -8.98
N THR A 97 2.58 -2.15 -8.07
CA THR A 97 1.26 -2.75 -8.05
C THR A 97 0.71 -2.81 -6.62
N LEU A 98 -0.54 -2.40 -6.45
CA LEU A 98 -1.18 -2.42 -5.14
C LEU A 98 -2.49 -3.19 -5.18
N LYS A 99 -2.76 -3.95 -4.12
CA LYS A 99 -3.98 -4.74 -4.04
C LYS A 99 -4.40 -4.94 -2.58
N ALA A 100 -5.70 -4.86 -2.34
CA ALA A 100 -6.24 -5.02 -0.98
C ALA A 100 -6.45 -6.50 -0.66
N PHE A 101 -5.99 -6.90 0.53
CA PHE A 101 -6.12 -8.29 0.96
C PHE A 101 -6.55 -8.36 2.42
N ASN A 102 -7.43 -9.30 2.73
CA ASN A 102 -7.91 -9.48 4.09
C ASN A 102 -7.72 -10.92 4.56
N ASN A 103 -8.22 -11.22 5.76
CA ASN A 103 -8.10 -12.56 6.32
C ASN A 103 -8.64 -13.61 5.35
N VAL A 104 -9.45 -13.15 4.39
CA VAL A 104 -10.03 -14.05 3.40
C VAL A 104 -9.11 -14.21 2.19
N GLY A 105 -8.64 -13.08 1.66
CA GLY A 105 -7.75 -13.12 0.51
C GLY A 105 -7.59 -11.77 -0.14
N GLU A 106 -7.02 -11.76 -1.34
CA GLU A 106 -6.81 -10.52 -2.07
C GLU A 106 -7.70 -10.45 -3.31
N GLY A 107 -7.90 -9.24 -3.82
CA GLY A 107 -8.74 -9.06 -4.99
C GLY A 107 -7.92 -8.86 -6.26
N ILE A 108 -8.20 -7.79 -6.98
CA ILE A 108 -7.48 -7.49 -8.21
C ILE A 108 -6.51 -6.34 -8.03
N PRO A 109 -5.22 -6.60 -8.29
CA PRO A 109 -4.16 -5.59 -8.16
C PRO A 109 -4.26 -4.51 -9.23
N LEU A 110 -3.48 -3.45 -9.07
CA LEU A 110 -3.47 -2.34 -10.01
C LEU A 110 -2.17 -2.31 -10.81
N TYR A 111 -2.05 -1.33 -11.70
CA TYR A 111 -0.86 -1.18 -12.52
C TYR A 111 -0.45 0.28 -12.62
N GLU A 112 0.80 0.56 -12.26
CA GLU A 112 1.32 1.93 -12.31
C GLU A 112 2.74 1.94 -12.86
N SER A 113 3.26 3.15 -13.11
CA SER A 113 4.60 3.30 -13.65
C SER A 113 5.31 4.49 -13.01
N ALA A 114 6.60 4.33 -12.73
CA ALA A 114 7.39 5.40 -12.12
C ALA A 114 8.85 5.32 -12.57
N VAL A 115 9.27 6.31 -13.35
CA VAL A 115 10.64 6.36 -13.85
C VAL A 115 11.54 7.18 -12.92
N THR A 116 12.23 6.49 -12.03
CA THR A 116 13.12 7.15 -11.08
C THR A 116 13.85 8.32 -11.73
N ARG A 117 14.22 9.31 -10.92
CA ARG A 117 14.92 10.49 -11.42
C ARG A 117 16.43 10.22 -11.52
N PRO A 118 17.10 10.95 -12.42
CA PRO A 118 18.55 10.82 -12.63
C PRO A 118 19.36 11.34 -11.45
N HIS A 119 20.38 10.59 -11.06
CA HIS A 119 21.23 10.98 -9.94
C HIS A 119 22.53 11.60 -10.45
N THR A 120 23.02 11.09 -11.57
CA THR A 120 24.27 11.60 -12.16
C THR A 120 23.99 12.71 -13.17
N SER A 121 23.41 12.32 -14.31
CA SER A 121 23.10 13.29 -15.36
C SER A 121 22.24 14.43 -14.82
N GLY A 122 22.33 15.59 -15.46
CA GLY A 122 21.56 16.74 -15.02
C GLY A 122 22.44 17.91 -14.63
N PRO A 123 22.85 18.70 -15.64
CA PRO A 123 23.71 19.87 -15.41
C PRO A 123 22.97 20.99 -14.70
N SER A 124 23.70 22.05 -14.36
CA SER A 124 23.12 23.20 -13.67
C SER A 124 21.89 23.72 -14.41
N SER A 125 20.73 23.56 -13.79
CA SER A 125 19.47 24.00 -14.39
C SER A 125 19.57 25.46 -14.84
N GLY A 126 19.03 25.74 -16.03
CA GLY A 126 19.07 27.10 -16.56
C GLY A 126 17.85 27.43 -17.38
N GLY A 1 -30.02 -52.79 -0.42
CA GLY A 1 -30.08 -52.42 0.99
C GLY A 1 -30.32 -50.94 1.18
N SER A 2 -30.07 -50.46 2.38
CA SER A 2 -30.26 -49.04 2.71
C SER A 2 -29.74 -48.72 4.11
N SER A 3 -29.54 -47.43 4.37
CA SER A 3 -29.05 -46.99 5.67
C SER A 3 -29.39 -45.53 5.91
N GLY A 4 -29.14 -45.06 7.13
CA GLY A 4 -29.43 -43.67 7.47
C GLY A 4 -28.20 -42.92 7.92
N SER A 5 -27.99 -41.75 7.33
CA SER A 5 -26.83 -40.92 7.67
C SER A 5 -27.27 -39.52 8.10
N SER A 6 -27.20 -39.27 9.40
CA SER A 6 -27.60 -37.98 9.95
C SER A 6 -26.53 -37.44 10.90
N GLY A 7 -25.74 -36.48 10.42
CA GLY A 7 -24.69 -35.90 11.23
C GLY A 7 -24.71 -34.39 11.20
N PRO A 8 -24.93 -33.77 12.37
CA PRO A 8 -24.98 -32.31 12.49
C PRO A 8 -23.60 -31.67 12.32
N ALA A 9 -22.60 -32.51 12.07
CA ALA A 9 -21.23 -32.02 11.87
C ALA A 9 -20.95 -31.77 10.39
N THR A 10 -21.26 -30.56 9.93
CA THR A 10 -21.04 -30.19 8.55
C THR A 10 -19.67 -29.57 8.34
N ASP A 11 -18.90 -30.11 7.40
CA ASP A 11 -17.57 -29.60 7.12
C ASP A 11 -17.53 -28.08 7.18
N TRP A 12 -18.50 -27.44 6.52
CA TRP A 12 -18.58 -25.99 6.51
C TRP A 12 -19.91 -25.51 7.09
N LEU A 13 -19.90 -25.23 8.40
CA LEU A 13 -21.11 -24.77 9.08
C LEU A 13 -21.78 -23.64 8.30
N SER A 14 -23.09 -23.52 8.45
CA SER A 14 -23.85 -22.48 7.75
C SER A 14 -23.84 -21.18 8.56
N ALA A 15 -22.68 -20.85 9.13
CA ALA A 15 -22.54 -19.63 9.92
C ALA A 15 -21.91 -18.51 9.10
N GLU A 16 -22.14 -17.28 9.51
CA GLU A 16 -21.59 -16.12 8.81
C GLU A 16 -20.70 -15.30 9.74
N THR A 17 -20.05 -14.27 9.18
CA THR A 17 -19.17 -13.41 9.95
C THR A 17 -19.35 -11.95 9.55
N PHE A 18 -19.71 -11.12 10.53
CA PHE A 18 -19.92 -9.69 10.27
C PHE A 18 -20.00 -8.92 11.58
N GLU A 19 -19.10 -7.94 11.75
CA GLU A 19 -19.08 -7.13 12.96
C GLU A 19 -19.41 -5.67 12.63
N SER A 20 -20.12 -5.03 13.55
CA SER A 20 -20.51 -3.63 13.36
C SER A 20 -21.07 -3.40 11.96
N ASP A 21 -21.71 -4.42 11.40
CA ASP A 21 -22.28 -4.34 10.07
C ASP A 21 -21.19 -4.23 9.01
N LEU A 22 -20.22 -5.16 9.08
CA LEU A 22 -19.12 -5.17 8.13
C LEU A 22 -19.18 -6.41 7.24
N ASP A 23 -18.61 -6.32 6.05
CA ASP A 23 -18.59 -7.43 5.11
C ASP A 23 -17.22 -8.12 5.11
N GLU A 24 -17.20 -9.37 5.54
CA GLU A 24 -15.96 -10.13 5.59
C GLU A 24 -16.13 -11.51 4.94
N THR A 25 -16.90 -11.54 3.85
CA THR A 25 -17.14 -12.78 3.13
C THR A 25 -16.48 -12.76 1.76
N ARG A 26 -16.17 -11.57 1.27
CA ARG A 26 -15.53 -11.42 -0.03
C ARG A 26 -14.24 -10.60 0.09
N VAL A 27 -13.38 -10.72 -0.92
CA VAL A 27 -12.11 -10.01 -0.92
C VAL A 27 -12.30 -8.57 -1.39
N PRO A 28 -11.48 -7.66 -0.84
CA PRO A 28 -11.54 -6.24 -1.18
C PRO A 28 -11.05 -5.97 -2.60
N GLU A 29 -11.99 -5.74 -3.52
CA GLU A 29 -11.65 -5.46 -4.91
C GLU A 29 -10.71 -4.26 -5.01
N VAL A 30 -10.13 -4.08 -6.19
CA VAL A 30 -9.21 -2.97 -6.42
C VAL A 30 -9.62 -1.74 -5.63
N PRO A 31 -8.63 -1.06 -5.03
CA PRO A 31 -8.87 0.15 -4.22
C PRO A 31 -9.29 1.34 -5.08
N SER A 32 -9.73 2.41 -4.43
CA SER A 32 -10.17 3.61 -5.13
C SER A 32 -9.17 4.00 -6.22
N SER A 33 -7.89 4.00 -5.87
CA SER A 33 -6.84 4.36 -6.82
C SER A 33 -5.46 4.15 -6.20
N LEU A 34 -4.42 4.35 -7.02
CA LEU A 34 -3.05 4.17 -6.55
C LEU A 34 -2.11 5.12 -7.30
N HIS A 35 -1.57 6.10 -6.58
CA HIS A 35 -0.65 7.05 -7.18
C HIS A 35 0.79 6.74 -6.80
N VAL A 36 1.72 7.04 -7.70
CA VAL A 36 3.14 6.79 -7.45
C VAL A 36 3.99 7.99 -7.86
N ARG A 37 5.06 8.23 -7.12
CA ARG A 37 5.96 9.35 -7.39
C ARG A 37 7.40 8.88 -7.43
N PRO A 38 7.99 8.88 -8.64
CA PRO A 38 9.38 8.46 -8.84
C PRO A 38 10.37 9.45 -8.26
N LEU A 39 11.29 8.94 -7.43
CA LEU A 39 12.30 9.78 -6.80
C LEU A 39 13.70 9.36 -7.22
N VAL A 40 14.64 10.30 -7.16
CA VAL A 40 16.02 10.02 -7.55
C VAL A 40 16.39 8.58 -7.26
N THR A 41 16.58 8.26 -5.97
CA THR A 41 16.95 6.92 -5.57
C THR A 41 15.87 6.30 -4.68
N SER A 42 14.63 6.77 -4.85
CA SER A 42 13.51 6.27 -4.06
C SER A 42 12.21 6.38 -4.85
N ILE A 43 11.11 6.00 -4.21
CA ILE A 43 9.80 6.06 -4.85
C ILE A 43 8.69 6.12 -3.81
N VAL A 44 7.91 7.20 -3.84
CA VAL A 44 6.81 7.37 -2.90
C VAL A 44 5.52 6.77 -3.44
N VAL A 45 5.13 5.63 -2.90
CA VAL A 45 3.91 4.94 -3.33
C VAL A 45 2.75 5.26 -2.40
N SER A 46 1.86 6.13 -2.84
CA SER A 46 0.70 6.52 -2.05
C SER A 46 -0.58 5.91 -2.61
N TRP A 47 -1.33 5.23 -1.77
CA TRP A 47 -2.58 4.59 -2.18
C TRP A 47 -3.73 5.03 -1.29
N THR A 48 -4.95 4.71 -1.70
CA THR A 48 -6.13 5.07 -0.94
C THR A 48 -7.05 3.86 -0.75
N PRO A 49 -7.83 3.88 0.35
CA PRO A 49 -8.76 2.79 0.68
C PRO A 49 -9.95 2.74 -0.28
N PRO A 50 -10.56 1.55 -0.39
CA PRO A 50 -11.72 1.35 -1.28
C PRO A 50 -12.96 2.06 -0.77
N GLU A 51 -13.55 2.89 -1.63
CA GLU A 51 -14.75 3.63 -1.26
C GLU A 51 -15.68 2.79 -0.40
N ASN A 52 -15.77 1.50 -0.71
CA ASN A 52 -16.62 0.59 0.04
C ASN A 52 -15.95 0.19 1.35
N GLN A 53 -16.15 1.00 2.38
CA GLN A 53 -15.57 0.73 3.69
C GLN A 53 -16.15 -0.55 4.28
N ASN A 54 -17.43 -0.78 4.04
CA ASN A 54 -18.11 -1.97 4.55
C ASN A 54 -17.19 -3.18 4.50
N ILE A 55 -16.42 -3.29 3.42
CA ILE A 55 -15.49 -4.40 3.25
C ILE A 55 -14.35 -4.32 4.25
N VAL A 56 -14.15 -5.42 4.99
CA VAL A 56 -13.08 -5.48 5.97
C VAL A 56 -11.71 -5.52 5.31
N VAL A 57 -10.97 -4.41 5.43
CA VAL A 57 -9.64 -4.31 4.84
C VAL A 57 -8.56 -4.40 5.91
N ARG A 58 -7.87 -5.54 5.97
CA ARG A 58 -6.81 -5.74 6.95
C ARG A 58 -5.53 -5.06 6.50
N GLY A 59 -5.26 -5.12 5.20
CA GLY A 59 -4.05 -4.51 4.67
C GLY A 59 -3.96 -4.63 3.16
N TYR A 60 -2.83 -4.23 2.61
CA TYR A 60 -2.61 -4.30 1.16
C TYR A 60 -1.25 -4.90 0.85
N ALA A 61 -0.99 -5.12 -0.44
CA ALA A 61 0.27 -5.69 -0.88
C ALA A 61 0.86 -4.88 -2.04
N ILE A 62 2.02 -4.29 -1.81
CA ILE A 62 2.69 -3.49 -2.84
C ILE A 62 3.73 -4.32 -3.59
N GLY A 63 3.78 -4.14 -4.90
CA GLY A 63 4.73 -4.88 -5.72
C GLY A 63 5.51 -3.97 -6.65
N TYR A 64 6.82 -4.17 -6.70
CA TYR A 64 7.69 -3.36 -7.56
C TYR A 64 8.79 -4.22 -8.18
N GLY A 65 9.54 -3.64 -9.10
CA GLY A 65 10.61 -4.35 -9.76
C GLY A 65 10.76 -3.97 -11.22
N ILE A 66 11.98 -3.62 -11.62
CA ILE A 66 12.26 -3.24 -13.00
C ILE A 66 11.66 -4.25 -13.98
N GLY A 67 10.57 -3.86 -14.63
CA GLY A 67 9.93 -4.74 -15.59
C GLY A 67 8.67 -5.37 -15.03
N SER A 68 8.78 -6.01 -13.87
CA SER A 68 7.65 -6.67 -13.24
C SER A 68 7.71 -6.50 -11.71
N PRO A 69 6.54 -6.35 -11.09
CA PRO A 69 6.43 -6.20 -9.64
C PRO A 69 6.76 -7.48 -8.89
N HIS A 70 6.31 -8.60 -9.43
CA HIS A 70 6.57 -9.90 -8.81
C HIS A 70 7.97 -9.94 -8.19
N ALA A 71 8.92 -9.29 -8.85
CA ALA A 71 10.29 -9.25 -8.36
C ALA A 71 10.34 -9.11 -6.85
N GLN A 72 9.60 -8.12 -6.33
CA GLN A 72 9.55 -7.87 -4.89
C GLN A 72 8.15 -7.46 -4.45
N THR A 73 7.83 -7.75 -3.20
CA THR A 73 6.51 -7.43 -2.66
C THR A 73 6.62 -6.98 -1.20
N ILE A 74 6.06 -5.81 -0.90
CA ILE A 74 6.08 -5.28 0.45
C ILE A 74 4.68 -5.13 1.02
N LYS A 75 4.41 -5.83 2.11
CA LYS A 75 3.10 -5.78 2.75
C LYS A 75 3.15 -4.88 3.99
N VAL A 76 2.16 -3.99 4.11
CA VAL A 76 2.09 -3.09 5.25
C VAL A 76 0.66 -2.98 5.77
N ASP A 77 0.51 -2.72 7.06
CA ASP A 77 -0.80 -2.59 7.68
C ASP A 77 -1.65 -1.56 6.94
N TYR A 78 -2.96 -1.61 7.14
CA TYR A 78 -3.87 -0.68 6.50
C TYR A 78 -3.53 0.76 6.85
N LYS A 79 -3.29 1.02 8.13
CA LYS A 79 -2.95 2.35 8.59
C LYS A 79 -1.99 3.04 7.62
N GLN A 80 -0.99 2.30 7.16
CA GLN A 80 -0.02 2.85 6.22
C GLN A 80 -0.70 3.41 4.98
N ARG A 81 -0.60 4.72 4.79
CA ARG A 81 -1.21 5.38 3.65
C ARG A 81 -0.30 5.31 2.43
N TYR A 82 1.00 5.42 2.66
CA TYR A 82 1.99 5.39 1.59
C TYR A 82 3.27 4.70 2.05
N TYR A 83 4.13 4.37 1.09
CA TYR A 83 5.39 3.70 1.38
C TYR A 83 6.51 4.24 0.50
N THR A 84 7.67 4.49 1.11
CA THR A 84 8.83 5.00 0.38
C THR A 84 9.84 3.91 0.12
N ILE A 85 9.97 3.49 -1.13
CA ILE A 85 10.91 2.45 -1.50
C ILE A 85 12.29 3.03 -1.82
N GLU A 86 13.24 2.77 -0.94
CA GLU A 86 14.60 3.28 -1.13
C GLU A 86 15.50 2.19 -1.69
N ASN A 87 16.79 2.52 -1.84
CA ASN A 87 17.76 1.57 -2.37
C ASN A 87 17.43 1.20 -3.81
N LEU A 88 17.10 2.20 -4.62
CA LEU A 88 16.76 1.99 -6.02
C LEU A 88 17.76 2.69 -6.93
N ASP A 89 17.87 2.20 -8.16
CA ASP A 89 18.78 2.78 -9.14
C ASP A 89 18.08 3.87 -9.95
N PRO A 90 18.71 5.05 -10.03
CA PRO A 90 18.16 6.19 -10.78
C PRO A 90 18.18 5.96 -12.29
N SER A 91 17.24 6.57 -12.98
CA SER A 91 17.14 6.43 -14.44
C SER A 91 16.73 5.02 -14.82
N SER A 92 15.63 4.55 -14.24
CA SER A 92 15.13 3.20 -14.52
C SER A 92 13.61 3.15 -14.39
N HIS A 93 12.99 2.20 -15.08
CA HIS A 93 11.55 2.04 -15.03
C HIS A 93 11.14 1.03 -13.97
N TYR A 94 10.21 1.42 -13.11
CA TYR A 94 9.73 0.54 -12.04
C TYR A 94 8.22 0.41 -12.07
N VAL A 95 7.73 -0.83 -12.14
CA VAL A 95 6.30 -1.09 -12.18
C VAL A 95 5.76 -1.33 -10.78
N ILE A 96 5.07 -0.33 -10.23
CA ILE A 96 4.49 -0.44 -8.90
C ILE A 96 3.05 -0.94 -8.97
N THR A 97 2.71 -1.88 -8.09
CA THR A 97 1.37 -2.44 -8.04
C THR A 97 0.80 -2.40 -6.63
N LEU A 98 -0.51 -2.56 -6.53
CA LEU A 98 -1.18 -2.54 -5.22
C LEU A 98 -2.44 -3.39 -5.25
N LYS A 99 -2.59 -4.26 -4.26
CA LYS A 99 -3.76 -5.13 -4.17
C LYS A 99 -4.27 -5.20 -2.73
N ALA A 100 -5.57 -5.02 -2.57
CA ALA A 100 -6.19 -5.07 -1.24
C ALA A 100 -6.40 -6.51 -0.79
N PHE A 101 -6.12 -6.76 0.49
CA PHE A 101 -6.28 -8.11 1.04
C PHE A 101 -6.97 -8.05 2.40
N ASN A 102 -7.46 -9.20 2.87
CA ASN A 102 -8.14 -9.28 4.15
C ASN A 102 -8.34 -10.73 4.57
N ASN A 103 -8.94 -10.93 5.74
CA ASN A 103 -9.19 -12.28 6.26
C ASN A 103 -9.78 -13.17 5.17
N VAL A 104 -10.62 -12.59 4.32
CA VAL A 104 -11.25 -13.34 3.23
C VAL A 104 -10.23 -13.75 2.18
N GLY A 105 -9.42 -12.80 1.74
CA GLY A 105 -8.40 -13.08 0.74
C GLY A 105 -7.83 -11.83 0.12
N GLU A 106 -7.39 -11.94 -1.13
CA GLU A 106 -6.82 -10.81 -1.84
C GLU A 106 -7.66 -10.44 -3.07
N GLY A 107 -7.60 -9.17 -3.46
CA GLY A 107 -8.36 -8.72 -4.62
C GLY A 107 -7.51 -8.62 -5.87
N ILE A 108 -7.83 -7.66 -6.72
CA ILE A 108 -7.09 -7.46 -7.97
C ILE A 108 -6.07 -6.34 -7.83
N PRO A 109 -4.81 -6.65 -8.16
CA PRO A 109 -3.72 -5.67 -8.09
C PRO A 109 -3.84 -4.57 -9.14
N LEU A 110 -3.11 -3.49 -8.93
CA LEU A 110 -3.14 -2.36 -9.86
C LEU A 110 -1.84 -2.26 -10.64
N TYR A 111 -1.85 -1.49 -11.72
CA TYR A 111 -0.66 -1.32 -12.55
C TYR A 111 -0.33 0.17 -12.72
N GLU A 112 0.87 0.55 -12.27
CA GLU A 112 1.31 1.94 -12.38
C GLU A 112 2.69 2.02 -13.02
N SER A 113 3.16 3.25 -13.22
CA SER A 113 4.47 3.47 -13.83
C SER A 113 5.19 4.63 -13.16
N ALA A 114 6.50 4.47 -12.95
CA ALA A 114 7.31 5.50 -12.32
C ALA A 114 8.79 5.27 -12.59
N VAL A 115 9.42 6.26 -13.22
CA VAL A 115 10.84 6.17 -13.55
C VAL A 115 11.67 7.09 -12.66
N THR A 116 12.46 6.50 -11.78
CA THR A 116 13.30 7.27 -10.87
C THR A 116 14.02 8.40 -11.60
N ARG A 117 14.25 9.50 -10.90
CA ARG A 117 14.93 10.65 -11.49
C ARG A 117 16.42 10.39 -11.63
N PRO A 118 17.06 11.07 -12.59
CA PRO A 118 18.49 10.92 -12.85
C PRO A 118 19.35 11.52 -11.74
N HIS A 119 20.33 10.76 -11.27
CA HIS A 119 21.22 11.20 -10.21
C HIS A 119 22.61 11.53 -10.76
N THR A 120 22.91 12.81 -10.87
CA THR A 120 24.20 13.25 -11.38
C THR A 120 25.24 13.33 -10.26
N SER A 121 26.50 13.52 -10.63
CA SER A 121 27.58 13.61 -9.67
C SER A 121 28.23 14.99 -9.71
N GLY A 122 27.46 16.01 -9.33
CA GLY A 122 27.98 17.36 -9.33
C GLY A 122 27.13 18.30 -8.51
N PRO A 123 27.69 19.47 -8.16
CA PRO A 123 26.99 20.49 -7.37
C PRO A 123 25.86 21.15 -8.14
N SER A 124 25.00 21.85 -7.41
CA SER A 124 23.86 22.53 -8.03
C SER A 124 24.22 23.97 -8.41
N SER A 125 23.34 24.61 -9.15
CA SER A 125 23.57 26.00 -9.59
C SER A 125 23.85 26.90 -8.39
N GLY A 126 25.00 27.55 -8.40
CA GLY A 126 25.37 28.44 -7.31
C GLY A 126 25.23 29.90 -7.69
N GLY A 1 23.05 -38.48 30.14
CA GLY A 1 21.60 -38.49 30.10
C GLY A 1 21.04 -37.59 29.03
N SER A 2 19.76 -37.25 29.14
CA SER A 2 19.10 -36.38 28.16
C SER A 2 17.70 -36.02 28.62
N SER A 3 17.21 -34.87 28.15
CA SER A 3 15.89 -34.40 28.51
C SER A 3 15.49 -33.19 27.68
N GLY A 4 14.26 -32.71 27.87
CA GLY A 4 13.78 -31.57 27.12
C GLY A 4 12.33 -31.24 27.44
N SER A 5 11.92 -30.02 27.10
CA SER A 5 10.56 -29.58 27.36
C SER A 5 10.29 -28.23 26.71
N SER A 6 9.12 -28.09 26.09
CA SER A 6 8.74 -26.85 25.42
C SER A 6 7.24 -26.82 25.14
N GLY A 7 6.68 -25.62 25.15
CA GLY A 7 5.25 -25.47 24.89
C GLY A 7 4.82 -24.02 24.88
N PRO A 8 4.89 -23.39 23.70
CA PRO A 8 4.51 -21.99 23.52
C PRO A 8 2.99 -21.78 23.65
N ALA A 9 2.58 -20.52 23.71
CA ALA A 9 1.17 -20.19 23.83
C ALA A 9 0.88 -18.77 23.33
N THR A 10 -0.09 -18.65 22.43
CA THR A 10 -0.45 -17.35 21.87
C THR A 10 -1.94 -17.29 21.54
N ASP A 11 -2.63 -16.31 22.11
CA ASP A 11 -4.06 -16.15 21.88
C ASP A 11 -4.47 -14.68 22.04
N TRP A 12 -5.60 -14.33 21.46
CA TRP A 12 -6.10 -12.96 21.53
C TRP A 12 -6.47 -12.60 22.97
N LEU A 13 -5.77 -11.61 23.52
CA LEU A 13 -6.02 -11.16 24.89
C LEU A 13 -6.35 -9.67 24.92
N SER A 14 -7.40 -9.33 25.65
CA SER A 14 -7.82 -7.93 25.77
C SER A 14 -7.58 -7.18 24.46
N ALA A 15 -7.84 -7.85 23.35
CA ALA A 15 -7.65 -7.24 22.03
C ALA A 15 -8.93 -6.55 21.56
N GLU A 16 -8.77 -5.45 20.84
CA GLU A 16 -9.91 -4.70 20.32
C GLU A 16 -10.49 -5.38 19.09
N THR A 17 -11.76 -5.07 18.79
CA THR A 17 -12.44 -5.65 17.64
C THR A 17 -13.62 -4.79 17.21
N PHE A 18 -13.48 -4.14 16.07
CA PHE A 18 -14.54 -3.28 15.55
C PHE A 18 -15.09 -3.83 14.23
N GLU A 19 -15.60 -5.05 14.28
CA GLU A 19 -16.15 -5.69 13.09
C GLU A 19 -17.51 -6.31 13.39
N SER A 20 -18.33 -5.59 14.15
CA SER A 20 -19.66 -6.07 14.51
C SER A 20 -20.63 -5.90 13.35
N ASP A 21 -20.49 -4.79 12.63
CA ASP A 21 -21.36 -4.52 11.49
C ASP A 21 -20.54 -4.21 10.23
N LEU A 22 -19.86 -5.24 9.72
CA LEU A 22 -19.03 -5.09 8.53
C LEU A 22 -19.09 -6.34 7.67
N ASP A 23 -18.83 -6.17 6.38
CA ASP A 23 -18.85 -7.30 5.44
C ASP A 23 -17.47 -7.96 5.36
N GLU A 24 -17.41 -9.21 5.79
CA GLU A 24 -16.16 -9.96 5.77
C GLU A 24 -16.34 -11.32 5.12
N THR A 25 -17.18 -11.36 4.08
CA THR A 25 -17.45 -12.60 3.36
C THR A 25 -16.82 -12.58 1.97
N ARG A 26 -16.55 -11.37 1.47
CA ARG A 26 -15.95 -11.23 0.15
C ARG A 26 -14.63 -10.47 0.24
N VAL A 27 -13.82 -10.58 -0.81
CA VAL A 27 -12.52 -9.91 -0.85
C VAL A 27 -12.67 -8.45 -1.24
N PRO A 28 -11.74 -7.60 -0.75
CA PRO A 28 -11.75 -6.17 -1.03
C PRO A 28 -11.39 -5.87 -2.49
N GLU A 29 -12.41 -5.54 -3.28
CA GLU A 29 -12.20 -5.22 -4.69
C GLU A 29 -11.16 -4.12 -4.85
N VAL A 30 -10.65 -3.97 -6.08
CA VAL A 30 -9.65 -2.95 -6.36
C VAL A 30 -9.94 -1.67 -5.60
N PRO A 31 -8.87 -1.04 -5.07
CA PRO A 31 -8.98 0.20 -4.31
C PRO A 31 -9.36 1.39 -5.20
N SER A 32 -9.76 2.49 -4.57
CA SER A 32 -10.15 3.69 -5.31
C SER A 32 -9.13 4.00 -6.40
N SER A 33 -7.86 4.04 -6.03
CA SER A 33 -6.79 4.33 -6.97
C SER A 33 -5.42 4.13 -6.33
N LEU A 34 -4.37 4.46 -7.07
CA LEU A 34 -3.00 4.31 -6.57
C LEU A 34 -2.06 5.27 -7.28
N HIS A 35 -1.48 6.19 -6.53
CA HIS A 35 -0.56 7.17 -7.09
C HIS A 35 0.90 6.77 -6.80
N VAL A 36 1.79 7.16 -7.70
CA VAL A 36 3.21 6.84 -7.55
C VAL A 36 4.08 8.05 -7.86
N ARG A 37 5.13 8.22 -7.07
CA ARG A 37 6.04 9.35 -7.26
C ARG A 37 7.49 8.86 -7.38
N PRO A 38 8.03 8.92 -8.59
CA PRO A 38 9.41 8.49 -8.87
C PRO A 38 10.44 9.43 -8.25
N LEU A 39 11.37 8.85 -7.50
CA LEU A 39 12.42 9.63 -6.84
C LEU A 39 13.81 9.13 -7.25
N VAL A 40 14.79 10.01 -7.17
CA VAL A 40 16.16 9.66 -7.53
C VAL A 40 16.43 8.18 -7.26
N THR A 41 16.60 7.83 -5.99
CA THR A 41 16.86 6.45 -5.61
C THR A 41 15.74 5.90 -4.74
N SER A 42 14.54 6.44 -4.91
CA SER A 42 13.38 6.00 -4.15
C SER A 42 12.10 6.22 -4.94
N ILE A 43 10.97 5.89 -4.32
CA ILE A 43 9.67 6.04 -4.96
C ILE A 43 8.53 6.05 -3.93
N VAL A 44 7.94 7.22 -3.73
CA VAL A 44 6.84 7.37 -2.78
C VAL A 44 5.55 6.78 -3.34
N VAL A 45 5.32 5.51 -3.03
CA VAL A 45 4.13 4.82 -3.50
C VAL A 45 2.93 5.12 -2.58
N SER A 46 2.08 6.04 -3.02
CA SER A 46 0.90 6.41 -2.25
C SER A 46 -0.37 5.81 -2.85
N TRP A 47 -1.21 5.25 -1.99
CA TRP A 47 -2.46 4.64 -2.43
C TRP A 47 -3.64 5.16 -1.62
N THR A 48 -4.82 4.61 -1.87
CA THR A 48 -6.03 5.02 -1.18
C THR A 48 -6.93 3.82 -0.88
N PRO A 49 -7.76 3.95 0.17
CA PRO A 49 -8.69 2.89 0.58
C PRO A 49 -9.81 2.68 -0.43
N PRO A 50 -10.47 1.51 -0.36
CA PRO A 50 -11.58 1.17 -1.25
C PRO A 50 -12.83 2.00 -0.98
N GLU A 51 -13.35 2.63 -2.02
CA GLU A 51 -14.55 3.46 -1.88
C GLU A 51 -15.51 2.86 -0.87
N ASN A 52 -15.70 1.55 -0.92
CA ASN A 52 -16.59 0.86 -0.01
C ASN A 52 -15.88 0.53 1.30
N GLN A 53 -16.36 1.10 2.39
CA GLN A 53 -15.78 0.86 3.71
C GLN A 53 -16.31 -0.42 4.32
N ASN A 54 -17.61 -0.65 4.15
CA ASN A 54 -18.25 -1.85 4.70
C ASN A 54 -17.32 -3.06 4.60
N ILE A 55 -16.62 -3.16 3.48
CA ILE A 55 -15.69 -4.27 3.27
C ILE A 55 -14.52 -4.19 4.24
N VAL A 56 -14.21 -5.32 4.88
CA VAL A 56 -13.11 -5.38 5.82
C VAL A 56 -11.76 -5.46 5.11
N VAL A 57 -10.82 -4.63 5.54
CA VAL A 57 -9.49 -4.59 4.94
C VAL A 57 -8.41 -4.78 5.99
N ARG A 58 -7.67 -5.88 5.87
CA ARG A 58 -6.60 -6.18 6.82
C ARG A 58 -5.32 -5.43 6.45
N GLY A 59 -5.08 -5.29 5.15
CA GLY A 59 -3.90 -4.59 4.69
C GLY A 59 -3.77 -4.58 3.17
N TYR A 60 -2.68 -4.03 2.67
CA TYR A 60 -2.45 -3.96 1.24
C TYR A 60 -1.04 -4.43 0.88
N ALA A 61 -0.92 -5.14 -0.24
CA ALA A 61 0.37 -5.64 -0.69
C ALA A 61 0.88 -4.85 -1.88
N ILE A 62 2.12 -4.39 -1.80
CA ILE A 62 2.73 -3.62 -2.88
C ILE A 62 3.73 -4.46 -3.66
N GLY A 63 3.85 -4.18 -4.96
CA GLY A 63 4.77 -4.92 -5.79
C GLY A 63 5.50 -4.03 -6.79
N TYR A 64 6.82 -4.06 -6.75
CA TYR A 64 7.63 -3.25 -7.65
C TYR A 64 8.66 -4.10 -8.37
N GLY A 65 9.26 -3.53 -9.42
CA GLY A 65 10.26 -4.26 -10.18
C GLY A 65 10.40 -3.74 -11.60
N ILE A 66 11.62 -3.41 -11.98
CA ILE A 66 11.90 -2.88 -13.32
C ILE A 66 11.33 -3.82 -14.39
N GLY A 67 10.26 -3.39 -15.05
CA GLY A 67 9.64 -4.19 -16.08
C GLY A 67 8.55 -5.10 -15.55
N SER A 68 8.87 -5.84 -14.49
CA SER A 68 7.90 -6.75 -13.89
C SER A 68 7.76 -6.49 -12.39
N PRO A 69 6.52 -6.24 -11.95
CA PRO A 69 6.23 -5.96 -10.53
C PRO A 69 6.40 -7.20 -9.66
N HIS A 70 6.59 -8.35 -10.30
CA HIS A 70 6.77 -9.61 -9.58
C HIS A 70 8.22 -9.77 -9.13
N ALA A 71 8.80 -8.69 -8.62
CA ALA A 71 10.19 -8.72 -8.16
C ALA A 71 10.25 -8.68 -6.63
N GLN A 72 9.47 -7.78 -6.04
CA GLN A 72 9.45 -7.63 -4.59
C GLN A 72 8.03 -7.39 -4.08
N THR A 73 7.75 -7.82 -2.86
CA THR A 73 6.43 -7.65 -2.27
C THR A 73 6.53 -7.13 -0.85
N ILE A 74 5.87 -6.00 -0.58
CA ILE A 74 5.89 -5.39 0.74
C ILE A 74 4.47 -5.26 1.31
N LYS A 75 4.16 -6.08 2.30
CA LYS A 75 2.84 -6.06 2.92
C LYS A 75 2.87 -5.27 4.23
N VAL A 76 2.09 -4.19 4.27
CA VAL A 76 2.03 -3.35 5.46
C VAL A 76 0.62 -3.34 6.05
N ASP A 77 0.47 -2.65 7.18
CA ASP A 77 -0.83 -2.55 7.85
C ASP A 77 -1.80 -1.71 7.02
N TYR A 78 -3.05 -1.66 7.45
CA TYR A 78 -4.07 -0.90 6.75
C TYR A 78 -3.93 0.59 7.04
N LYS A 79 -3.25 0.91 8.14
CA LYS A 79 -3.05 2.31 8.53
C LYS A 79 -1.85 2.90 7.79
N GLN A 80 -1.69 2.51 6.52
CA GLN A 80 -0.60 3.01 5.71
C GLN A 80 -1.12 3.75 4.48
N ARG A 81 -0.88 5.06 4.44
CA ARG A 81 -1.33 5.88 3.32
C ARG A 81 -0.41 5.70 2.11
N TYR A 82 0.89 5.60 2.37
CA TYR A 82 1.87 5.43 1.31
C TYR A 82 3.14 4.76 1.84
N TYR A 83 4.03 4.40 0.92
CA TYR A 83 5.28 3.75 1.30
C TYR A 83 6.46 4.32 0.51
N THR A 84 7.59 4.49 1.18
CA THR A 84 8.78 5.03 0.55
C THR A 84 9.76 3.92 0.19
N ILE A 85 9.72 3.48 -1.07
CA ILE A 85 10.59 2.43 -1.55
C ILE A 85 12.00 2.96 -1.82
N GLU A 86 13.01 2.27 -1.29
CA GLU A 86 14.40 2.68 -1.48
C GLU A 86 15.23 1.54 -2.05
N ASN A 87 16.53 1.78 -2.19
CA ASN A 87 17.43 0.77 -2.74
C ASN A 87 17.24 0.61 -4.23
N LEU A 88 16.89 1.70 -4.90
CA LEU A 88 16.67 1.69 -6.35
C LEU A 88 17.76 2.48 -7.07
N ASP A 89 17.71 2.48 -8.39
CA ASP A 89 18.69 3.19 -9.19
C ASP A 89 18.01 4.23 -10.09
N PRO A 90 18.63 5.42 -10.21
CA PRO A 90 18.09 6.51 -11.03
C PRO A 90 18.18 6.21 -12.51
N SER A 91 17.33 6.86 -13.30
CA SER A 91 17.30 6.66 -14.75
C SER A 91 16.84 5.25 -15.09
N SER A 92 15.72 4.85 -14.51
CA SER A 92 15.17 3.52 -14.75
C SER A 92 13.65 3.52 -14.59
N HIS A 93 12.98 2.59 -15.28
CA HIS A 93 11.53 2.49 -15.19
C HIS A 93 11.12 1.37 -14.24
N TYR A 94 10.20 1.68 -13.33
CA TYR A 94 9.72 0.71 -12.37
C TYR A 94 8.21 0.57 -12.43
N VAL A 95 7.72 -0.64 -12.15
CA VAL A 95 6.29 -0.92 -12.18
C VAL A 95 5.75 -1.23 -10.79
N ILE A 96 5.07 -0.26 -10.19
CA ILE A 96 4.51 -0.45 -8.86
C ILE A 96 3.07 -0.94 -8.93
N THR A 97 2.72 -1.87 -8.05
CA THR A 97 1.37 -2.43 -8.02
C THR A 97 0.84 -2.49 -6.59
N LEU A 98 -0.48 -2.46 -6.45
CA LEU A 98 -1.11 -2.51 -5.14
C LEU A 98 -2.40 -3.33 -5.19
N LYS A 99 -2.59 -4.18 -4.20
CA LYS A 99 -3.79 -5.02 -4.12
C LYS A 99 -4.26 -5.17 -2.68
N ALA A 100 -5.57 -5.04 -2.47
CA ALA A 100 -6.14 -5.17 -1.13
C ALA A 100 -6.40 -6.63 -0.79
N PHE A 101 -5.99 -7.02 0.41
CA PHE A 101 -6.18 -8.40 0.86
C PHE A 101 -6.73 -8.43 2.28
N ASN A 102 -7.76 -9.25 2.50
CA ASN A 102 -8.36 -9.38 3.82
C ASN A 102 -8.54 -10.84 4.21
N ASN A 103 -9.10 -11.08 5.38
CA ASN A 103 -9.33 -12.43 5.86
C ASN A 103 -9.98 -13.30 4.79
N VAL A 104 -10.94 -12.72 4.07
CA VAL A 104 -11.64 -13.43 3.02
C VAL A 104 -10.67 -13.89 1.92
N GLY A 105 -9.85 -12.95 1.46
CA GLY A 105 -8.88 -13.28 0.41
C GLY A 105 -8.26 -12.05 -0.19
N GLU A 106 -7.73 -12.18 -1.41
CA GLU A 106 -7.09 -11.07 -2.10
C GLU A 106 -7.97 -10.54 -3.23
N GLY A 107 -7.74 -9.29 -3.61
CA GLY A 107 -8.53 -8.69 -4.67
C GLY A 107 -7.75 -8.54 -5.96
N ILE A 108 -8.02 -7.47 -6.69
CA ILE A 108 -7.33 -7.21 -7.96
C ILE A 108 -6.29 -6.11 -7.80
N PRO A 109 -5.04 -6.41 -8.17
CA PRO A 109 -3.93 -5.46 -8.09
C PRO A 109 -4.06 -4.32 -9.10
N LEU A 110 -3.22 -3.31 -8.96
CA LEU A 110 -3.24 -2.17 -9.87
C LEU A 110 -1.93 -2.05 -10.64
N TYR A 111 -1.93 -1.23 -11.68
CA TYR A 111 -0.74 -1.04 -12.51
C TYR A 111 -0.38 0.44 -12.59
N GLU A 112 0.88 0.75 -12.26
CA GLU A 112 1.36 2.13 -12.29
C GLU A 112 2.72 2.21 -12.98
N SER A 113 3.22 3.43 -13.15
CA SER A 113 4.51 3.65 -13.80
C SER A 113 5.26 4.78 -13.12
N ALA A 114 6.55 4.56 -12.86
CA ALA A 114 7.39 5.57 -12.22
C ALA A 114 8.83 5.44 -12.67
N VAL A 115 9.32 6.45 -13.38
CA VAL A 115 10.69 6.45 -13.87
C VAL A 115 11.60 7.27 -12.96
N THR A 116 12.44 6.58 -12.19
CA THR A 116 13.36 7.23 -11.28
C THR A 116 14.04 8.42 -11.94
N ARG A 117 14.30 9.47 -11.16
CA ARG A 117 14.95 10.67 -11.68
C ARG A 117 16.34 10.35 -12.22
N PRO A 118 16.84 11.22 -13.11
CA PRO A 118 18.16 11.05 -13.72
C PRO A 118 19.29 11.28 -12.72
N HIS A 119 18.93 11.64 -11.50
CA HIS A 119 19.91 11.88 -10.45
C HIS A 119 21.00 12.85 -10.93
N THR A 120 20.56 13.94 -11.56
CA THR A 120 21.50 14.94 -12.07
C THR A 120 21.28 16.28 -11.39
N SER A 121 22.17 16.62 -10.46
CA SER A 121 22.07 17.88 -9.73
C SER A 121 23.32 18.73 -9.94
N GLY A 122 23.11 20.02 -10.17
CA GLY A 122 24.23 20.92 -10.40
C GLY A 122 24.29 22.03 -9.37
N PRO A 123 23.73 23.20 -9.71
CA PRO A 123 23.71 24.36 -8.82
C PRO A 123 22.80 24.16 -7.62
N SER A 124 23.38 24.12 -6.43
CA SER A 124 22.62 23.92 -5.20
C SER A 124 21.60 25.05 -5.01
N SER A 125 22.03 26.28 -5.27
CA SER A 125 21.16 27.44 -5.13
C SER A 125 21.34 28.39 -6.30
N GLY A 126 20.38 29.30 -6.46
CA GLY A 126 20.44 30.27 -7.55
C GLY A 126 21.08 31.58 -7.12
N GLY A 1 -42.04 -0.71 51.13
CA GLY A 1 -42.08 -0.39 49.72
C GLY A 1 -42.12 1.11 49.47
N SER A 2 -41.62 1.52 48.31
CA SER A 2 -41.59 2.95 47.96
C SER A 2 -42.19 3.16 46.58
N SER A 3 -42.04 2.17 45.70
CA SER A 3 -42.57 2.26 44.35
C SER A 3 -42.34 3.65 43.76
N GLY A 4 -41.09 4.12 43.84
CA GLY A 4 -40.76 5.43 43.32
C GLY A 4 -39.48 5.43 42.53
N SER A 5 -39.26 6.48 41.73
CA SER A 5 -38.07 6.59 40.91
C SER A 5 -38.01 7.94 40.21
N SER A 6 -36.84 8.29 39.70
CA SER A 6 -36.65 9.57 39.00
C SER A 6 -35.84 9.37 37.73
N GLY A 7 -35.62 10.46 37.00
CA GLY A 7 -34.87 10.40 35.76
C GLY A 7 -34.03 11.64 35.54
N PRO A 8 -32.82 11.66 36.13
CA PRO A 8 -31.89 12.78 36.00
C PRO A 8 -31.30 12.89 34.60
N ALA A 9 -30.45 13.88 34.40
CA ALA A 9 -29.81 14.10 33.11
C ALA A 9 -28.66 13.12 32.89
N THR A 10 -28.15 13.07 31.66
CA THR A 10 -27.05 12.18 31.33
C THR A 10 -26.57 12.41 29.90
N ASP A 11 -25.25 12.32 29.70
CA ASP A 11 -24.68 12.52 28.38
C ASP A 11 -24.50 11.19 27.67
N TRP A 12 -25.20 11.02 26.54
CA TRP A 12 -25.11 9.79 25.76
C TRP A 12 -24.26 10.00 24.51
N LEU A 13 -23.14 10.69 24.67
CA LEU A 13 -22.23 10.95 23.55
C LEU A 13 -21.27 9.78 23.35
N SER A 14 -21.72 8.58 23.69
CA SER A 14 -20.90 7.38 23.54
C SER A 14 -20.95 6.87 22.11
N ALA A 15 -20.89 7.78 21.16
CA ALA A 15 -20.92 7.42 19.74
C ALA A 15 -19.51 7.28 19.18
N GLU A 16 -18.68 6.51 19.87
CA GLU A 16 -17.30 6.29 19.43
C GLU A 16 -16.99 4.80 19.31
N THR A 17 -17.90 4.06 18.69
CA THR A 17 -17.73 2.63 18.51
C THR A 17 -18.33 2.16 17.20
N PHE A 18 -18.09 0.89 16.85
CA PHE A 18 -18.62 0.32 15.62
C PHE A 18 -19.42 -0.95 15.91
N GLU A 19 -20.08 -1.46 14.87
CA GLU A 19 -20.89 -2.66 15.01
C GLU A 19 -20.26 -3.83 14.27
N SER A 20 -20.67 -5.04 14.62
CA SER A 20 -20.13 -6.25 13.98
C SER A 20 -20.94 -6.60 12.73
N ASP A 21 -21.24 -5.60 11.93
CA ASP A 21 -22.01 -5.81 10.70
C ASP A 21 -21.15 -5.56 9.47
N LEU A 22 -19.91 -6.05 9.51
CA LEU A 22 -18.98 -5.87 8.40
C LEU A 22 -19.02 -7.07 7.45
N ASP A 23 -18.33 -6.96 6.33
CA ASP A 23 -18.29 -8.04 5.35
C ASP A 23 -16.86 -8.47 5.08
N GLU A 24 -16.40 -9.48 5.83
CA GLU A 24 -15.03 -9.98 5.67
C GLU A 24 -15.01 -11.18 4.72
N THR A 25 -16.00 -12.05 4.84
CA THR A 25 -16.08 -13.23 4.00
C THR A 25 -15.64 -12.92 2.58
N ARG A 26 -15.85 -11.67 2.15
CA ARG A 26 -15.48 -11.24 0.81
C ARG A 26 -14.19 -10.43 0.85
N VAL A 27 -13.36 -10.61 -0.18
CA VAL A 27 -12.10 -9.89 -0.28
C VAL A 27 -12.30 -8.50 -0.85
N PRO A 28 -11.47 -7.54 -0.39
CA PRO A 28 -11.55 -6.15 -0.86
C PRO A 28 -11.09 -5.99 -2.30
N GLU A 29 -12.05 -5.86 -3.22
CA GLU A 29 -11.73 -5.70 -4.63
C GLU A 29 -10.74 -4.57 -4.85
N VAL A 30 -10.41 -4.31 -6.12
CA VAL A 30 -9.47 -3.25 -6.45
C VAL A 30 -9.81 -1.95 -5.73
N PRO A 31 -8.77 -1.26 -5.23
CA PRO A 31 -8.94 0.00 -4.51
C PRO A 31 -9.39 1.14 -5.43
N SER A 32 -9.68 2.29 -4.84
CA SER A 32 -10.12 3.45 -5.60
C SER A 32 -9.08 3.84 -6.65
N SER A 33 -7.81 3.81 -6.25
CA SER A 33 -6.72 4.15 -7.17
C SER A 33 -5.37 3.90 -6.50
N LEU A 34 -4.30 4.25 -7.22
CA LEU A 34 -2.95 4.07 -6.70
C LEU A 34 -1.99 5.07 -7.32
N HIS A 35 -1.32 5.84 -6.47
CA HIS A 35 -0.36 6.84 -6.94
C HIS A 35 1.07 6.40 -6.67
N VAL A 36 2.01 6.91 -7.44
CA VAL A 36 3.42 6.58 -7.29
C VAL A 36 4.32 7.72 -7.75
N ARG A 37 5.21 8.16 -6.87
CA ARG A 37 6.12 9.25 -7.18
C ARG A 37 7.55 8.73 -7.32
N PRO A 38 8.04 8.67 -8.57
CA PRO A 38 9.39 8.19 -8.88
C PRO A 38 10.46 9.16 -8.40
N LEU A 39 11.32 8.70 -7.49
CA LEU A 39 12.39 9.53 -6.96
C LEU A 39 13.76 8.95 -7.32
N VAL A 40 14.77 9.81 -7.37
CA VAL A 40 16.12 9.39 -7.70
C VAL A 40 16.37 7.96 -7.25
N THR A 41 16.53 7.76 -5.95
CA THR A 41 16.78 6.44 -5.39
C THR A 41 15.64 6.01 -4.48
N SER A 42 14.46 6.57 -4.70
CA SER A 42 13.29 6.25 -3.89
C SER A 42 12.01 6.33 -4.72
N ILE A 43 10.88 5.99 -4.10
CA ILE A 43 9.59 6.02 -4.79
C ILE A 43 8.45 6.08 -3.79
N VAL A 44 7.84 7.26 -3.66
CA VAL A 44 6.73 7.44 -2.73
C VAL A 44 5.46 6.79 -3.26
N VAL A 45 5.22 5.55 -2.84
CA VAL A 45 4.04 4.81 -3.27
C VAL A 45 2.84 5.12 -2.36
N SER A 46 1.96 6.00 -2.85
CA SER A 46 0.77 6.37 -2.08
C SER A 46 -0.48 5.75 -2.69
N TRP A 47 -1.35 5.25 -1.83
CA TRP A 47 -2.59 4.62 -2.27
C TRP A 47 -3.78 5.13 -1.45
N THR A 48 -4.96 4.56 -1.71
CA THR A 48 -6.17 4.95 -1.01
C THR A 48 -7.08 3.76 -0.79
N PRO A 49 -7.99 3.89 0.20
CA PRO A 49 -8.94 2.82 0.54
C PRO A 49 -10.00 2.63 -0.54
N PRO A 50 -10.60 1.44 -0.56
CA PRO A 50 -11.65 1.09 -1.55
C PRO A 50 -12.94 1.85 -1.31
N GLU A 51 -13.53 2.36 -2.39
CA GLU A 51 -14.78 3.11 -2.30
C GLU A 51 -15.74 2.45 -1.30
N ASN A 52 -15.85 1.12 -1.39
CA ASN A 52 -16.74 0.38 -0.51
C ASN A 52 -16.15 0.30 0.90
N GLN A 53 -16.77 1.02 1.83
CA GLN A 53 -16.31 1.03 3.22
C GLN A 53 -17.10 0.02 4.06
N ASN A 54 -17.40 -1.13 3.46
CA ASN A 54 -18.15 -2.17 4.15
C ASN A 54 -17.30 -3.43 4.33
N ILE A 55 -16.32 -3.60 3.43
CA ILE A 55 -15.43 -4.75 3.48
C ILE A 55 -14.29 -4.54 4.47
N VAL A 56 -13.85 -5.61 5.12
CA VAL A 56 -12.77 -5.54 6.08
C VAL A 56 -11.41 -5.58 5.39
N VAL A 57 -10.56 -4.59 5.69
CA VAL A 57 -9.24 -4.53 5.09
C VAL A 57 -8.15 -4.70 6.15
N ARG A 58 -7.27 -5.67 5.92
CA ARG A 58 -6.19 -5.95 6.86
C ARG A 58 -4.90 -5.26 6.41
N GLY A 59 -4.83 -4.92 5.13
CA GLY A 59 -3.65 -4.26 4.60
C GLY A 59 -3.56 -4.36 3.09
N TYR A 60 -2.47 -3.83 2.53
CA TYR A 60 -2.28 -3.85 1.08
C TYR A 60 -0.86 -4.29 0.73
N ALA A 61 -0.74 -4.99 -0.39
CA ALA A 61 0.57 -5.48 -0.84
C ALA A 61 1.08 -4.65 -2.02
N ILE A 62 2.33 -4.24 -1.94
CA ILE A 62 2.94 -3.45 -3.01
C ILE A 62 3.94 -4.27 -3.81
N GLY A 63 3.80 -4.25 -5.13
CA GLY A 63 4.70 -5.01 -5.98
C GLY A 63 5.51 -4.11 -6.89
N TYR A 64 6.83 -4.22 -6.81
CA TYR A 64 7.74 -3.42 -7.63
C TYR A 64 8.83 -4.28 -8.23
N GLY A 65 9.31 -3.87 -9.42
CA GLY A 65 10.36 -4.61 -10.08
C GLY A 65 10.54 -4.19 -11.53
N ILE A 66 11.75 -4.37 -12.05
CA ILE A 66 12.04 -4.00 -13.43
C ILE A 66 11.37 -4.96 -14.41
N GLY A 67 10.17 -4.59 -14.86
CA GLY A 67 9.44 -5.43 -15.79
C GLY A 67 8.19 -6.02 -15.18
N SER A 68 8.30 -6.47 -13.94
CA SER A 68 7.16 -7.08 -13.24
C SER A 68 7.24 -6.81 -11.75
N PRO A 69 6.07 -6.55 -11.13
CA PRO A 69 5.98 -6.28 -9.69
C PRO A 69 6.28 -7.51 -8.85
N HIS A 70 6.58 -8.62 -9.51
CA HIS A 70 6.89 -9.87 -8.82
C HIS A 70 8.26 -9.80 -8.15
N ALA A 71 9.20 -9.14 -8.82
CA ALA A 71 10.55 -8.99 -8.29
C ALA A 71 10.54 -8.89 -6.77
N GLN A 72 9.83 -7.88 -6.26
CA GLN A 72 9.75 -7.66 -4.82
C GLN A 72 8.31 -7.38 -4.40
N THR A 73 7.99 -7.69 -3.15
CA THR A 73 6.65 -7.47 -2.63
C THR A 73 6.69 -6.99 -1.18
N ILE A 74 6.02 -5.88 -0.90
CA ILE A 74 5.99 -5.32 0.44
C ILE A 74 4.56 -4.97 0.85
N LYS A 75 4.02 -5.72 1.81
CA LYS A 75 2.67 -5.48 2.30
C LYS A 75 2.69 -4.95 3.73
N VAL A 76 2.00 -3.84 3.95
CA VAL A 76 1.94 -3.23 5.27
C VAL A 76 0.54 -3.33 5.86
N ASP A 77 0.36 -2.78 7.06
CA ASP A 77 -0.93 -2.82 7.74
C ASP A 77 -1.94 -1.93 7.01
N TYR A 78 -3.11 -1.78 7.61
CA TYR A 78 -4.17 -0.96 7.02
C TYR A 78 -3.99 0.50 7.38
N LYS A 79 -3.18 0.75 8.41
CA LYS A 79 -2.91 2.12 8.86
C LYS A 79 -1.73 2.72 8.11
N GLN A 80 -1.65 2.43 6.81
CA GLN A 80 -0.56 2.94 5.98
C GLN A 80 -1.12 3.64 4.75
N ARG A 81 -0.95 4.96 4.71
CA ARG A 81 -1.44 5.75 3.58
C ARG A 81 -0.54 5.58 2.36
N TYR A 82 0.77 5.51 2.61
CA TYR A 82 1.74 5.34 1.52
C TYR A 82 2.99 4.65 2.04
N TYR A 83 3.92 4.37 1.12
CA TYR A 83 5.17 3.71 1.47
C TYR A 83 6.34 4.29 0.67
N THR A 84 7.44 4.57 1.37
CA THR A 84 8.62 5.13 0.74
C THR A 84 9.62 4.04 0.38
N ILE A 85 9.59 3.60 -0.88
CA ILE A 85 10.49 2.55 -1.34
C ILE A 85 11.87 3.11 -1.66
N GLU A 86 12.79 2.98 -0.71
CA GLU A 86 14.14 3.48 -0.87
C GLU A 86 15.09 2.36 -1.27
N ASN A 87 16.31 2.72 -1.64
CA ASN A 87 17.32 1.73 -2.04
C ASN A 87 16.99 1.14 -3.40
N LEU A 88 16.62 2.02 -4.35
CA LEU A 88 16.29 1.58 -5.69
C LEU A 88 17.32 2.09 -6.70
N ASP A 89 17.33 1.48 -7.88
CA ASP A 89 18.26 1.87 -8.94
C ASP A 89 17.71 3.04 -9.75
N PRO A 90 18.41 4.19 -9.70
CA PRO A 90 18.01 5.40 -10.42
C PRO A 90 18.17 5.25 -11.93
N SER A 91 17.42 6.04 -12.68
CA SER A 91 17.47 5.99 -14.14
C SER A 91 16.94 4.66 -14.66
N SER A 92 15.72 4.32 -14.27
CA SER A 92 15.10 3.08 -14.70
C SER A 92 13.60 3.09 -14.39
N HIS A 93 12.83 2.41 -15.24
CA HIS A 93 11.38 2.34 -15.07
C HIS A 93 11.01 1.24 -14.08
N TYR A 94 10.02 1.52 -13.23
CA TYR A 94 9.56 0.56 -12.24
C TYR A 94 8.04 0.42 -12.27
N VAL A 95 7.57 -0.82 -12.24
CA VAL A 95 6.14 -1.09 -12.26
C VAL A 95 5.61 -1.37 -10.86
N ILE A 96 4.83 -0.43 -10.33
CA ILE A 96 4.26 -0.57 -9.00
C ILE A 96 2.84 -1.12 -9.06
N THR A 97 2.52 -2.03 -8.15
CA THR A 97 1.20 -2.64 -8.10
C THR A 97 0.68 -2.71 -6.67
N LEU A 98 -0.57 -2.32 -6.48
CA LEU A 98 -1.19 -2.34 -5.17
C LEU A 98 -2.48 -3.15 -5.18
N LYS A 99 -2.71 -3.90 -4.10
CA LYS A 99 -3.91 -4.72 -3.98
C LYS A 99 -4.32 -4.89 -2.51
N ALA A 100 -5.62 -4.84 -2.27
CA ALA A 100 -6.14 -4.99 -0.92
C ALA A 100 -6.40 -6.46 -0.58
N PHE A 101 -5.93 -6.89 0.59
CA PHE A 101 -6.11 -8.26 1.02
C PHE A 101 -6.57 -8.32 2.47
N ASN A 102 -7.44 -9.27 2.78
CA ASN A 102 -7.96 -9.43 4.13
C ASN A 102 -7.82 -10.88 4.61
N ASN A 103 -8.35 -11.16 5.79
CA ASN A 103 -8.28 -12.51 6.35
C ASN A 103 -8.74 -13.54 5.34
N VAL A 104 -9.62 -13.13 4.43
CA VAL A 104 -10.14 -14.02 3.41
C VAL A 104 -9.14 -14.20 2.26
N GLY A 105 -8.64 -13.08 1.75
CA GLY A 105 -7.68 -13.13 0.66
C GLY A 105 -7.52 -11.79 -0.03
N GLU A 106 -6.88 -11.80 -1.19
CA GLU A 106 -6.65 -10.58 -1.95
C GLU A 106 -7.56 -10.52 -3.18
N GLY A 107 -7.65 -9.35 -3.78
CA GLY A 107 -8.48 -9.18 -4.97
C GLY A 107 -7.67 -8.99 -6.24
N ILE A 108 -7.94 -7.90 -6.94
CA ILE A 108 -7.22 -7.60 -8.18
C ILE A 108 -6.30 -6.40 -8.00
N PRO A 109 -5.00 -6.60 -8.24
CA PRO A 109 -3.99 -5.55 -8.11
C PRO A 109 -4.11 -4.50 -9.21
N LEU A 110 -3.37 -3.41 -9.07
CA LEU A 110 -3.39 -2.33 -10.05
C LEU A 110 -2.08 -2.27 -10.83
N TYR A 111 -2.01 -1.35 -11.78
CA TYR A 111 -0.81 -1.19 -12.60
C TYR A 111 -0.46 0.29 -12.76
N GLU A 112 0.80 0.63 -12.49
CA GLU A 112 1.26 2.00 -12.60
C GLU A 112 2.66 2.05 -13.21
N SER A 113 3.18 3.26 -13.40
CA SER A 113 4.51 3.44 -13.97
C SER A 113 5.25 4.58 -13.27
N ALA A 114 6.56 4.40 -13.09
CA ALA A 114 7.38 5.41 -12.43
C ALA A 114 8.85 5.26 -12.83
N VAL A 115 9.39 6.29 -13.47
CA VAL A 115 10.78 6.28 -13.91
C VAL A 115 11.66 7.06 -12.95
N THR A 116 12.39 6.35 -12.11
CA THR A 116 13.27 6.97 -11.13
C THR A 116 14.11 8.06 -11.78
N ARG A 117 14.17 9.23 -11.14
CA ARG A 117 14.95 10.35 -11.66
C ARG A 117 16.41 9.96 -11.86
N PRO A 118 17.09 10.66 -12.77
CA PRO A 118 18.51 10.41 -13.07
C PRO A 118 19.42 10.82 -11.92
N HIS A 119 20.04 9.85 -11.27
CA HIS A 119 20.94 10.11 -10.15
C HIS A 119 22.25 10.70 -10.66
N THR A 120 22.98 9.93 -11.47
CA THR A 120 24.25 10.37 -12.01
C THR A 120 24.07 11.07 -13.35
N SER A 121 22.98 11.83 -13.47
CA SER A 121 22.69 12.56 -14.70
C SER A 121 23.98 13.03 -15.38
N GLY A 122 24.86 13.66 -14.60
CA GLY A 122 26.11 14.14 -15.14
C GLY A 122 27.10 14.51 -14.06
N PRO A 123 28.34 14.83 -14.46
CA PRO A 123 29.41 15.20 -13.54
C PRO A 123 29.17 16.56 -12.89
N SER A 124 28.30 17.36 -13.51
CA SER A 124 27.98 18.68 -13.00
C SER A 124 27.21 18.60 -11.69
N SER A 125 27.43 19.57 -10.82
CA SER A 125 26.76 19.60 -9.52
C SER A 125 26.04 20.92 -9.31
N GLY A 126 24.84 20.85 -8.74
CA GLY A 126 24.06 22.06 -8.50
C GLY A 126 23.87 22.34 -7.02
N GLY A 1 21.36 20.17 3.54
CA GLY A 1 20.02 19.65 3.74
C GLY A 1 19.73 19.34 5.20
N SER A 2 18.44 19.26 5.53
CA SER A 2 18.02 18.99 6.90
C SER A 2 16.51 18.81 6.98
N SER A 3 16.07 18.00 7.95
CA SER A 3 14.65 17.74 8.13
C SER A 3 14.30 17.65 9.61
N GLY A 4 13.01 17.51 9.90
CA GLY A 4 12.57 17.42 11.29
C GLY A 4 11.09 17.12 11.40
N SER A 5 10.72 15.86 11.24
CA SER A 5 9.32 15.45 11.33
C SER A 5 9.14 14.34 12.36
N SER A 6 8.12 14.50 13.21
CA SER A 6 7.84 13.51 14.25
C SER A 6 6.45 13.74 14.85
N GLY A 7 5.91 12.69 15.47
CA GLY A 7 4.60 12.80 16.07
C GLY A 7 4.56 12.22 17.48
N PRO A 8 5.04 13.01 18.46
CA PRO A 8 5.06 12.59 19.86
C PRO A 8 3.67 12.51 20.47
N ALA A 9 2.66 12.90 19.69
CA ALA A 9 1.28 12.87 20.15
C ALA A 9 0.77 11.44 20.25
N THR A 10 0.91 10.85 21.43
CA THR A 10 0.46 9.48 21.65
C THR A 10 -0.65 9.43 22.70
N ASP A 11 -1.57 10.38 22.62
CA ASP A 11 -2.68 10.45 23.56
C ASP A 11 -3.96 9.89 22.93
N TRP A 12 -4.16 8.58 23.08
CA TRP A 12 -5.34 7.92 22.52
C TRP A 12 -6.00 7.03 23.57
N LEU A 13 -6.91 7.60 24.34
CA LEU A 13 -7.62 6.85 25.37
C LEU A 13 -8.91 6.26 24.82
N SER A 14 -9.55 7.00 23.91
CA SER A 14 -10.80 6.54 23.32
C SER A 14 -10.59 5.27 22.51
N ALA A 15 -10.82 4.12 23.14
CA ALA A 15 -10.65 2.83 22.48
C ALA A 15 -12.01 2.18 22.21
N GLU A 16 -12.55 2.42 21.03
CA GLU A 16 -13.84 1.86 20.65
C GLU A 16 -13.73 1.10 19.32
N THR A 17 -14.45 -0.02 19.23
CA THR A 17 -14.44 -0.84 18.02
C THR A 17 -15.75 -0.72 17.26
N PHE A 18 -15.71 -0.07 16.11
CA PHE A 18 -16.90 0.11 15.28
C PHE A 18 -16.94 -0.90 14.15
N GLU A 19 -16.61 -2.16 14.48
CA GLU A 19 -16.61 -3.23 13.49
C GLU A 19 -17.67 -4.26 13.80
N SER A 20 -18.79 -3.82 14.37
CA SER A 20 -19.88 -4.72 14.73
C SER A 20 -20.77 -5.00 13.53
N ASP A 21 -20.80 -4.07 12.59
CA ASP A 21 -21.61 -4.22 11.39
C ASP A 21 -20.82 -3.82 10.14
N LEU A 22 -20.17 -4.80 9.52
CA LEU A 22 -19.38 -4.55 8.32
C LEU A 22 -19.39 -5.76 7.40
N ASP A 23 -19.06 -5.55 6.13
CA ASP A 23 -19.03 -6.62 5.15
C ASP A 23 -17.59 -7.08 4.89
N GLU A 24 -17.08 -7.94 5.76
CA GLU A 24 -15.72 -8.45 5.63
C GLU A 24 -15.71 -9.76 4.85
N THR A 25 -16.77 -10.54 5.00
CA THR A 25 -16.89 -11.83 4.32
C THR A 25 -16.41 -11.71 2.88
N ARG A 26 -16.44 -10.51 2.33
CA ARG A 26 -16.01 -10.27 0.96
C ARG A 26 -14.69 -9.51 0.92
N VAL A 27 -13.81 -9.90 0.01
CA VAL A 27 -12.51 -9.26 -0.13
C VAL A 27 -12.66 -7.83 -0.65
N PRO A 28 -11.75 -6.94 -0.21
CA PRO A 28 -11.76 -5.53 -0.64
C PRO A 28 -11.37 -5.37 -2.10
N GLU A 29 -12.37 -5.23 -2.97
CA GLU A 29 -12.13 -5.06 -4.40
C GLU A 29 -11.09 -3.97 -4.64
N VAL A 30 -10.58 -3.93 -5.87
CA VAL A 30 -9.57 -2.94 -6.24
C VAL A 30 -9.87 -1.58 -5.60
N PRO A 31 -8.82 -0.93 -5.07
CA PRO A 31 -8.95 0.38 -4.43
C PRO A 31 -9.27 1.49 -5.43
N SER A 32 -9.72 2.63 -4.92
CA SER A 32 -10.06 3.76 -5.77
C SER A 32 -8.99 3.99 -6.83
N SER A 33 -7.73 4.01 -6.38
CA SER A 33 -6.61 4.23 -7.29
C SER A 33 -5.29 4.08 -6.56
N LEU A 34 -4.20 4.31 -7.27
CA LEU A 34 -2.85 4.20 -6.69
C LEU A 34 -1.89 5.15 -7.39
N HIS A 35 -1.42 6.15 -6.67
CA HIS A 35 -0.47 7.12 -7.21
C HIS A 35 0.96 6.78 -6.80
N VAL A 36 1.91 7.06 -7.70
CA VAL A 36 3.31 6.78 -7.44
C VAL A 36 4.19 7.94 -7.88
N ARG A 37 5.16 8.30 -7.04
CA ARG A 37 6.07 9.40 -7.35
C ARG A 37 7.51 8.89 -7.44
N PRO A 38 8.06 8.89 -8.67
CA PRO A 38 9.43 8.44 -8.92
C PRO A 38 10.47 9.39 -8.34
N LEU A 39 11.32 8.88 -7.47
CA LEU A 39 12.36 9.68 -6.84
C LEU A 39 13.74 9.21 -7.27
N VAL A 40 14.72 10.11 -7.22
CA VAL A 40 16.08 9.79 -7.60
C VAL A 40 16.38 8.31 -7.38
N THR A 41 16.44 7.90 -6.13
CA THR A 41 16.72 6.51 -5.78
C THR A 41 15.56 5.90 -5.00
N SER A 42 14.52 6.69 -4.77
CA SER A 42 13.35 6.23 -4.03
C SER A 42 12.09 6.34 -4.88
N ILE A 43 10.95 5.97 -4.29
CA ILE A 43 9.69 6.03 -5.00
C ILE A 43 8.51 6.06 -4.02
N VAL A 44 7.91 7.23 -3.87
CA VAL A 44 6.78 7.39 -2.97
C VAL A 44 5.52 6.72 -3.52
N VAL A 45 5.06 5.68 -2.85
CA VAL A 45 3.88 4.95 -3.28
C VAL A 45 2.69 5.24 -2.36
N SER A 46 1.80 6.11 -2.82
CA SER A 46 0.62 6.48 -2.04
C SER A 46 -0.64 5.85 -2.62
N TRP A 47 -1.40 5.18 -1.78
CA TRP A 47 -2.64 4.53 -2.21
C TRP A 47 -3.81 4.98 -1.36
N THR A 48 -5.01 4.49 -1.70
CA THR A 48 -6.21 4.83 -0.96
C THR A 48 -7.14 3.63 -0.83
N PRO A 49 -7.96 3.64 0.24
CA PRO A 49 -8.91 2.56 0.51
C PRO A 49 -10.06 2.52 -0.51
N PRO A 50 -10.73 1.37 -0.61
CA PRO A 50 -11.86 1.18 -1.52
C PRO A 50 -13.08 1.97 -1.10
N GLU A 51 -13.69 2.67 -2.06
CA GLU A 51 -14.89 3.47 -1.79
C GLU A 51 -15.80 2.76 -0.80
N ASN A 52 -15.92 1.45 -0.95
CA ASN A 52 -16.77 0.65 -0.07
C ASN A 52 -16.08 0.39 1.26
N GLN A 53 -15.79 1.46 1.99
CA GLN A 53 -15.13 1.34 3.29
C GLN A 53 -15.76 0.23 4.13
N ASN A 54 -17.04 -0.01 3.91
CA ASN A 54 -17.76 -1.05 4.64
C ASN A 54 -16.96 -2.34 4.69
N ILE A 55 -16.26 -2.63 3.59
CA ILE A 55 -15.45 -3.84 3.51
C ILE A 55 -14.17 -3.70 4.35
N VAL A 56 -14.00 -4.61 5.30
CA VAL A 56 -12.82 -4.60 6.16
C VAL A 56 -11.54 -4.73 5.35
N VAL A 57 -10.47 -4.09 5.82
CA VAL A 57 -9.19 -4.14 5.14
C VAL A 57 -8.05 -4.35 6.13
N ARG A 58 -7.42 -5.52 6.06
CA ARG A 58 -6.31 -5.83 6.96
C ARG A 58 -5.03 -5.15 6.51
N GLY A 59 -4.79 -5.16 5.20
CA GLY A 59 -3.59 -4.54 4.66
C GLY A 59 -3.50 -4.68 3.14
N TYR A 60 -2.40 -4.19 2.57
CA TYR A 60 -2.20 -4.26 1.13
C TYR A 60 -0.85 -4.89 0.81
N ALA A 61 -0.61 -5.13 -0.48
CA ALA A 61 0.66 -5.72 -0.92
C ALA A 61 1.23 -4.94 -2.10
N ILE A 62 2.35 -4.28 -1.87
CA ILE A 62 3.01 -3.49 -2.91
C ILE A 62 4.12 -4.30 -3.58
N GLY A 63 4.04 -4.45 -4.89
CA GLY A 63 5.04 -5.19 -5.62
C GLY A 63 5.73 -4.35 -6.69
N TYR A 64 7.06 -4.32 -6.67
CA TYR A 64 7.82 -3.54 -7.63
C TYR A 64 8.77 -4.44 -8.42
N GLY A 65 9.22 -3.96 -9.57
CA GLY A 65 10.13 -4.73 -10.39
C GLY A 65 10.22 -4.20 -11.81
N ILE A 66 11.43 -3.83 -12.23
CA ILE A 66 11.65 -3.30 -13.57
C ILE A 66 10.96 -4.17 -14.62
N GLY A 67 10.07 -3.56 -15.40
CA GLY A 67 9.36 -4.29 -16.44
C GLY A 67 8.21 -5.11 -15.88
N SER A 68 8.47 -5.82 -14.79
CA SER A 68 7.44 -6.65 -14.17
C SER A 68 7.50 -6.54 -12.65
N PRO A 69 6.34 -6.28 -12.03
CA PRO A 69 6.23 -6.14 -10.57
C PRO A 69 6.45 -7.47 -9.84
N HIS A 70 6.70 -8.53 -10.61
CA HIS A 70 6.93 -9.85 -10.04
C HIS A 70 8.37 -9.99 -9.55
N ALA A 71 8.83 -9.00 -8.78
CA ALA A 71 10.19 -9.02 -8.26
C ALA A 71 10.17 -9.10 -6.73
N GLN A 72 9.48 -8.15 -6.10
CA GLN A 72 9.40 -8.11 -4.65
C GLN A 72 7.98 -7.77 -4.19
N THR A 73 7.72 -7.96 -2.90
CA THR A 73 6.41 -7.67 -2.34
C THR A 73 6.52 -7.07 -0.95
N ILE A 74 5.74 -6.03 -0.68
CA ILE A 74 5.76 -5.38 0.62
C ILE A 74 4.35 -5.31 1.22
N LYS A 75 4.16 -6.00 2.33
CA LYS A 75 2.88 -6.02 3.01
C LYS A 75 2.88 -5.08 4.22
N VAL A 76 2.03 -4.06 4.17
CA VAL A 76 1.93 -3.09 5.26
C VAL A 76 0.54 -3.08 5.86
N ASP A 77 0.40 -2.43 7.01
CA ASP A 77 -0.88 -2.35 7.69
C ASP A 77 -1.77 -1.30 7.04
N TYR A 78 -3.06 -1.32 7.37
CA TYR A 78 -4.01 -0.38 6.81
C TYR A 78 -3.60 1.06 7.11
N LYS A 79 -3.22 1.31 8.36
CA LYS A 79 -2.79 2.65 8.77
C LYS A 79 -1.86 3.26 7.74
N GLN A 80 -0.87 2.48 7.30
CA GLN A 80 0.09 2.95 6.31
C GLN A 80 -0.62 3.50 5.08
N ARG A 81 -0.51 4.81 4.87
CA ARG A 81 -1.14 5.46 3.73
C ARG A 81 -0.30 5.29 2.47
N TYR A 82 1.01 5.38 2.63
CA TYR A 82 1.93 5.24 1.50
C TYR A 82 3.20 4.50 1.93
N TYR A 83 4.07 4.23 0.95
CA TYR A 83 5.31 3.53 1.22
C TYR A 83 6.46 4.14 0.42
N THR A 84 7.57 4.41 1.10
CA THR A 84 8.74 4.99 0.45
C THR A 84 9.77 3.92 0.11
N ILE A 85 9.69 3.42 -1.11
CA ILE A 85 10.62 2.39 -1.57
C ILE A 85 12.01 2.96 -1.80
N GLU A 86 12.98 2.51 -1.00
CA GLU A 86 14.35 2.99 -1.12
C GLU A 86 15.26 1.86 -1.61
N ASN A 87 16.52 2.22 -1.90
CA ASN A 87 17.49 1.25 -2.38
C ASN A 87 17.16 0.77 -3.79
N LEU A 88 16.88 1.73 -4.67
CA LEU A 88 16.54 1.42 -6.06
C LEU A 88 17.57 2.00 -7.02
N ASP A 89 17.48 1.62 -8.29
CA ASP A 89 18.40 2.11 -9.30
C ASP A 89 17.81 3.30 -10.04
N PRO A 90 18.49 4.45 -9.97
CA PRO A 90 18.05 5.69 -10.62
C PRO A 90 18.15 5.61 -12.14
N SER A 91 17.31 6.37 -12.83
CA SER A 91 17.31 6.39 -14.29
C SER A 91 16.79 5.06 -14.84
N SER A 92 15.66 4.60 -14.29
CA SER A 92 15.05 3.35 -14.73
C SER A 92 13.56 3.32 -14.40
N HIS A 93 12.79 2.68 -15.25
CA HIS A 93 11.35 2.57 -15.04
C HIS A 93 11.02 1.48 -14.02
N TYR A 94 10.10 1.79 -13.11
CA TYR A 94 9.71 0.84 -12.08
C TYR A 94 8.19 0.71 -12.01
N VAL A 95 7.69 -0.48 -12.28
CA VAL A 95 6.25 -0.73 -12.24
C VAL A 95 5.79 -1.12 -10.83
N ILE A 96 4.96 -0.28 -10.24
CA ILE A 96 4.44 -0.53 -8.90
C ILE A 96 3.00 -1.01 -8.94
N THR A 97 2.68 -1.98 -8.09
CA THR A 97 1.34 -2.53 -8.03
C THR A 97 0.79 -2.50 -6.61
N LEU A 98 -0.53 -2.50 -6.49
CA LEU A 98 -1.18 -2.47 -5.18
C LEU A 98 -2.47 -3.28 -5.19
N LYS A 99 -2.61 -4.17 -4.21
CA LYS A 99 -3.80 -5.00 -4.11
C LYS A 99 -4.33 -5.03 -2.68
N ALA A 100 -5.63 -4.80 -2.52
CA ALA A 100 -6.26 -4.79 -1.22
C ALA A 100 -6.65 -6.21 -0.79
N PHE A 101 -6.11 -6.65 0.34
CA PHE A 101 -6.40 -7.99 0.86
C PHE A 101 -6.97 -7.91 2.27
N ASN A 102 -7.55 -9.01 2.72
CA ASN A 102 -8.13 -9.07 4.06
C ASN A 102 -8.10 -10.50 4.60
N ASN A 103 -8.67 -10.69 5.78
CA ASN A 103 -8.71 -12.01 6.41
C ASN A 103 -9.35 -13.03 5.48
N VAL A 104 -10.30 -12.57 4.66
CA VAL A 104 -10.98 -13.45 3.71
C VAL A 104 -10.06 -13.83 2.56
N GLY A 105 -9.43 -12.83 1.96
CA GLY A 105 -8.52 -13.08 0.84
C GLY A 105 -8.00 -11.81 0.23
N GLU A 106 -7.21 -11.95 -0.83
CA GLU A 106 -6.63 -10.80 -1.52
C GLU A 106 -7.59 -10.25 -2.58
N GLY A 107 -7.31 -9.05 -3.06
CA GLY A 107 -8.16 -8.45 -4.07
C GLY A 107 -7.46 -8.28 -5.40
N ILE A 108 -7.95 -7.36 -6.22
CA ILE A 108 -7.36 -7.11 -7.54
C ILE A 108 -6.26 -6.04 -7.45
N PRO A 109 -5.06 -6.41 -7.92
CA PRO A 109 -3.91 -5.50 -7.91
C PRO A 109 -4.06 -4.36 -8.91
N LEU A 110 -3.20 -3.36 -8.78
CA LEU A 110 -3.24 -2.21 -9.67
C LEU A 110 -1.93 -2.08 -10.46
N TYR A 111 -2.01 -1.41 -11.61
CA TYR A 111 -0.84 -1.22 -12.45
C TYR A 111 -0.46 0.26 -12.55
N GLU A 112 0.78 0.58 -12.22
CA GLU A 112 1.25 1.96 -12.28
C GLU A 112 2.65 2.02 -12.88
N SER A 113 3.15 3.24 -13.07
CA SER A 113 4.48 3.44 -13.64
C SER A 113 5.19 4.61 -12.96
N ALA A 114 6.49 4.47 -12.76
CA ALA A 114 7.29 5.51 -12.13
C ALA A 114 8.75 5.45 -12.59
N VAL A 115 9.17 6.46 -13.33
CA VAL A 115 10.54 6.51 -13.83
C VAL A 115 11.42 7.39 -12.95
N THR A 116 12.39 6.77 -12.30
CA THR A 116 13.31 7.48 -11.41
C THR A 116 14.01 8.61 -12.15
N ARG A 117 14.24 9.71 -11.45
CA ARG A 117 14.91 10.87 -12.04
C ARG A 117 16.39 10.58 -12.26
N PRO A 118 17.00 11.32 -13.20
CA PRO A 118 18.42 11.17 -13.53
C PRO A 118 19.34 11.65 -12.40
N HIS A 119 19.78 10.73 -11.56
CA HIS A 119 20.66 11.06 -10.45
C HIS A 119 21.68 12.10 -10.86
N THR A 120 21.73 13.21 -10.13
CA THR A 120 22.67 14.29 -10.42
C THR A 120 24.02 14.05 -9.74
N SER A 121 25.09 14.22 -10.49
CA SER A 121 26.44 14.02 -9.97
C SER A 121 27.01 15.33 -9.44
N GLY A 122 26.94 16.37 -10.25
CA GLY A 122 27.46 17.67 -9.85
C GLY A 122 27.74 18.58 -11.03
N PRO A 123 28.27 19.77 -10.75
CA PRO A 123 28.59 20.77 -11.79
C PRO A 123 29.76 20.32 -12.66
N SER A 124 30.02 21.09 -13.71
CA SER A 124 31.11 20.79 -14.63
C SER A 124 32.37 21.55 -14.25
N SER A 125 33.51 20.86 -14.30
CA SER A 125 34.79 21.47 -13.95
C SER A 125 35.85 21.13 -14.99
N GLY A 126 36.98 21.84 -14.93
CA GLY A 126 38.05 21.59 -15.88
C GLY A 126 39.36 21.25 -15.19
N GLY A 1 -4.40 -44.31 19.17
CA GLY A 1 -3.31 -43.80 20.00
C GLY A 1 -3.68 -43.71 21.47
N SER A 2 -2.81 -43.10 22.25
CA SER A 2 -3.04 -42.96 23.68
C SER A 2 -3.47 -41.53 24.03
N SER A 3 -2.59 -40.57 23.75
CA SER A 3 -2.87 -39.18 24.04
C SER A 3 -3.34 -38.45 22.78
N GLY A 4 -3.70 -37.18 22.94
CA GLY A 4 -4.16 -36.40 21.81
C GLY A 4 -5.08 -35.27 22.23
N SER A 5 -4.60 -34.03 22.10
CA SER A 5 -5.38 -32.87 22.47
C SER A 5 -5.69 -32.01 21.24
N SER A 6 -4.65 -31.48 20.62
CA SER A 6 -4.80 -30.64 19.44
C SER A 6 -5.93 -29.63 19.65
N GLY A 7 -5.99 -29.03 20.83
CA GLY A 7 -7.01 -28.06 21.13
C GLY A 7 -6.47 -26.66 21.28
N PRO A 8 -6.21 -26.00 20.14
CA PRO A 8 -5.68 -24.62 20.13
C PRO A 8 -6.69 -23.60 20.62
N ALA A 9 -6.26 -22.35 20.74
CA ALA A 9 -7.12 -21.28 21.20
C ALA A 9 -6.43 -19.92 21.06
N THR A 10 -7.08 -19.01 20.34
CA THR A 10 -6.54 -17.67 20.13
C THR A 10 -7.56 -16.75 19.48
N ASP A 11 -7.52 -15.47 19.85
CA ASP A 11 -8.45 -14.50 19.30
C ASP A 11 -7.81 -13.11 19.27
N TRP A 12 -7.94 -12.43 18.13
CA TRP A 12 -7.38 -11.10 17.96
C TRP A 12 -8.47 -10.07 17.69
N LEU A 13 -9.27 -10.33 16.66
CA LEU A 13 -10.36 -9.44 16.30
C LEU A 13 -9.96 -7.98 16.50
N SER A 14 -8.75 -7.65 16.07
CA SER A 14 -8.25 -6.28 16.21
C SER A 14 -9.27 -5.27 15.71
N ALA A 15 -10.03 -4.71 16.65
CA ALA A 15 -11.05 -3.71 16.31
C ALA A 15 -11.64 -3.09 17.56
N GLU A 16 -11.79 -1.77 17.54
CA GLU A 16 -12.36 -1.05 18.68
C GLU A 16 -13.80 -0.64 18.41
N THR A 17 -14.71 -1.61 18.49
CA THR A 17 -16.13 -1.35 18.25
C THR A 17 -16.33 -0.45 17.04
N PHE A 18 -15.52 -0.67 16.00
CA PHE A 18 -15.61 0.12 14.79
C PHE A 18 -17.04 0.18 14.27
N GLU A 19 -17.55 -0.96 13.80
CA GLU A 19 -18.90 -1.05 13.27
C GLU A 19 -19.30 -2.50 13.02
N SER A 20 -20.41 -2.91 13.61
CA SER A 20 -20.90 -4.27 13.45
C SER A 20 -21.73 -4.40 12.16
N ASP A 21 -21.33 -3.67 11.14
CA ASP A 21 -22.03 -3.70 9.86
C ASP A 21 -21.06 -3.97 8.72
N LEU A 22 -19.93 -4.59 9.03
CA LEU A 22 -18.92 -4.91 8.04
C LEU A 22 -19.10 -6.33 7.51
N ASP A 23 -18.36 -6.64 6.45
CA ASP A 23 -18.44 -7.97 5.84
C ASP A 23 -17.04 -8.57 5.67
N GLU A 24 -16.86 -9.78 6.19
CA GLU A 24 -15.57 -10.46 6.09
C GLU A 24 -15.72 -11.81 5.39
N THR A 25 -16.72 -11.90 4.51
CA THR A 25 -16.96 -13.13 3.75
C THR A 25 -16.39 -13.04 2.34
N ARG A 26 -16.21 -11.81 1.86
CA ARG A 26 -15.67 -11.59 0.52
C ARG A 26 -14.40 -10.75 0.59
N VAL A 27 -13.57 -10.87 -0.44
CA VAL A 27 -12.32 -10.13 -0.52
C VAL A 27 -12.55 -8.71 -1.05
N PRO A 28 -11.74 -7.76 -0.55
CA PRO A 28 -11.84 -6.35 -0.97
C PRO A 28 -11.37 -6.15 -2.40
N GLU A 29 -12.32 -5.97 -3.31
CA GLU A 29 -11.99 -5.75 -4.72
C GLU A 29 -10.93 -4.66 -4.88
N VAL A 30 -10.59 -4.37 -6.13
CA VAL A 30 -9.59 -3.34 -6.41
C VAL A 30 -9.86 -2.07 -5.61
N PRO A 31 -8.80 -1.46 -5.09
CA PRO A 31 -8.90 -0.22 -4.30
C PRO A 31 -9.28 0.98 -5.15
N SER A 32 -9.64 2.07 -4.49
CA SER A 32 -10.03 3.30 -5.19
C SER A 32 -9.02 3.64 -6.29
N SER A 33 -7.76 3.71 -5.91
CA SER A 33 -6.70 4.05 -6.86
C SER A 33 -5.32 3.83 -6.25
N LEU A 34 -4.28 4.14 -7.00
CA LEU A 34 -2.91 3.99 -6.52
C LEU A 34 -1.97 4.95 -7.24
N HIS A 35 -1.40 5.89 -6.49
CA HIS A 35 -0.49 6.87 -7.05
C HIS A 35 0.95 6.56 -6.65
N VAL A 36 1.88 6.74 -7.59
CA VAL A 36 3.29 6.48 -7.33
C VAL A 36 4.16 7.63 -7.83
N ARG A 37 5.10 8.06 -6.99
CA ARG A 37 6.00 9.15 -7.34
C ARG A 37 7.44 8.67 -7.41
N PRO A 38 7.99 8.59 -8.62
CA PRO A 38 9.37 8.15 -8.84
C PRO A 38 10.39 9.16 -8.35
N LEU A 39 11.31 8.70 -7.51
CA LEU A 39 12.34 9.57 -6.96
C LEU A 39 13.74 9.08 -7.34
N VAL A 40 14.70 9.98 -7.38
CA VAL A 40 16.07 9.64 -7.72
C VAL A 40 16.41 8.22 -7.28
N THR A 41 16.61 8.04 -5.98
CA THR A 41 16.94 6.74 -5.42
C THR A 41 15.83 6.24 -4.51
N SER A 42 14.61 6.71 -4.74
CA SER A 42 13.47 6.31 -3.94
C SER A 42 12.18 6.34 -4.75
N ILE A 43 11.07 5.98 -4.12
CA ILE A 43 9.78 5.97 -4.80
C ILE A 43 8.64 6.06 -3.79
N VAL A 44 7.97 7.21 -3.76
CA VAL A 44 6.85 7.42 -2.84
C VAL A 44 5.57 6.82 -3.40
N VAL A 45 5.27 5.59 -2.99
CA VAL A 45 4.06 4.90 -3.44
C VAL A 45 2.88 5.22 -2.54
N SER A 46 2.03 6.14 -2.97
CA SER A 46 0.85 6.53 -2.21
C SER A 46 -0.42 5.92 -2.81
N TRP A 47 -1.20 5.26 -1.97
CA TRP A 47 -2.44 4.64 -2.41
C TRP A 47 -3.62 5.15 -1.60
N THR A 48 -4.80 4.57 -1.85
CA THR A 48 -6.01 4.97 -1.15
C THR A 48 -6.91 3.77 -0.86
N PRO A 49 -7.78 3.91 0.15
CA PRO A 49 -8.71 2.85 0.55
C PRO A 49 -9.79 2.61 -0.49
N PRO A 50 -10.42 1.42 -0.44
CA PRO A 50 -11.49 1.04 -1.37
C PRO A 50 -12.77 1.84 -1.14
N GLU A 51 -13.23 2.50 -2.19
CA GLU A 51 -14.46 3.30 -2.10
C GLU A 51 -15.45 2.67 -1.14
N ASN A 52 -15.55 1.34 -1.18
CA ASN A 52 -16.47 0.61 -0.32
C ASN A 52 -15.80 0.26 1.01
N GLN A 53 -16.46 0.63 2.10
CA GLN A 53 -15.93 0.36 3.43
C GLN A 53 -16.55 -0.90 4.02
N ASN A 54 -17.83 -1.12 3.72
CA ASN A 54 -18.54 -2.29 4.22
C ASN A 54 -17.63 -3.52 4.23
N ILE A 55 -16.65 -3.53 3.33
CA ILE A 55 -15.71 -4.64 3.24
C ILE A 55 -14.62 -4.54 4.30
N VAL A 56 -14.31 -5.67 4.92
CA VAL A 56 -13.29 -5.71 5.96
C VAL A 56 -11.89 -5.77 5.36
N VAL A 57 -11.13 -4.69 5.54
CA VAL A 57 -9.76 -4.63 5.02
C VAL A 57 -8.73 -4.83 6.12
N ARG A 58 -7.79 -5.73 5.88
CA ARG A 58 -6.75 -6.02 6.86
C ARG A 58 -5.45 -5.32 6.48
N GLY A 59 -5.07 -5.41 5.21
CA GLY A 59 -3.85 -4.78 4.75
C GLY A 59 -3.72 -4.81 3.24
N TYR A 60 -2.72 -4.11 2.73
CA TYR A 60 -2.49 -4.06 1.29
C TYR A 60 -1.07 -4.54 0.95
N ALA A 61 -0.86 -4.84 -0.33
CA ALA A 61 0.44 -5.31 -0.79
C ALA A 61 1.02 -4.38 -1.86
N ILE A 62 2.32 -4.18 -1.82
CA ILE A 62 3.00 -3.31 -2.78
C ILE A 62 4.08 -4.07 -3.55
N GLY A 63 3.78 -4.40 -4.80
CA GLY A 63 4.74 -5.12 -5.62
C GLY A 63 5.40 -4.24 -6.65
N TYR A 64 6.73 -4.20 -6.66
CA TYR A 64 7.47 -3.39 -7.60
C TYR A 64 8.50 -4.23 -8.36
N GLY A 65 9.01 -3.69 -9.46
CA GLY A 65 9.99 -4.40 -10.25
C GLY A 65 9.96 -4.00 -11.71
N ILE A 66 11.13 -3.72 -12.27
CA ILE A 66 11.23 -3.31 -13.67
C ILE A 66 10.74 -4.42 -14.60
N GLY A 67 9.97 -4.04 -15.60
CA GLY A 67 9.45 -5.02 -16.55
C GLY A 67 8.23 -5.76 -16.02
N SER A 68 8.29 -6.18 -14.76
CA SER A 68 7.19 -6.90 -14.14
C SER A 68 7.27 -6.80 -12.62
N PRO A 69 6.10 -6.61 -11.98
CA PRO A 69 6.01 -6.49 -10.52
C PRO A 69 6.30 -7.82 -9.82
N HIS A 70 6.59 -8.85 -10.60
CA HIS A 70 6.89 -10.16 -10.05
C HIS A 70 8.35 -10.25 -9.59
N ALA A 71 8.83 -9.19 -8.95
CA ALA A 71 10.20 -9.14 -8.46
C ALA A 71 10.24 -9.02 -6.94
N GLN A 72 9.80 -7.86 -6.44
CA GLN A 72 9.80 -7.61 -5.01
C GLN A 72 8.45 -7.06 -4.56
N THR A 73 8.04 -7.42 -3.34
CA THR A 73 6.77 -6.96 -2.80
C THR A 73 6.88 -6.67 -1.31
N ILE A 74 6.04 -5.76 -0.82
CA ILE A 74 6.04 -5.40 0.60
C ILE A 74 4.62 -5.25 1.13
N LYS A 75 4.27 -6.08 2.10
CA LYS A 75 2.95 -6.05 2.71
C LYS A 75 2.97 -5.28 4.02
N VAL A 76 2.19 -4.21 4.09
CA VAL A 76 2.12 -3.39 5.30
C VAL A 76 0.68 -3.24 5.78
N ASP A 77 0.52 -2.77 7.02
CA ASP A 77 -0.81 -2.59 7.60
C ASP A 77 -1.65 -1.65 6.73
N TYR A 78 -2.95 -1.61 7.02
CA TYR A 78 -3.86 -0.75 6.26
C TYR A 78 -3.63 0.72 6.58
N LYS A 79 -3.47 1.02 7.87
CA LYS A 79 -3.24 2.39 8.31
C LYS A 79 -2.27 3.11 7.37
N GLN A 80 -1.21 2.41 6.98
CA GLN A 80 -0.21 2.98 6.08
C GLN A 80 -0.87 3.55 4.83
N ARG A 81 -0.75 4.86 4.66
CA ARG A 81 -1.34 5.54 3.50
C ARG A 81 -0.43 5.42 2.28
N TYR A 82 0.88 5.54 2.52
CA TYR A 82 1.86 5.46 1.44
C TYR A 82 3.12 4.74 1.92
N TYR A 83 3.98 4.39 0.96
CA TYR A 83 5.23 3.70 1.29
C TYR A 83 6.37 4.24 0.44
N THR A 84 7.45 4.65 1.10
CA THR A 84 8.62 5.20 0.42
C THR A 84 9.73 4.15 0.33
N ILE A 85 9.92 3.60 -0.86
CA ILE A 85 10.96 2.60 -1.09
C ILE A 85 12.32 3.25 -1.28
N GLU A 86 13.33 2.70 -0.61
CA GLU A 86 14.69 3.22 -0.71
C GLU A 86 15.63 2.19 -1.31
N ASN A 87 16.91 2.52 -1.35
CA ASN A 87 17.92 1.62 -1.91
C ASN A 87 17.48 1.08 -3.26
N LEU A 88 17.05 1.98 -4.14
CA LEU A 88 16.60 1.62 -5.47
C LEU A 88 17.60 2.07 -6.53
N ASP A 89 17.29 1.77 -7.79
CA ASP A 89 18.16 2.17 -8.90
C ASP A 89 17.49 3.23 -9.76
N PRO A 90 18.18 4.38 -9.91
CA PRO A 90 17.66 5.50 -10.70
C PRO A 90 17.66 5.20 -12.20
N SER A 91 17.22 6.17 -12.99
CA SER A 91 17.17 6.00 -14.44
C SER A 91 16.63 4.62 -14.81
N SER A 92 15.62 4.17 -14.07
CA SER A 92 15.01 2.87 -14.32
C SER A 92 13.51 2.90 -14.08
N HIS A 93 12.75 2.33 -15.01
CA HIS A 93 11.30 2.30 -14.89
C HIS A 93 10.85 1.19 -13.95
N TYR A 94 10.11 1.55 -12.91
CA TYR A 94 9.63 0.58 -11.94
C TYR A 94 8.10 0.47 -12.00
N VAL A 95 7.60 -0.75 -12.09
CA VAL A 95 6.16 -0.99 -12.15
C VAL A 95 5.63 -1.39 -10.78
N ILE A 96 4.89 -0.47 -10.15
CA ILE A 96 4.31 -0.72 -8.84
C ILE A 96 2.88 -1.25 -8.96
N THR A 97 2.53 -2.20 -8.10
CA THR A 97 1.20 -2.78 -8.11
C THR A 97 0.65 -2.90 -6.70
N LEU A 98 -0.56 -2.37 -6.50
CA LEU A 98 -1.22 -2.41 -5.20
C LEU A 98 -2.51 -3.21 -5.26
N LYS A 99 -2.77 -3.98 -4.22
CA LYS A 99 -3.99 -4.79 -4.15
C LYS A 99 -4.49 -4.90 -2.72
N ALA A 100 -5.80 -4.77 -2.53
CA ALA A 100 -6.40 -4.87 -1.21
C ALA A 100 -6.73 -6.32 -0.86
N PHE A 101 -6.30 -6.74 0.33
CA PHE A 101 -6.56 -8.11 0.78
C PHE A 101 -6.95 -8.12 2.26
N ASN A 102 -7.88 -9.00 2.61
CA ASN A 102 -8.35 -9.11 3.99
C ASN A 102 -8.24 -10.56 4.47
N ASN A 103 -8.74 -10.80 5.69
CA ASN A 103 -8.70 -12.14 6.27
C ASN A 103 -9.13 -13.18 5.25
N VAL A 104 -9.97 -12.78 4.30
CA VAL A 104 -10.45 -13.68 3.26
C VAL A 104 -9.39 -13.89 2.19
N GLY A 105 -8.84 -12.80 1.68
CA GLY A 105 -7.83 -12.88 0.64
C GLY A 105 -7.66 -11.59 -0.12
N GLU A 106 -6.86 -11.62 -1.18
CA GLU A 106 -6.61 -10.44 -2.00
C GLU A 106 -7.53 -10.42 -3.22
N GLY A 107 -7.67 -9.25 -3.82
CA GLY A 107 -8.51 -9.13 -5.00
C GLY A 107 -7.71 -8.92 -6.27
N ILE A 108 -8.01 -7.84 -6.98
CA ILE A 108 -7.31 -7.52 -8.22
C ILE A 108 -6.37 -6.34 -8.04
N PRO A 109 -5.07 -6.57 -8.31
CA PRO A 109 -4.05 -5.52 -8.18
C PRO A 109 -4.18 -4.44 -9.25
N LEU A 110 -3.41 -3.37 -9.09
CA LEU A 110 -3.44 -2.27 -10.04
C LEU A 110 -2.13 -2.18 -10.82
N TYR A 111 -2.10 -1.32 -11.83
CA TYR A 111 -0.91 -1.14 -12.65
C TYR A 111 -0.53 0.34 -12.74
N GLU A 112 0.67 0.67 -12.26
CA GLU A 112 1.14 2.05 -12.29
C GLU A 112 2.51 2.13 -12.94
N SER A 113 3.06 3.33 -13.01
CA SER A 113 4.38 3.55 -13.61
C SER A 113 5.17 4.60 -12.84
N ALA A 114 6.48 4.47 -12.86
CA ALA A 114 7.36 5.42 -12.16
C ALA A 114 8.78 5.34 -12.68
N VAL A 115 9.21 6.39 -13.36
CA VAL A 115 10.57 6.43 -13.92
C VAL A 115 11.49 7.26 -13.04
N THR A 116 12.39 6.59 -12.34
CA THR A 116 13.34 7.26 -11.46
C THR A 116 14.28 8.17 -12.25
N ARG A 117 14.38 9.42 -11.82
CA ARG A 117 15.25 10.39 -12.48
C ARG A 117 16.71 9.95 -12.44
N PRO A 118 17.50 10.42 -13.41
CA PRO A 118 18.92 10.08 -13.50
C PRO A 118 19.75 10.71 -12.38
N HIS A 119 20.37 9.88 -11.57
CA HIS A 119 21.18 10.35 -10.46
C HIS A 119 22.40 11.13 -10.98
N THR A 120 22.21 12.43 -11.16
CA THR A 120 23.29 13.28 -11.65
C THR A 120 23.77 14.23 -10.55
N SER A 121 24.89 13.87 -9.92
CA SER A 121 25.45 14.69 -8.86
C SER A 121 24.40 15.03 -7.82
N GLY A 122 23.57 14.04 -7.46
CA GLY A 122 22.53 14.27 -6.49
C GLY A 122 21.81 15.59 -6.68
N PRO A 123 21.24 16.12 -5.60
CA PRO A 123 20.51 17.40 -5.63
C PRO A 123 21.44 18.59 -5.84
N SER A 124 22.73 18.31 -6.01
CA SER A 124 23.72 19.35 -6.21
C SER A 124 23.89 19.65 -7.71
N SER A 125 23.57 20.88 -8.09
CA SER A 125 23.68 21.30 -9.48
C SER A 125 24.79 22.34 -9.66
N GLY A 126 25.46 22.29 -10.81
CA GLY A 126 26.53 23.23 -11.08
C GLY A 126 27.31 23.58 -9.83
N GLY A 1 -36.75 -3.91 54.92
CA GLY A 1 -38.03 -3.91 55.61
C GLY A 1 -38.66 -5.29 55.64
N SER A 2 -39.85 -5.38 56.25
CA SER A 2 -40.56 -6.65 56.34
C SER A 2 -40.68 -7.31 54.98
N SER A 3 -41.09 -6.53 53.97
CA SER A 3 -41.25 -7.04 52.62
C SER A 3 -40.14 -6.52 51.72
N GLY A 4 -39.96 -7.19 50.58
CA GLY A 4 -38.92 -6.79 49.65
C GLY A 4 -39.29 -7.10 48.20
N SER A 5 -38.84 -8.25 47.72
CA SER A 5 -39.11 -8.67 46.35
C SER A 5 -38.53 -7.68 45.35
N SER A 6 -37.32 -7.22 45.63
CA SER A 6 -36.63 -6.27 44.76
C SER A 6 -35.13 -6.25 45.02
N GLY A 7 -34.36 -6.07 43.96
CA GLY A 7 -32.91 -6.05 44.10
C GLY A 7 -32.21 -5.78 42.77
N PRO A 8 -30.95 -6.24 42.67
CA PRO A 8 -30.15 -6.05 41.45
C PRO A 8 -30.67 -6.88 40.29
N ALA A 9 -30.41 -6.40 39.07
CA ALA A 9 -30.85 -7.10 37.87
C ALA A 9 -29.66 -7.64 37.08
N THR A 10 -29.86 -8.78 36.42
CA THR A 10 -28.80 -9.40 35.63
C THR A 10 -28.48 -8.57 34.39
N ASP A 11 -27.19 -8.41 34.10
CA ASP A 11 -26.76 -7.65 32.95
C ASP A 11 -25.72 -8.42 32.14
N TRP A 12 -25.80 -8.32 30.83
CA TRP A 12 -24.87 -9.02 29.94
C TRP A 12 -24.35 -8.08 28.85
N LEU A 13 -23.13 -8.35 28.38
CA LEU A 13 -22.52 -7.53 27.34
C LEU A 13 -21.96 -8.40 26.22
N SER A 14 -21.43 -7.75 25.19
CA SER A 14 -20.87 -8.47 24.04
C SER A 14 -19.35 -8.32 23.99
N ALA A 15 -18.72 -9.04 23.08
CA ALA A 15 -17.27 -8.99 22.92
C ALA A 15 -16.89 -8.87 21.46
N GLU A 16 -17.23 -9.88 20.67
CA GLU A 16 -16.92 -9.88 19.25
C GLU A 16 -17.94 -9.08 18.45
N THR A 17 -17.59 -7.84 18.14
CA THR A 17 -18.49 -6.96 17.40
C THR A 17 -17.70 -6.03 16.48
N PHE A 18 -17.89 -6.17 15.18
CA PHE A 18 -17.20 -5.33 14.21
C PHE A 18 -17.92 -4.00 14.03
N GLU A 19 -17.29 -3.08 13.31
CA GLU A 19 -17.87 -1.77 13.06
C GLU A 19 -19.05 -1.87 12.11
N SER A 20 -20.16 -1.25 12.49
CA SER A 20 -21.37 -1.27 11.68
C SER A 20 -21.53 -2.63 10.99
N ASP A 21 -21.06 -3.67 11.64
CA ASP A 21 -21.15 -5.03 11.09
C ASP A 21 -20.38 -5.13 9.78
N LEU A 22 -19.11 -4.74 9.82
CA LEU A 22 -18.26 -4.79 8.63
C LEU A 22 -18.49 -6.08 7.85
N ASP A 23 -18.19 -6.04 6.55
CA ASP A 23 -18.36 -7.21 5.70
C ASP A 23 -17.06 -7.99 5.58
N GLU A 24 -17.04 -9.21 6.10
CA GLU A 24 -15.86 -10.05 6.04
C GLU A 24 -16.16 -11.38 5.35
N THR A 25 -17.05 -11.34 4.36
CA THR A 25 -17.43 -12.54 3.63
C THR A 25 -16.87 -12.52 2.21
N ARG A 26 -16.36 -11.36 1.80
CA ARG A 26 -15.79 -11.21 0.48
C ARG A 26 -14.50 -10.39 0.52
N VAL A 27 -13.64 -10.59 -0.47
CA VAL A 27 -12.37 -9.88 -0.54
C VAL A 27 -12.57 -8.47 -1.08
N PRO A 28 -11.78 -7.51 -0.56
CA PRO A 28 -11.85 -6.11 -0.98
C PRO A 28 -11.32 -5.90 -2.40
N GLU A 29 -12.25 -5.79 -3.35
CA GLU A 29 -11.87 -5.59 -4.75
C GLU A 29 -10.88 -4.44 -4.89
N VAL A 30 -10.39 -4.23 -6.11
CA VAL A 30 -9.43 -3.16 -6.38
C VAL A 30 -9.81 -1.89 -5.63
N PRO A 31 -8.80 -1.22 -5.04
CA PRO A 31 -9.00 0.02 -4.29
C PRO A 31 -9.37 1.19 -5.19
N SER A 32 -9.73 2.31 -4.58
CA SER A 32 -10.11 3.50 -5.32
C SER A 32 -9.09 3.82 -6.41
N SER A 33 -7.81 3.81 -6.03
CA SER A 33 -6.73 4.09 -6.97
C SER A 33 -5.37 3.89 -6.31
N LEU A 34 -4.31 4.20 -7.05
CA LEU A 34 -2.96 4.04 -6.54
C LEU A 34 -1.99 5.00 -7.25
N HIS A 35 -1.45 5.95 -6.50
CA HIS A 35 -0.52 6.93 -7.05
C HIS A 35 0.91 6.62 -6.60
N VAL A 36 1.87 6.93 -7.46
CA VAL A 36 3.28 6.69 -7.16
C VAL A 36 4.14 7.87 -7.58
N ARG A 37 5.10 8.23 -6.74
CA ARG A 37 6.00 9.34 -7.03
C ARG A 37 7.44 8.85 -7.19
N PRO A 38 7.93 8.87 -8.43
CA PRO A 38 9.30 8.43 -8.74
C PRO A 38 10.35 9.40 -8.21
N LEU A 39 11.27 8.88 -7.40
CA LEU A 39 12.33 9.71 -6.82
C LEU A 39 13.70 9.21 -7.26
N VAL A 40 14.69 10.10 -7.26
CA VAL A 40 16.03 9.75 -7.66
C VAL A 40 16.35 8.29 -7.34
N THR A 41 16.54 8.01 -6.05
CA THR A 41 16.83 6.65 -5.61
C THR A 41 15.74 6.12 -4.69
N SER A 42 14.53 6.65 -4.85
CA SER A 42 13.40 6.23 -4.04
C SER A 42 12.09 6.34 -4.82
N ILE A 43 10.99 5.97 -4.17
CA ILE A 43 9.68 6.03 -4.81
C ILE A 43 8.57 6.07 -3.77
N VAL A 44 7.95 7.23 -3.62
CA VAL A 44 6.87 7.40 -2.66
C VAL A 44 5.56 6.82 -3.20
N VAL A 45 5.31 5.56 -2.87
CA VAL A 45 4.09 4.89 -3.31
C VAL A 45 2.91 5.22 -2.41
N SER A 46 2.02 6.09 -2.88
CA SER A 46 0.86 6.49 -2.11
C SER A 46 -0.42 5.88 -2.70
N TRP A 47 -1.16 5.16 -1.87
CA TRP A 47 -2.40 4.53 -2.31
C TRP A 47 -3.58 5.02 -1.48
N THR A 48 -4.78 4.58 -1.85
CA THR A 48 -5.99 4.98 -1.14
C THR A 48 -6.88 3.78 -0.85
N PRO A 49 -7.73 3.90 0.17
CA PRO A 49 -8.66 2.84 0.57
C PRO A 49 -9.76 2.61 -0.47
N PRO A 50 -10.39 1.42 -0.41
CA PRO A 50 -11.47 1.06 -1.33
C PRO A 50 -12.74 1.85 -1.07
N GLU A 51 -13.24 2.52 -2.12
CA GLU A 51 -14.45 3.32 -2.00
C GLU A 51 -15.45 2.66 -1.06
N ASN A 52 -15.52 1.34 -1.11
CA ASN A 52 -16.44 0.58 -0.26
C ASN A 52 -15.77 0.23 1.07
N GLN A 53 -16.01 1.07 2.08
CA GLN A 53 -15.43 0.85 3.40
C GLN A 53 -16.07 -0.36 4.07
N ASN A 54 -17.38 -0.50 3.91
CA ASN A 54 -18.12 -1.62 4.50
C ASN A 54 -17.28 -2.89 4.48
N ILE A 55 -16.57 -3.10 3.37
CA ILE A 55 -15.73 -4.28 3.22
C ILE A 55 -14.52 -4.22 4.15
N VAL A 56 -14.19 -5.35 4.76
CA VAL A 56 -13.05 -5.43 5.67
C VAL A 56 -11.73 -5.40 4.90
N VAL A 57 -10.77 -4.62 5.41
CA VAL A 57 -9.47 -4.50 4.78
C VAL A 57 -8.36 -4.59 5.81
N ARG A 58 -7.54 -5.64 5.71
CA ARG A 58 -6.43 -5.85 6.63
C ARG A 58 -5.21 -5.04 6.20
N GLY A 59 -4.88 -5.11 4.92
CA GLY A 59 -3.73 -4.39 4.40
C GLY A 59 -3.65 -4.44 2.89
N TYR A 60 -2.51 -4.02 2.35
CA TYR A 60 -2.32 -4.01 0.90
C TYR A 60 -0.91 -4.49 0.55
N ALA A 61 -0.80 -5.20 -0.57
CA ALA A 61 0.49 -5.72 -1.02
C ALA A 61 1.05 -4.88 -2.17
N ILE A 62 2.20 -4.26 -1.94
CA ILE A 62 2.83 -3.43 -2.96
C ILE A 62 3.86 -4.23 -3.76
N GLY A 63 3.73 -4.19 -5.08
CA GLY A 63 4.65 -4.91 -5.94
C GLY A 63 5.42 -3.99 -6.86
N TYR A 64 6.74 -4.00 -6.74
CA TYR A 64 7.59 -3.14 -7.56
C TYR A 64 8.70 -3.96 -8.22
N GLY A 65 9.15 -3.52 -9.38
CA GLY A 65 10.20 -4.23 -10.09
C GLY A 65 10.29 -3.81 -11.55
N ILE A 66 11.51 -3.58 -12.02
CA ILE A 66 11.73 -3.18 -13.40
C ILE A 66 11.17 -4.21 -14.37
N GLY A 67 10.22 -3.78 -15.21
CA GLY A 67 9.62 -4.68 -16.17
C GLY A 67 8.40 -5.39 -15.61
N SER A 68 8.57 -6.04 -14.46
CA SER A 68 7.48 -6.77 -13.83
C SER A 68 7.52 -6.59 -12.31
N PRO A 69 6.32 -6.41 -11.71
CA PRO A 69 6.18 -6.21 -10.27
C PRO A 69 6.51 -7.48 -9.48
N HIS A 70 6.87 -8.54 -10.20
CA HIS A 70 7.21 -9.81 -9.57
C HIS A 70 8.66 -9.82 -9.09
N ALA A 71 9.09 -8.71 -8.51
CA ALA A 71 10.46 -8.59 -8.01
C ALA A 71 10.49 -8.61 -6.49
N GLN A 72 9.69 -7.74 -5.88
CA GLN A 72 9.64 -7.66 -4.42
C GLN A 72 8.25 -7.22 -3.95
N THR A 73 7.85 -7.70 -2.79
CA THR A 73 6.54 -7.36 -2.23
C THR A 73 6.66 -6.92 -0.77
N ILE A 74 6.01 -5.80 -0.44
CA ILE A 74 6.04 -5.27 0.91
C ILE A 74 4.64 -5.20 1.51
N LYS A 75 4.38 -6.06 2.49
CA LYS A 75 3.08 -6.09 3.15
C LYS A 75 3.06 -5.17 4.36
N VAL A 76 2.08 -4.27 4.39
CA VAL A 76 1.94 -3.32 5.49
C VAL A 76 0.49 -3.18 5.92
N ASP A 77 0.29 -2.79 7.18
CA ASP A 77 -1.05 -2.62 7.72
C ASP A 77 -1.83 -1.56 6.93
N TYR A 78 -3.14 -1.54 7.11
CA TYR A 78 -3.99 -0.58 6.42
C TYR A 78 -3.57 0.85 6.75
N LYS A 79 -3.43 1.13 8.03
CA LYS A 79 -3.03 2.46 8.49
C LYS A 79 -2.08 3.12 7.50
N GLN A 80 -1.06 2.37 7.11
CA GLN A 80 -0.06 2.88 6.16
C GLN A 80 -0.73 3.48 4.94
N ARG A 81 -0.53 4.78 4.74
CA ARG A 81 -1.12 5.48 3.60
C ARG A 81 -0.23 5.37 2.38
N TYR A 82 1.08 5.43 2.60
CA TYR A 82 2.05 5.35 1.51
C TYR A 82 3.32 4.65 1.97
N TYR A 83 4.19 4.32 1.01
CA TYR A 83 5.44 3.64 1.31
C TYR A 83 6.57 4.18 0.45
N THR A 84 7.69 4.53 1.09
CA THR A 84 8.84 5.07 0.37
C THR A 84 9.84 3.96 0.04
N ILE A 85 9.77 3.49 -1.20
CA ILE A 85 10.67 2.42 -1.66
C ILE A 85 12.06 2.97 -1.96
N GLU A 86 12.99 2.79 -1.03
CA GLU A 86 14.35 3.27 -1.19
C GLU A 86 15.25 2.15 -1.72
N ASN A 87 16.51 2.50 -2.00
CA ASN A 87 17.47 1.54 -2.52
C ASN A 87 17.10 1.09 -3.93
N LEU A 88 16.81 2.07 -4.78
CA LEU A 88 16.44 1.80 -6.17
C LEU A 88 17.45 2.40 -7.14
N ASP A 89 17.39 1.97 -8.39
CA ASP A 89 18.29 2.47 -9.42
C ASP A 89 17.70 3.69 -10.12
N PRO A 90 18.44 4.80 -10.11
CA PRO A 90 18.00 6.05 -10.75
C PRO A 90 17.99 5.95 -12.27
N SER A 91 17.01 6.61 -12.90
CA SER A 91 16.88 6.59 -14.35
C SER A 91 16.46 5.21 -14.84
N SER A 92 15.49 4.62 -14.15
CA SER A 92 15.00 3.29 -14.53
C SER A 92 13.49 3.21 -14.34
N HIS A 93 12.82 2.51 -15.25
CA HIS A 93 11.38 2.34 -15.19
C HIS A 93 11.00 1.26 -14.18
N TYR A 94 10.03 1.57 -13.32
CA TYR A 94 9.58 0.63 -12.31
C TYR A 94 8.05 0.51 -12.32
N VAL A 95 7.56 -0.73 -12.32
CA VAL A 95 6.13 -0.98 -12.33
C VAL A 95 5.61 -1.29 -10.93
N ILE A 96 4.94 -0.32 -10.33
CA ILE A 96 4.39 -0.49 -8.98
C ILE A 96 2.96 -1.02 -9.03
N THR A 97 2.65 -1.94 -8.14
CA THR A 97 1.32 -2.54 -8.07
C THR A 97 0.77 -2.53 -6.65
N LEU A 98 -0.55 -2.61 -6.52
CA LEU A 98 -1.19 -2.62 -5.21
C LEU A 98 -2.50 -3.40 -5.25
N LYS A 99 -2.68 -4.28 -4.28
CA LYS A 99 -3.89 -5.09 -4.19
C LYS A 99 -4.42 -5.13 -2.76
N ALA A 100 -5.72 -4.89 -2.60
CA ALA A 100 -6.34 -4.91 -1.29
C ALA A 100 -6.74 -6.33 -0.89
N PHE A 101 -6.27 -6.76 0.27
CA PHE A 101 -6.58 -8.10 0.76
C PHE A 101 -6.96 -8.06 2.24
N ASN A 102 -7.87 -8.95 2.63
CA ASN A 102 -8.33 -9.01 4.01
C ASN A 102 -8.37 -10.46 4.50
N ASN A 103 -8.87 -10.64 5.72
CA ASN A 103 -8.97 -11.97 6.31
C ASN A 103 -9.59 -12.96 5.33
N VAL A 104 -10.37 -12.44 4.39
CA VAL A 104 -11.02 -13.27 3.38
C VAL A 104 -10.05 -13.65 2.26
N GLY A 105 -9.37 -12.64 1.71
CA GLY A 105 -8.43 -12.88 0.65
C GLY A 105 -7.99 -11.60 -0.05
N GLU A 106 -7.31 -11.74 -1.17
CA GLU A 106 -6.83 -10.58 -1.93
C GLU A 106 -7.64 -10.41 -3.21
N GLY A 107 -7.85 -9.16 -3.60
CA GLY A 107 -8.60 -8.88 -4.81
C GLY A 107 -7.71 -8.76 -6.03
N ILE A 108 -7.95 -7.73 -6.84
CA ILE A 108 -7.17 -7.51 -8.05
C ILE A 108 -6.20 -6.35 -7.88
N PRO A 109 -4.91 -6.60 -8.18
CA PRO A 109 -3.87 -5.57 -8.07
C PRO A 109 -4.01 -4.48 -9.10
N LEU A 110 -3.18 -3.44 -8.99
CA LEU A 110 -3.22 -2.32 -9.92
C LEU A 110 -1.89 -2.20 -10.67
N TYR A 111 -1.93 -1.52 -11.82
CA TYR A 111 -0.73 -1.33 -12.63
C TYR A 111 -0.38 0.14 -12.74
N GLU A 112 0.83 0.49 -12.31
CA GLU A 112 1.30 1.86 -12.36
C GLU A 112 2.63 1.97 -13.11
N SER A 113 3.07 3.20 -13.36
CA SER A 113 4.32 3.43 -14.06
C SER A 113 5.06 4.63 -13.47
N ALA A 114 6.37 4.47 -13.28
CA ALA A 114 7.19 5.53 -12.72
C ALA A 114 8.67 5.29 -13.01
N VAL A 115 9.30 6.24 -13.69
CA VAL A 115 10.71 6.13 -14.03
C VAL A 115 11.57 7.01 -13.12
N THR A 116 12.27 6.38 -12.19
CA THR A 116 13.13 7.10 -11.26
C THR A 116 13.97 8.14 -11.98
N ARG A 117 14.07 9.33 -11.39
CA ARG A 117 14.84 10.41 -11.99
C ARG A 117 16.33 10.09 -11.99
N PRO A 118 17.08 10.68 -12.93
CA PRO A 118 18.52 10.46 -13.05
C PRO A 118 19.30 11.09 -11.90
N HIS A 119 20.20 10.30 -11.30
CA HIS A 119 21.00 10.77 -10.19
C HIS A 119 21.96 11.87 -10.64
N THR A 120 22.14 12.87 -9.79
CA THR A 120 23.03 13.99 -10.10
C THR A 120 24.12 14.15 -9.04
N SER A 121 25.11 14.98 -9.34
CA SER A 121 26.21 15.21 -8.41
C SER A 121 26.42 16.71 -8.18
N GLY A 122 26.50 17.11 -6.92
CA GLY A 122 26.70 18.51 -6.60
C GLY A 122 28.10 18.99 -6.95
N PRO A 123 28.19 19.98 -7.83
CA PRO A 123 29.47 20.55 -8.27
C PRO A 123 30.15 21.35 -7.16
N SER A 124 31.46 21.17 -7.03
CA SER A 124 32.22 21.88 -6.01
C SER A 124 32.57 23.29 -6.47
N SER A 125 32.79 24.18 -5.51
CA SER A 125 33.13 25.57 -5.81
C SER A 125 34.06 25.66 -7.01
N GLY A 126 35.10 24.83 -7.00
CA GLY A 126 36.05 24.82 -8.09
C GLY A 126 36.80 23.50 -8.21
N GLY A 1 -21.60 26.70 -5.40
CA GLY A 1 -21.75 26.26 -4.02
C GLY A 1 -20.43 25.81 -3.42
N SER A 2 -20.30 25.99 -2.10
CA SER A 2 -19.08 25.61 -1.40
C SER A 2 -19.36 25.37 0.08
N SER A 3 -18.62 24.44 0.67
CA SER A 3 -18.79 24.12 2.08
C SER A 3 -17.54 23.47 2.65
N GLY A 4 -17.30 23.67 3.94
CA GLY A 4 -16.14 23.11 4.59
C GLY A 4 -16.17 23.25 6.10
N SER A 5 -15.11 22.81 6.77
CA SER A 5 -15.03 22.89 8.21
C SER A 5 -13.58 23.06 8.68
N SER A 6 -13.40 23.66 9.84
CA SER A 6 -12.07 23.89 10.39
C SER A 6 -11.72 22.82 11.41
N GLY A 7 -10.43 22.75 11.77
CA GLY A 7 -9.99 21.77 12.73
C GLY A 7 -8.72 22.21 13.46
N PRO A 8 -8.70 22.01 14.79
CA PRO A 8 -7.55 22.37 15.62
C PRO A 8 -6.34 21.48 15.37
N ALA A 9 -5.17 21.96 15.76
CA ALA A 9 -3.94 21.19 15.57
C ALA A 9 -4.11 19.76 16.05
N THR A 10 -3.27 18.86 15.52
CA THR A 10 -3.33 17.46 15.89
C THR A 10 -1.96 16.94 16.29
N ASP A 11 -1.90 16.20 17.40
CA ASP A 11 -0.65 15.66 17.90
C ASP A 11 -0.60 14.14 17.69
N TRP A 12 -1.61 13.45 18.22
CA TRP A 12 -1.68 12.00 18.09
C TRP A 12 -3.03 11.57 17.52
N LEU A 13 -3.00 10.94 16.36
CA LEU A 13 -4.23 10.47 15.71
C LEU A 13 -5.06 9.62 16.67
N SER A 14 -6.26 10.09 16.98
CA SER A 14 -7.15 9.38 17.88
C SER A 14 -7.12 7.87 17.59
N ALA A 15 -7.18 7.07 18.65
CA ALA A 15 -7.16 5.63 18.52
C ALA A 15 -8.57 5.06 18.50
N GLU A 16 -9.47 5.74 17.80
CA GLU A 16 -10.86 5.31 17.69
C GLU A 16 -10.94 3.80 17.48
N THR A 17 -11.31 3.08 18.54
CA THR A 17 -11.43 1.63 18.47
C THR A 17 -12.43 1.21 17.41
N PHE A 18 -11.96 0.39 16.45
CA PHE A 18 -12.81 -0.09 15.37
C PHE A 18 -13.45 -1.42 15.74
N GLU A 19 -14.78 -1.40 15.90
CA GLU A 19 -15.51 -2.61 16.26
C GLU A 19 -15.41 -3.65 15.15
N SER A 20 -15.47 -4.93 15.53
CA SER A 20 -15.38 -6.02 14.57
C SER A 20 -16.76 -6.38 14.03
N ASP A 21 -17.54 -5.36 13.69
CA ASP A 21 -18.88 -5.57 13.16
C ASP A 21 -18.93 -5.22 11.68
N LEU A 22 -17.84 -5.47 10.97
CA LEU A 22 -17.76 -5.18 9.54
C LEU A 22 -17.83 -6.46 8.71
N ASP A 23 -18.06 -6.32 7.42
CA ASP A 23 -18.13 -7.46 6.52
C ASP A 23 -16.76 -8.10 6.34
N GLU A 24 -16.64 -9.35 6.80
CA GLU A 24 -15.38 -10.08 6.69
C GLU A 24 -15.58 -11.41 5.97
N THR A 25 -16.44 -11.40 4.96
CA THR A 25 -16.73 -12.60 4.18
C THR A 25 -16.32 -12.43 2.72
N ARG A 26 -16.00 -11.19 2.35
CA ARG A 26 -15.60 -10.89 0.99
C ARG A 26 -14.27 -10.14 0.96
N VAL A 27 -13.52 -10.31 -0.12
CA VAL A 27 -12.23 -9.64 -0.27
C VAL A 27 -12.39 -8.25 -0.86
N PRO A 28 -11.52 -7.31 -0.44
CA PRO A 28 -11.54 -5.94 -0.91
C PRO A 28 -11.11 -5.80 -2.37
N GLU A 29 -12.07 -5.54 -3.25
CA GLU A 29 -11.79 -5.40 -4.67
C GLU A 29 -10.84 -4.22 -4.92
N VAL A 30 -10.33 -4.15 -6.14
CA VAL A 30 -9.41 -3.06 -6.51
C VAL A 30 -9.80 -1.76 -5.82
N PRO A 31 -8.79 -1.05 -5.30
CA PRO A 31 -8.99 0.22 -4.61
C PRO A 31 -9.42 1.34 -5.55
N SER A 32 -9.62 2.54 -5.01
CA SER A 32 -10.02 3.68 -5.81
C SER A 32 -8.98 4.01 -6.88
N SER A 33 -7.71 3.98 -6.47
CA SER A 33 -6.62 4.28 -7.39
C SER A 33 -5.27 4.05 -6.71
N LEU A 34 -4.19 4.32 -7.44
CA LEU A 34 -2.84 4.16 -6.91
C LEU A 34 -1.89 5.19 -7.51
N HIS A 35 -1.35 6.05 -6.65
CA HIS A 35 -0.42 7.09 -7.09
C HIS A 35 1.00 6.75 -6.68
N VAL A 36 1.94 6.96 -7.59
CA VAL A 36 3.34 6.68 -7.32
C VAL A 36 4.24 7.81 -7.81
N ARG A 37 5.13 8.28 -6.93
CA ARG A 37 6.04 9.37 -7.27
C ARG A 37 7.48 8.86 -7.36
N PRO A 38 8.01 8.84 -8.59
CA PRO A 38 9.38 8.38 -8.84
C PRO A 38 10.42 9.34 -8.29
N LEU A 39 11.30 8.83 -7.41
CA LEU A 39 12.34 9.64 -6.81
C LEU A 39 13.72 9.15 -7.23
N VAL A 40 14.70 10.05 -7.21
CA VAL A 40 16.07 9.71 -7.58
C VAL A 40 16.39 8.27 -7.19
N THR A 41 16.61 8.05 -5.89
CA THR A 41 16.93 6.72 -5.37
C THR A 41 15.80 6.18 -4.50
N SER A 42 14.60 6.68 -4.73
CA SER A 42 13.43 6.24 -3.96
C SER A 42 12.16 6.35 -4.78
N ILE A 43 11.04 6.01 -4.17
CA ILE A 43 9.74 6.06 -4.85
C ILE A 43 8.59 6.09 -3.85
N VAL A 44 7.97 7.26 -3.72
CA VAL A 44 6.86 7.44 -2.80
C VAL A 44 5.58 6.81 -3.36
N VAL A 45 5.25 5.62 -2.88
CA VAL A 45 4.06 4.91 -3.33
C VAL A 45 2.86 5.23 -2.44
N SER A 46 2.01 6.14 -2.90
CA SER A 46 0.83 6.52 -2.14
C SER A 46 -0.43 5.93 -2.76
N TRP A 47 -1.19 5.20 -1.95
CA TRP A 47 -2.43 4.56 -2.41
C TRP A 47 -3.63 5.06 -1.59
N THR A 48 -4.80 4.52 -1.91
CA THR A 48 -6.02 4.90 -1.20
C THR A 48 -6.96 3.71 -1.05
N PRO A 49 -7.80 3.76 -0.01
CA PRO A 49 -8.76 2.69 0.28
C PRO A 49 -9.88 2.62 -0.75
N PRO A 50 -10.53 1.45 -0.85
CA PRO A 50 -11.63 1.23 -1.79
C PRO A 50 -12.88 2.01 -1.41
N GLU A 51 -13.61 2.49 -2.41
CA GLU A 51 -14.84 3.25 -2.17
C GLU A 51 -15.66 2.61 -1.06
N ASN A 52 -15.73 1.29 -1.06
CA ASN A 52 -16.48 0.56 -0.05
C ASN A 52 -15.74 0.55 1.29
N GLN A 53 -16.15 1.42 2.19
CA GLN A 53 -15.52 1.52 3.51
C GLN A 53 -16.19 0.56 4.49
N ASN A 54 -16.79 -0.50 3.97
CA ASN A 54 -17.47 -1.48 4.80
C ASN A 54 -16.69 -2.81 4.81
N ILE A 55 -15.89 -3.02 3.78
CA ILE A 55 -15.09 -4.24 3.67
C ILE A 55 -13.89 -4.21 4.61
N VAL A 56 -13.77 -5.23 5.44
CA VAL A 56 -12.66 -5.32 6.39
C VAL A 56 -11.34 -5.49 5.67
N VAL A 57 -10.49 -4.47 5.76
CA VAL A 57 -9.18 -4.50 5.12
C VAL A 57 -8.06 -4.55 6.14
N ARG A 58 -7.28 -5.62 6.12
CA ARG A 58 -6.17 -5.79 7.06
C ARG A 58 -4.92 -5.07 6.56
N GLY A 59 -4.85 -4.86 5.25
CA GLY A 59 -3.71 -4.18 4.67
C GLY A 59 -3.63 -4.35 3.17
N TYR A 60 -2.51 -3.92 2.58
CA TYR A 60 -2.32 -4.03 1.13
C TYR A 60 -0.95 -4.61 0.82
N ALA A 61 -0.82 -5.17 -0.38
CA ALA A 61 0.44 -5.77 -0.81
C ALA A 61 0.99 -5.05 -2.05
N ILE A 62 2.04 -4.27 -1.86
CA ILE A 62 2.66 -3.54 -2.96
C ILE A 62 3.74 -4.38 -3.64
N GLY A 63 4.02 -4.06 -4.90
CA GLY A 63 5.03 -4.78 -5.64
C GLY A 63 5.78 -3.90 -6.62
N TYR A 64 7.09 -4.11 -6.72
CA TYR A 64 7.92 -3.33 -7.62
C TYR A 64 8.96 -4.20 -8.31
N GLY A 65 9.41 -3.76 -9.49
CA GLY A 65 10.39 -4.52 -10.22
C GLY A 65 10.51 -4.07 -11.67
N ILE A 66 11.63 -4.40 -12.31
CA ILE A 66 11.86 -4.02 -13.70
C ILE A 66 11.16 -4.98 -14.65
N GLY A 67 10.02 -4.55 -15.19
CA GLY A 67 9.27 -5.38 -16.12
C GLY A 67 8.08 -6.04 -15.47
N SER A 68 8.26 -6.52 -14.24
CA SER A 68 7.19 -7.18 -13.51
C SER A 68 7.33 -6.94 -12.01
N PRO A 69 6.19 -6.67 -11.34
CA PRO A 69 6.15 -6.41 -9.91
C PRO A 69 6.45 -7.66 -9.09
N HIS A 70 6.38 -8.82 -9.74
CA HIS A 70 6.64 -10.09 -9.08
C HIS A 70 8.02 -10.09 -8.41
N ALA A 71 8.89 -9.19 -8.87
CA ALA A 71 10.23 -9.09 -8.34
C ALA A 71 10.21 -9.06 -6.81
N GLN A 72 9.62 -8.01 -6.24
CA GLN A 72 9.53 -7.87 -4.79
C GLN A 72 8.11 -7.49 -4.37
N THR A 73 7.75 -7.86 -3.14
CA THR A 73 6.43 -7.56 -2.61
C THR A 73 6.50 -7.13 -1.15
N ILE A 74 5.87 -6.00 -0.83
CA ILE A 74 5.87 -5.50 0.53
C ILE A 74 4.44 -5.37 1.07
N LYS A 75 4.19 -6.00 2.21
CA LYS A 75 2.86 -5.95 2.82
C LYS A 75 2.90 -5.17 4.13
N VAL A 76 1.99 -4.22 4.28
CA VAL A 76 1.93 -3.39 5.48
C VAL A 76 0.48 -3.30 5.99
N ASP A 77 0.32 -2.70 7.16
CA ASP A 77 -0.99 -2.53 7.76
C ASP A 77 -1.86 -1.60 6.92
N TYR A 78 -3.11 -1.44 7.32
CA TYR A 78 -4.04 -0.58 6.60
C TYR A 78 -3.79 0.89 6.91
N LYS A 79 -3.48 1.18 8.16
CA LYS A 79 -3.20 2.54 8.59
C LYS A 79 -2.28 3.24 7.60
N GLN A 80 -1.32 2.50 7.05
CA GLN A 80 -0.38 3.05 6.08
C GLN A 80 -1.09 3.40 4.78
N ARG A 81 -0.93 4.66 4.35
CA ARG A 81 -1.56 5.12 3.12
C ARG A 81 -0.52 5.26 2.01
N TYR A 82 0.75 5.18 2.38
CA TYR A 82 1.84 5.30 1.41
C TYR A 82 3.09 4.61 1.92
N TYR A 83 3.99 4.26 1.00
CA TYR A 83 5.24 3.59 1.36
C TYR A 83 6.40 4.16 0.55
N THR A 84 7.47 4.53 1.25
CA THR A 84 8.65 5.09 0.60
C THR A 84 9.68 4.00 0.33
N ILE A 85 9.74 3.54 -0.92
CA ILE A 85 10.68 2.50 -1.30
C ILE A 85 12.09 3.09 -1.53
N GLU A 86 13.08 2.46 -0.93
CA GLU A 86 14.46 2.92 -1.06
C GLU A 86 15.36 1.79 -1.58
N ASN A 87 16.60 2.14 -1.91
CA ASN A 87 17.55 1.17 -2.42
C ASN A 87 17.17 0.72 -3.83
N LEU A 88 16.95 1.68 -4.71
CA LEU A 88 16.58 1.39 -6.09
C LEU A 88 17.60 1.97 -7.06
N ASP A 89 17.42 1.68 -8.35
CA ASP A 89 18.31 2.18 -9.38
C ASP A 89 17.71 3.38 -10.09
N PRO A 90 18.44 4.51 -10.08
CA PRO A 90 17.99 5.75 -10.72
C PRO A 90 18.01 5.66 -12.24
N SER A 91 17.18 6.47 -12.89
CA SER A 91 17.10 6.48 -14.34
C SER A 91 16.66 5.11 -14.86
N SER A 92 15.56 4.60 -14.32
CA SER A 92 15.04 3.30 -14.72
C SER A 92 13.54 3.22 -14.48
N HIS A 93 12.84 2.54 -15.37
CA HIS A 93 11.39 2.38 -15.26
C HIS A 93 11.04 1.27 -14.27
N TYR A 94 10.13 1.56 -13.35
CA TYR A 94 9.71 0.59 -12.35
C TYR A 94 8.19 0.43 -12.34
N VAL A 95 7.73 -0.81 -12.38
CA VAL A 95 6.30 -1.09 -12.37
C VAL A 95 5.79 -1.35 -10.96
N ILE A 96 4.98 -0.42 -10.46
CA ILE A 96 4.43 -0.55 -9.12
C ILE A 96 2.99 -1.09 -9.16
N THR A 97 2.65 -1.93 -8.20
CA THR A 97 1.33 -2.52 -8.12
C THR A 97 0.81 -2.54 -6.69
N LEU A 98 -0.51 -2.51 -6.54
CA LEU A 98 -1.13 -2.52 -5.21
C LEU A 98 -2.41 -3.34 -5.22
N LYS A 99 -2.61 -4.15 -4.18
CA LYS A 99 -3.80 -4.99 -4.08
C LYS A 99 -4.29 -5.04 -2.63
N ALA A 100 -5.61 -4.99 -2.46
CA ALA A 100 -6.21 -5.03 -1.14
C ALA A 100 -6.40 -6.47 -0.66
N PHE A 101 -6.06 -6.72 0.60
CA PHE A 101 -6.20 -8.05 1.17
C PHE A 101 -6.85 -7.99 2.54
N ASN A 102 -7.25 -9.14 3.05
CA ASN A 102 -7.90 -9.23 4.36
C ASN A 102 -8.06 -10.68 4.80
N ASN A 103 -8.59 -10.87 6.00
CA ASN A 103 -8.79 -12.22 6.55
C ASN A 103 -9.51 -13.10 5.54
N VAL A 104 -10.29 -12.48 4.67
CA VAL A 104 -11.04 -13.22 3.65
C VAL A 104 -10.12 -13.67 2.51
N GLY A 105 -9.25 -12.77 2.08
CA GLY A 105 -8.33 -13.09 1.01
C GLY A 105 -7.75 -11.86 0.34
N GLU A 106 -7.33 -12.00 -0.91
CA GLU A 106 -6.75 -10.89 -1.66
C GLU A 106 -7.64 -10.50 -2.84
N GLY A 107 -7.48 -9.28 -3.32
CA GLY A 107 -8.28 -8.81 -4.44
C GLY A 107 -7.47 -8.73 -5.72
N ILE A 108 -7.80 -7.74 -6.56
CA ILE A 108 -7.11 -7.56 -7.83
C ILE A 108 -6.11 -6.40 -7.75
N PRO A 109 -4.84 -6.69 -8.06
CA PRO A 109 -3.77 -5.69 -8.04
C PRO A 109 -3.92 -4.66 -9.15
N LEU A 110 -3.21 -3.54 -9.02
CA LEU A 110 -3.26 -2.48 -10.02
C LEU A 110 -1.93 -2.36 -10.75
N TYR A 111 -1.94 -1.68 -11.89
CA TYR A 111 -0.74 -1.49 -12.68
C TYR A 111 -0.39 -0.01 -12.81
N GLU A 112 0.67 0.40 -12.12
CA GLU A 112 1.09 1.80 -12.17
C GLU A 112 2.47 1.92 -12.81
N SER A 113 2.92 3.16 -13.00
CA SER A 113 4.23 3.42 -13.60
C SER A 113 4.96 4.54 -12.87
N ALA A 114 6.28 4.46 -12.87
CA ALA A 114 7.10 5.48 -12.21
C ALA A 114 8.56 5.38 -12.64
N VAL A 115 9.01 6.38 -13.39
CA VAL A 115 10.38 6.40 -13.88
C VAL A 115 11.30 7.19 -12.93
N THR A 116 12.13 6.46 -12.19
CA THR A 116 13.04 7.09 -11.25
C THR A 116 13.88 8.16 -11.92
N ARG A 117 14.03 9.30 -11.25
CA ARG A 117 14.81 10.41 -11.78
C ARG A 117 16.28 10.05 -11.88
N PRO A 118 16.96 10.63 -12.87
CA PRO A 118 18.40 10.38 -13.11
C PRO A 118 19.28 10.99 -12.01
N HIS A 119 20.17 10.17 -11.46
CA HIS A 119 21.07 10.63 -10.41
C HIS A 119 22.18 11.49 -10.98
N THR A 120 21.86 12.75 -11.26
CA THR A 120 22.84 13.68 -11.82
C THR A 120 23.45 14.54 -10.72
N SER A 121 22.64 14.92 -9.75
CA SER A 121 23.11 15.75 -8.63
C SER A 121 23.69 14.89 -7.52
N GLY A 122 24.42 15.53 -6.60
CA GLY A 122 25.02 14.81 -5.50
C GLY A 122 25.35 15.70 -4.33
N PRO A 123 26.31 15.28 -3.50
CA PRO A 123 26.74 16.04 -2.32
C PRO A 123 27.50 17.31 -2.70
N SER A 124 27.73 17.49 -4.00
CA SER A 124 28.44 18.66 -4.49
C SER A 124 27.65 19.94 -4.24
N SER A 125 28.22 20.84 -3.45
CA SER A 125 27.55 22.10 -3.13
C SER A 125 28.49 23.03 -2.37
N GLY A 126 28.53 24.30 -2.80
CA GLY A 126 29.40 25.26 -2.16
C GLY A 126 29.20 25.31 -0.65
N GLY A 1 -41.66 -25.49 46.04
CA GLY A 1 -40.43 -24.73 46.12
C GLY A 1 -40.47 -23.48 45.26
N SER A 2 -39.29 -22.94 44.96
CA SER A 2 -39.19 -21.73 44.15
C SER A 2 -37.91 -21.72 43.34
N SER A 3 -37.75 -20.72 42.50
CA SER A 3 -36.56 -20.59 41.66
C SER A 3 -36.20 -19.12 41.44
N GLY A 4 -35.02 -18.89 40.85
CA GLY A 4 -34.58 -17.54 40.59
C GLY A 4 -33.53 -17.47 39.51
N SER A 5 -32.80 -16.35 39.45
CA SER A 5 -31.76 -16.16 38.45
C SER A 5 -30.88 -14.96 38.80
N SER A 6 -29.84 -14.76 38.01
CA SER A 6 -28.92 -13.65 38.24
C SER A 6 -28.57 -12.95 36.92
N GLY A 7 -27.88 -11.82 37.02
CA GLY A 7 -27.52 -11.07 35.84
C GLY A 7 -27.51 -9.57 36.08
N PRO A 8 -26.32 -9.02 36.34
CA PRO A 8 -26.15 -7.58 36.59
C PRO A 8 -26.38 -6.74 35.34
N ALA A 9 -26.14 -5.43 35.44
CA ALA A 9 -26.33 -4.53 34.32
C ALA A 9 -25.06 -4.47 33.46
N THR A 10 -24.98 -5.36 32.49
CA THR A 10 -23.82 -5.41 31.60
C THR A 10 -24.24 -5.75 30.17
N ASP A 11 -24.09 -4.79 29.27
CA ASP A 11 -24.45 -4.97 27.87
C ASP A 11 -23.23 -4.85 26.97
N TRP A 12 -22.43 -3.82 27.22
CA TRP A 12 -21.22 -3.58 26.43
C TRP A 12 -19.97 -3.69 27.30
N LEU A 13 -19.27 -4.82 27.18
CA LEU A 13 -18.06 -5.04 27.96
C LEU A 13 -16.92 -4.18 27.44
N SER A 14 -16.53 -4.41 26.18
CA SER A 14 -15.45 -3.64 25.57
C SER A 14 -15.43 -3.85 24.05
N ALA A 15 -15.07 -2.80 23.33
CA ALA A 15 -15.00 -2.87 21.87
C ALA A 15 -13.66 -2.38 21.35
N GLU A 16 -12.66 -3.26 21.39
CA GLU A 16 -11.32 -2.91 20.92
C GLU A 16 -10.86 -3.88 19.83
N THR A 17 -11.77 -4.20 18.91
CA THR A 17 -11.45 -5.11 17.82
C THR A 17 -12.46 -4.97 16.68
N PHE A 18 -12.07 -5.46 15.50
CA PHE A 18 -12.95 -5.40 14.33
C PHE A 18 -14.06 -6.43 14.43
N GLU A 19 -15.24 -5.99 14.85
CA GLU A 19 -16.39 -6.87 14.98
C GLU A 19 -16.69 -7.58 13.66
N SER A 20 -17.15 -8.82 13.75
CA SER A 20 -17.47 -9.61 12.57
C SER A 20 -18.86 -9.26 12.04
N ASP A 21 -19.12 -7.97 11.89
CA ASP A 21 -20.42 -7.50 11.39
C ASP A 21 -20.30 -6.99 9.96
N LEU A 22 -19.29 -6.16 9.72
CA LEU A 22 -19.06 -5.59 8.39
C LEU A 22 -18.99 -6.70 7.34
N ASP A 23 -18.86 -6.29 6.08
CA ASP A 23 -18.78 -7.25 4.98
C ASP A 23 -17.42 -7.93 4.96
N GLU A 24 -17.37 -9.13 5.52
CA GLU A 24 -16.13 -9.89 5.58
C GLU A 24 -16.29 -11.25 4.90
N THR A 25 -17.16 -11.30 3.89
CA THR A 25 -17.42 -12.53 3.16
C THR A 25 -16.80 -12.49 1.77
N ARG A 26 -16.50 -11.29 1.30
CA ARG A 26 -15.91 -11.10 -0.02
C ARG A 26 -14.62 -10.29 0.07
N VAL A 27 -13.67 -10.58 -0.82
CA VAL A 27 -12.40 -9.88 -0.84
C VAL A 27 -12.54 -8.49 -1.47
N PRO A 28 -11.81 -7.52 -0.91
CA PRO A 28 -11.85 -6.14 -1.41
C PRO A 28 -11.19 -6.00 -2.78
N GLU A 29 -12.01 -5.88 -3.81
CA GLU A 29 -11.51 -5.74 -5.18
C GLU A 29 -10.63 -4.50 -5.30
N VAL A 30 -10.04 -4.31 -6.49
CA VAL A 30 -9.19 -3.17 -6.74
C VAL A 30 -9.68 -1.94 -5.99
N PRO A 31 -8.74 -1.22 -5.34
CA PRO A 31 -9.05 -0.01 -4.58
C PRO A 31 -9.45 1.16 -5.48
N SER A 32 -9.76 2.29 -4.86
CA SER A 32 -10.16 3.47 -5.61
C SER A 32 -9.13 3.82 -6.68
N SER A 33 -7.86 3.83 -6.30
CA SER A 33 -6.78 4.15 -7.22
C SER A 33 -5.42 3.97 -6.56
N LEU A 34 -4.37 4.32 -7.27
CA LEU A 34 -3.00 4.20 -6.75
C LEU A 34 -2.09 5.26 -7.37
N HIS A 35 -1.44 6.04 -6.51
CA HIS A 35 -0.53 7.08 -6.97
C HIS A 35 0.91 6.76 -6.59
N VAL A 36 1.83 7.03 -7.51
CA VAL A 36 3.25 6.75 -7.27
C VAL A 36 4.12 7.92 -7.73
N ARG A 37 5.15 8.23 -6.96
CA ARG A 37 6.06 9.32 -7.29
C ARG A 37 7.49 8.81 -7.43
N PRO A 38 8.01 8.81 -8.67
CA PRO A 38 9.36 8.36 -8.96
C PRO A 38 10.42 9.31 -8.42
N LEU A 39 11.21 8.83 -7.46
CA LEU A 39 12.26 9.65 -6.86
C LEU A 39 13.64 9.16 -7.30
N VAL A 40 14.61 10.06 -7.27
CA VAL A 40 15.98 9.72 -7.65
C VAL A 40 16.30 8.26 -7.34
N THR A 41 16.50 7.97 -6.06
CA THR A 41 16.81 6.62 -5.62
C THR A 41 15.70 6.06 -4.74
N SER A 42 14.49 6.57 -4.92
CA SER A 42 13.34 6.13 -4.15
C SER A 42 12.05 6.30 -4.94
N ILE A 43 10.92 5.96 -4.31
CA ILE A 43 9.63 6.08 -4.96
C ILE A 43 8.50 6.10 -3.93
N VAL A 44 7.87 7.27 -3.79
CA VAL A 44 6.78 7.43 -2.84
C VAL A 44 5.50 6.78 -3.36
N VAL A 45 5.22 5.56 -2.91
CA VAL A 45 4.03 4.84 -3.33
C VAL A 45 2.85 5.17 -2.44
N SER A 46 1.98 6.06 -2.91
CA SER A 46 0.80 6.46 -2.15
C SER A 46 -0.46 5.87 -2.76
N TRP A 47 -1.25 5.17 -1.95
CA TRP A 47 -2.48 4.56 -2.40
C TRP A 47 -3.67 5.02 -1.56
N THR A 48 -4.84 4.49 -1.85
CA THR A 48 -6.05 4.84 -1.11
C THR A 48 -6.98 3.64 -0.95
N PRO A 49 -7.75 3.63 0.14
CA PRO A 49 -8.69 2.54 0.44
C PRO A 49 -9.88 2.54 -0.52
N PRO A 50 -10.58 1.39 -0.58
CA PRO A 50 -11.75 1.24 -1.45
C PRO A 50 -12.95 2.05 -0.97
N GLU A 51 -13.43 2.94 -1.83
CA GLU A 51 -14.57 3.79 -1.49
C GLU A 51 -15.57 3.04 -0.61
N ASN A 52 -15.66 1.73 -0.82
CA ASN A 52 -16.57 0.89 -0.05
C ASN A 52 -15.91 0.42 1.25
N GLN A 53 -16.06 1.22 2.30
CA GLN A 53 -15.48 0.89 3.60
C GLN A 53 -16.12 -0.38 4.17
N ASN A 54 -17.43 -0.51 3.98
CA ASN A 54 -18.16 -1.67 4.47
C ASN A 54 -17.30 -2.92 4.40
N ILE A 55 -16.54 -3.05 3.32
CA ILE A 55 -15.67 -4.21 3.13
C ILE A 55 -14.48 -4.17 4.08
N VAL A 56 -14.29 -5.25 4.83
CA VAL A 56 -13.18 -5.33 5.77
C VAL A 56 -11.84 -5.36 5.04
N VAL A 57 -10.85 -4.68 5.63
CA VAL A 57 -9.51 -4.62 5.04
C VAL A 57 -8.44 -4.71 6.11
N ARG A 58 -7.60 -5.74 6.02
CA ARG A 58 -6.52 -5.94 6.98
C ARG A 58 -5.25 -5.21 6.54
N GLY A 59 -5.03 -5.18 5.23
CA GLY A 59 -3.85 -4.51 4.70
C GLY A 59 -3.79 -4.56 3.18
N TYR A 60 -2.61 -4.32 2.62
CA TYR A 60 -2.42 -4.33 1.18
C TYR A 60 -1.03 -4.82 0.81
N ALA A 61 -0.83 -5.12 -0.46
CA ALA A 61 0.46 -5.61 -0.94
C ALA A 61 1.02 -4.69 -2.03
N ILE A 62 2.29 -4.34 -1.90
CA ILE A 62 2.94 -3.47 -2.87
C ILE A 62 4.05 -4.22 -3.62
N GLY A 63 3.91 -4.28 -4.94
CA GLY A 63 4.90 -4.96 -5.76
C GLY A 63 5.62 -4.02 -6.71
N TYR A 64 6.95 -4.08 -6.70
CA TYR A 64 7.76 -3.23 -7.56
C TYR A 64 8.82 -4.03 -8.29
N GLY A 65 9.20 -3.57 -9.47
CA GLY A 65 10.21 -4.26 -10.26
C GLY A 65 10.35 -3.70 -11.65
N ILE A 66 11.59 -3.59 -12.11
CA ILE A 66 11.87 -3.06 -13.45
C ILE A 66 11.13 -3.84 -14.52
N GLY A 67 10.01 -3.29 -14.99
CA GLY A 67 9.24 -3.95 -16.02
C GLY A 67 8.26 -4.98 -15.44
N SER A 68 8.77 -5.84 -14.57
CA SER A 68 7.94 -6.87 -13.95
C SER A 68 7.80 -6.63 -12.46
N PRO A 69 6.56 -6.34 -12.02
CA PRO A 69 6.27 -6.08 -10.60
C PRO A 69 6.38 -7.34 -9.75
N HIS A 70 6.64 -8.48 -10.40
CA HIS A 70 6.78 -9.75 -9.69
C HIS A 70 8.22 -9.95 -9.23
N ALA A 71 8.84 -8.87 -8.76
CA ALA A 71 10.22 -8.93 -8.29
C ALA A 71 10.27 -8.91 -6.76
N GLN A 72 9.59 -7.94 -6.16
CA GLN A 72 9.56 -7.81 -4.71
C GLN A 72 8.16 -7.51 -4.22
N THR A 73 7.90 -7.81 -2.95
CA THR A 73 6.58 -7.56 -2.36
C THR A 73 6.72 -6.97 -0.96
N ILE A 74 5.94 -5.92 -0.69
CA ILE A 74 5.96 -5.27 0.61
C ILE A 74 4.59 -5.32 1.28
N LYS A 75 4.54 -5.92 2.46
CA LYS A 75 3.29 -6.02 3.20
C LYS A 75 3.26 -5.04 4.36
N VAL A 76 2.11 -4.40 4.56
CA VAL A 76 1.95 -3.43 5.64
C VAL A 76 0.54 -3.49 6.23
N ASP A 77 0.26 -2.57 7.15
CA ASP A 77 -1.06 -2.51 7.79
C ASP A 77 -1.96 -1.50 7.08
N TYR A 78 -3.25 -1.54 7.41
CA TYR A 78 -4.21 -0.63 6.81
C TYR A 78 -3.85 0.82 7.12
N LYS A 79 -3.35 1.06 8.33
CA LYS A 79 -2.98 2.40 8.75
C LYS A 79 -2.05 3.05 7.73
N GLN A 80 -1.08 2.28 7.23
CA GLN A 80 -0.13 2.78 6.25
C GLN A 80 -0.85 3.30 5.02
N ARG A 81 -0.63 4.59 4.71
CA ARG A 81 -1.27 5.21 3.56
C ARG A 81 -0.34 5.17 2.34
N TYR A 82 0.96 5.31 2.59
CA TYR A 82 1.94 5.30 1.52
C TYR A 82 3.22 4.58 1.97
N TYR A 83 4.09 4.27 1.01
CA TYR A 83 5.34 3.59 1.29
C TYR A 83 6.49 4.19 0.49
N THR A 84 7.60 4.44 1.17
CA THR A 84 8.77 5.02 0.52
C THR A 84 9.82 3.95 0.24
N ILE A 85 9.81 3.42 -0.98
CA ILE A 85 10.76 2.40 -1.38
C ILE A 85 12.13 3.00 -1.66
N GLU A 86 13.10 2.69 -0.81
CA GLU A 86 14.46 3.20 -0.98
C GLU A 86 15.39 2.12 -1.52
N ASN A 87 16.62 2.50 -1.82
CA ASN A 87 17.61 1.56 -2.34
C ASN A 87 17.22 1.07 -3.74
N LEU A 88 16.88 2.02 -4.61
CA LEU A 88 16.48 1.69 -5.98
C LEU A 88 17.48 2.26 -6.98
N ASP A 89 17.41 1.77 -8.22
CA ASP A 89 18.30 2.23 -9.27
C ASP A 89 17.68 3.40 -10.04
N PRO A 90 18.38 4.53 -10.07
CA PRO A 90 17.90 5.74 -10.76
C PRO A 90 17.92 5.58 -12.27
N SER A 91 17.26 6.50 -12.97
CA SER A 91 17.19 6.45 -14.42
C SER A 91 16.69 5.09 -14.91
N SER A 92 15.59 4.64 -14.32
CA SER A 92 14.99 3.36 -14.69
C SER A 92 13.50 3.34 -14.41
N HIS A 93 12.76 2.57 -15.21
CA HIS A 93 11.32 2.47 -15.04
C HIS A 93 10.95 1.33 -14.10
N TYR A 94 10.08 1.62 -13.14
CA TYR A 94 9.65 0.62 -12.17
C TYR A 94 8.13 0.47 -12.17
N VAL A 95 7.67 -0.77 -12.26
CA VAL A 95 6.24 -1.06 -12.28
C VAL A 95 5.71 -1.32 -10.88
N ILE A 96 4.89 -0.39 -10.37
CA ILE A 96 4.33 -0.53 -9.04
C ILE A 96 2.91 -1.08 -9.10
N THR A 97 2.60 -2.00 -8.19
CA THR A 97 1.27 -2.61 -8.14
C THR A 97 0.75 -2.67 -6.71
N LEU A 98 -0.56 -2.52 -6.55
CA LEU A 98 -1.19 -2.56 -5.24
C LEU A 98 -2.50 -3.33 -5.29
N LYS A 99 -2.72 -4.18 -4.28
CA LYS A 99 -3.94 -4.97 -4.20
C LYS A 99 -4.46 -5.03 -2.77
N ALA A 100 -5.74 -4.74 -2.60
CA ALA A 100 -6.36 -4.76 -1.28
C ALA A 100 -6.70 -6.19 -0.85
N PHE A 101 -6.13 -6.61 0.27
CA PHE A 101 -6.37 -7.96 0.78
C PHE A 101 -6.89 -7.91 2.22
N ASN A 102 -7.75 -8.86 2.56
CA ASN A 102 -8.32 -8.93 3.90
C ASN A 102 -8.43 -10.37 4.37
N ASN A 103 -9.02 -10.56 5.55
CA ASN A 103 -9.19 -11.89 6.12
C ASN A 103 -9.69 -12.86 5.07
N VAL A 104 -10.64 -12.42 4.25
CA VAL A 104 -11.20 -13.25 3.20
C VAL A 104 -10.18 -13.52 2.10
N GLY A 105 -9.55 -12.45 1.61
CA GLY A 105 -8.57 -12.59 0.55
C GLY A 105 -8.28 -11.28 -0.15
N GLU A 106 -7.63 -11.35 -1.31
CA GLU A 106 -7.30 -10.17 -2.08
C GLU A 106 -7.96 -10.22 -3.46
N GLY A 107 -8.12 -9.06 -4.07
CA GLY A 107 -8.73 -8.98 -5.38
C GLY A 107 -7.71 -8.83 -6.50
N ILE A 108 -7.91 -7.84 -7.35
CA ILE A 108 -7.00 -7.59 -8.46
C ILE A 108 -6.12 -6.37 -8.20
N PRO A 109 -4.81 -6.54 -8.38
CA PRO A 109 -3.83 -5.46 -8.17
C PRO A 109 -3.94 -4.37 -9.23
N LEU A 110 -3.16 -3.31 -9.06
CA LEU A 110 -3.16 -2.19 -9.99
C LEU A 110 -1.87 -2.16 -10.80
N TYR A 111 -1.82 -1.25 -11.77
CA TYR A 111 -0.64 -1.11 -12.63
C TYR A 111 -0.28 0.35 -12.83
N GLU A 112 0.92 0.73 -12.37
CA GLU A 112 1.39 2.10 -12.50
C GLU A 112 2.78 2.15 -13.11
N SER A 113 3.23 3.35 -13.45
CA SER A 113 4.55 3.54 -14.04
C SER A 113 5.29 4.70 -13.39
N ALA A 114 6.58 4.50 -13.13
CA ALA A 114 7.40 5.53 -12.51
C ALA A 114 8.86 5.41 -12.95
N VAL A 115 9.39 6.49 -13.51
CA VAL A 115 10.78 6.50 -13.96
C VAL A 115 11.66 7.34 -13.04
N THR A 116 12.42 6.66 -12.18
CA THR A 116 13.30 7.34 -11.24
C THR A 116 14.14 8.40 -11.94
N ARG A 117 14.30 9.54 -11.29
CA ARG A 117 15.07 10.64 -11.85
C ARG A 117 16.56 10.27 -11.95
N PRO A 118 17.26 10.92 -12.89
CA PRO A 118 18.69 10.67 -13.11
C PRO A 118 19.55 11.18 -11.97
N HIS A 119 20.20 10.26 -11.25
CA HIS A 119 21.06 10.63 -10.13
C HIS A 119 22.19 11.54 -10.59
N THR A 120 21.97 12.84 -10.54
CA THR A 120 22.98 13.81 -10.96
C THR A 120 24.18 13.78 -10.02
N SER A 121 25.34 14.15 -10.55
CA SER A 121 26.58 14.17 -9.77
C SER A 121 26.89 15.58 -9.28
N GLY A 122 26.82 16.55 -10.20
CA GLY A 122 27.10 17.92 -9.85
C GLY A 122 27.88 18.65 -10.93
N PRO A 123 29.21 18.49 -10.90
CA PRO A 123 30.11 19.13 -11.87
C PRO A 123 29.97 18.53 -13.27
N SER A 124 29.84 19.39 -14.28
CA SER A 124 29.71 18.94 -15.66
C SER A 124 28.44 18.09 -15.82
N SER A 125 27.38 18.48 -15.13
CA SER A 125 26.11 17.75 -15.20
C SER A 125 25.55 17.77 -16.62
N GLY A 126 25.46 18.97 -17.19
CA GLY A 126 24.94 19.11 -18.54
C GLY A 126 25.54 20.29 -19.27
N GLY A 1 3.03 6.86 14.80
CA GLY A 1 2.17 7.68 15.65
C GLY A 1 2.17 7.20 17.10
N SER A 2 2.82 7.98 17.96
CA SER A 2 2.89 7.63 19.38
C SER A 2 1.82 8.38 20.17
N SER A 3 0.62 8.43 19.61
CA SER A 3 -0.49 9.11 20.28
C SER A 3 -1.66 8.15 20.51
N GLY A 4 -2.66 8.61 21.26
CA GLY A 4 -3.81 7.78 21.54
C GLY A 4 -4.18 6.89 20.38
N SER A 5 -4.10 7.42 19.17
CA SER A 5 -4.43 6.66 17.97
C SER A 5 -3.91 5.23 18.06
N SER A 6 -4.48 4.35 17.25
CA SER A 6 -4.08 2.94 17.25
C SER A 6 -2.81 2.74 16.44
N GLY A 7 -1.77 2.23 17.10
CA GLY A 7 -0.51 2.00 16.42
C GLY A 7 0.17 0.72 16.87
N PRO A 8 1.07 0.83 17.85
CA PRO A 8 1.81 -0.32 18.39
C PRO A 8 0.91 -1.25 19.19
N ALA A 9 -0.36 -0.88 19.32
CA ALA A 9 -1.32 -1.68 20.07
C ALA A 9 -1.33 -3.13 19.57
N THR A 10 -2.12 -3.97 20.23
CA THR A 10 -2.23 -5.37 19.86
C THR A 10 -3.46 -5.63 19.02
N ASP A 11 -3.73 -4.73 18.08
CA ASP A 11 -4.89 -4.86 17.20
C ASP A 11 -6.15 -5.10 18.00
N TRP A 12 -6.30 -4.38 19.11
CA TRP A 12 -7.47 -4.52 19.97
C TRP A 12 -8.39 -3.32 19.82
N LEU A 13 -9.61 -3.57 19.34
CA LEU A 13 -10.59 -2.51 19.15
C LEU A 13 -11.95 -2.92 19.72
N SER A 14 -11.93 -3.56 20.89
CA SER A 14 -13.16 -4.00 21.53
C SER A 14 -14.19 -2.88 21.58
N ALA A 15 -13.75 -1.69 21.99
CA ALA A 15 -14.63 -0.54 22.07
C ALA A 15 -15.19 -0.17 20.69
N GLU A 16 -16.40 -0.65 20.41
CA GLU A 16 -17.04 -0.38 19.13
C GLU A 16 -18.50 -0.83 19.14
N THR A 17 -19.41 0.10 18.91
CA THR A 17 -20.84 -0.20 18.90
C THR A 17 -21.33 -0.46 17.48
N PHE A 18 -20.49 -1.07 16.67
CA PHE A 18 -20.84 -1.37 15.28
C PHE A 18 -20.55 -2.84 14.95
N GLU A 19 -20.82 -3.72 15.92
CA GLU A 19 -20.59 -5.15 15.74
C GLU A 19 -21.66 -5.77 14.86
N SER A 20 -21.30 -6.84 14.15
CA SER A 20 -22.24 -7.52 13.27
C SER A 20 -22.73 -6.58 12.16
N ASP A 21 -21.92 -5.58 11.85
CA ASP A 21 -22.26 -4.62 10.82
C ASP A 21 -21.17 -4.54 9.76
N LEU A 22 -19.96 -4.91 10.14
CA LEU A 22 -18.82 -4.89 9.22
C LEU A 22 -19.04 -5.85 8.07
N ASP A 23 -18.10 -5.86 7.12
CA ASP A 23 -18.18 -6.74 5.96
C ASP A 23 -16.89 -7.53 5.79
N GLU A 24 -16.94 -8.81 6.17
CA GLU A 24 -15.78 -9.68 6.05
C GLU A 24 -16.15 -11.01 5.41
N THR A 25 -17.07 -10.96 4.46
CA THR A 25 -17.53 -12.16 3.77
C THR A 25 -16.97 -12.21 2.34
N ARG A 26 -16.57 -11.06 1.83
CA ARG A 26 -16.03 -10.97 0.48
C ARG A 26 -14.72 -10.18 0.47
N VAL A 27 -13.87 -10.47 -0.51
CA VAL A 27 -12.58 -9.78 -0.64
C VAL A 27 -12.77 -8.34 -1.10
N PRO A 28 -11.89 -7.45 -0.65
CA PRO A 28 -11.94 -6.03 -1.00
C PRO A 28 -11.58 -5.79 -2.47
N GLU A 29 -12.53 -5.28 -3.23
CA GLU A 29 -12.32 -5.00 -4.65
C GLU A 29 -11.29 -3.89 -4.83
N VAL A 30 -10.77 -3.77 -6.05
CA VAL A 30 -9.78 -2.75 -6.37
C VAL A 30 -10.04 -1.47 -5.58
N PRO A 31 -8.96 -0.86 -5.07
CA PRO A 31 -9.04 0.38 -4.29
C PRO A 31 -9.45 1.58 -5.15
N SER A 32 -9.71 2.71 -4.49
CA SER A 32 -10.11 3.92 -5.20
C SER A 32 -9.12 4.26 -6.29
N SER A 33 -7.83 4.28 -5.93
CA SER A 33 -6.77 4.60 -6.89
C SER A 33 -5.40 4.37 -6.27
N LEU A 34 -4.36 4.54 -7.08
CA LEU A 34 -2.99 4.35 -6.61
C LEU A 34 -2.04 5.30 -7.33
N HIS A 35 -1.44 6.22 -6.57
CA HIS A 35 -0.52 7.20 -7.13
C HIS A 35 0.92 6.82 -6.77
N VAL A 36 1.86 7.14 -7.68
CA VAL A 36 3.26 6.84 -7.46
C VAL A 36 4.14 8.03 -7.86
N ARG A 37 5.12 8.34 -7.01
CA ARG A 37 6.03 9.44 -7.29
C ARG A 37 7.46 8.95 -7.42
N PRO A 38 7.98 8.97 -8.65
CA PRO A 38 9.34 8.51 -8.95
C PRO A 38 10.39 9.47 -8.41
N LEU A 39 11.27 8.95 -7.55
CA LEU A 39 12.34 9.75 -6.96
C LEU A 39 13.71 9.27 -7.40
N VAL A 40 14.69 10.16 -7.38
CA VAL A 40 16.05 9.82 -7.78
C VAL A 40 16.36 8.36 -7.48
N THR A 41 16.57 8.07 -6.19
CA THR A 41 16.88 6.71 -5.76
C THR A 41 15.78 6.16 -4.85
N SER A 42 14.57 6.68 -5.02
CA SER A 42 13.43 6.23 -4.22
C SER A 42 12.13 6.39 -4.98
N ILE A 43 11.02 6.05 -4.33
CA ILE A 43 9.70 6.16 -4.96
C ILE A 43 8.60 6.19 -3.91
N VAL A 44 7.86 7.28 -3.88
CA VAL A 44 6.75 7.44 -2.93
C VAL A 44 5.47 6.82 -3.46
N VAL A 45 5.13 5.64 -2.95
CA VAL A 45 3.92 4.95 -3.38
C VAL A 45 2.77 5.20 -2.41
N SER A 46 1.87 6.10 -2.79
CA SER A 46 0.72 6.44 -1.96
C SER A 46 -0.54 5.75 -2.47
N TRP A 47 -1.36 5.26 -1.54
CA TRP A 47 -2.60 4.58 -1.89
C TRP A 47 -3.70 4.91 -0.89
N THR A 48 -4.95 4.71 -1.31
CA THR A 48 -6.10 4.99 -0.45
C THR A 48 -7.01 3.79 -0.36
N PRO A 49 -7.72 3.66 0.77
CA PRO A 49 -8.65 2.55 1.01
C PRO A 49 -9.89 2.65 0.13
N PRO A 50 -10.63 1.54 0.03
CA PRO A 50 -11.86 1.46 -0.78
C PRO A 50 -12.99 2.27 -0.17
N GLU A 51 -13.63 3.10 -0.99
CA GLU A 51 -14.75 3.93 -0.53
C GLU A 51 -15.60 3.17 0.48
N ASN A 52 -15.95 1.94 0.15
CA ASN A 52 -16.77 1.12 1.02
C ASN A 52 -15.95 0.62 2.22
N GLN A 53 -15.87 1.43 3.26
CA GLN A 53 -15.12 1.07 4.46
C GLN A 53 -15.68 -0.21 5.07
N ASN A 54 -16.99 -0.40 4.96
CA ASN A 54 -17.64 -1.59 5.51
C ASN A 54 -16.75 -2.82 5.36
N ILE A 55 -16.11 -2.94 4.20
CA ILE A 55 -15.23 -4.06 3.93
C ILE A 55 -13.98 -4.02 4.83
N VAL A 56 -13.82 -5.05 5.64
CA VAL A 56 -12.67 -5.13 6.55
C VAL A 56 -11.37 -5.31 5.78
N VAL A 57 -10.57 -4.24 5.74
CA VAL A 57 -9.30 -4.27 5.04
C VAL A 57 -8.12 -4.37 6.01
N ARG A 58 -7.49 -5.53 6.05
CA ARG A 58 -6.36 -5.76 6.94
C ARG A 58 -5.13 -4.99 6.46
N GLY A 59 -4.76 -5.20 5.20
CA GLY A 59 -3.61 -4.52 4.64
C GLY A 59 -3.54 -4.63 3.14
N TYR A 60 -2.48 -4.09 2.55
CA TYR A 60 -2.31 -4.12 1.10
C TYR A 60 -0.92 -4.64 0.73
N ALA A 61 -0.77 -5.04 -0.52
CA ALA A 61 0.51 -5.55 -1.00
C ALA A 61 1.09 -4.66 -2.10
N ILE A 62 2.33 -4.23 -1.91
CA ILE A 62 3.01 -3.38 -2.87
C ILE A 62 4.08 -4.14 -3.63
N GLY A 63 3.97 -4.17 -4.96
CA GLY A 63 4.94 -4.86 -5.78
C GLY A 63 5.70 -3.92 -6.68
N TYR A 64 7.02 -3.89 -6.51
CA TYR A 64 7.87 -3.01 -7.32
C TYR A 64 8.99 -3.81 -7.98
N GLY A 65 9.42 -3.37 -9.16
CA GLY A 65 10.49 -4.04 -9.87
C GLY A 65 10.68 -3.50 -11.27
N ILE A 66 11.89 -3.68 -11.80
CA ILE A 66 12.21 -3.20 -13.14
C ILE A 66 11.27 -3.81 -14.18
N GLY A 67 10.43 -2.98 -14.78
CA GLY A 67 9.49 -3.45 -15.78
C GLY A 67 8.83 -4.76 -15.38
N SER A 68 8.78 -5.01 -14.08
CA SER A 68 8.16 -6.24 -13.57
C SER A 68 7.96 -6.15 -12.06
N PRO A 69 6.69 -6.04 -11.64
CA PRO A 69 6.32 -5.94 -10.23
C PRO A 69 6.55 -7.25 -9.48
N HIS A 70 6.73 -8.34 -10.24
CA HIS A 70 6.96 -9.65 -9.65
C HIS A 70 8.42 -9.81 -9.22
N ALA A 71 8.96 -8.76 -8.61
CA ALA A 71 10.35 -8.77 -8.14
C ALA A 71 10.41 -8.75 -6.61
N GLN A 72 9.54 -7.96 -6.00
CA GLN A 72 9.50 -7.85 -4.55
C GLN A 72 8.09 -7.57 -4.07
N THR A 73 7.84 -7.85 -2.79
CA THR A 73 6.52 -7.64 -2.20
C THR A 73 6.64 -7.11 -0.78
N ILE A 74 5.77 -6.16 -0.44
CA ILE A 74 5.77 -5.57 0.90
C ILE A 74 4.37 -5.52 1.48
N LYS A 75 4.12 -6.37 2.47
CA LYS A 75 2.81 -6.44 3.12
C LYS A 75 2.79 -5.55 4.36
N VAL A 76 2.02 -4.47 4.30
CA VAL A 76 1.90 -3.55 5.43
C VAL A 76 0.46 -3.50 5.95
N ASP A 77 0.28 -2.83 7.09
CA ASP A 77 -1.03 -2.71 7.69
C ASP A 77 -1.85 -1.62 7.01
N TYR A 78 -3.16 -1.65 7.21
CA TYR A 78 -4.05 -0.67 6.59
C TYR A 78 -3.58 0.76 6.89
N LYS A 79 -3.34 1.03 8.17
CA LYS A 79 -2.88 2.35 8.58
C LYS A 79 -1.94 2.96 7.54
N GLN A 80 -0.89 2.23 7.20
CA GLN A 80 0.08 2.70 6.22
C GLN A 80 -0.62 3.29 5.00
N ARG A 81 -0.58 4.61 4.88
CA ARG A 81 -1.22 5.29 3.76
C ARG A 81 -0.34 5.21 2.51
N TYR A 82 0.97 5.33 2.69
CA TYR A 82 1.90 5.26 1.57
C TYR A 82 3.19 4.56 1.98
N TYR A 83 4.04 4.26 1.00
CA TYR A 83 5.30 3.58 1.26
C TYR A 83 6.41 4.16 0.40
N THR A 84 7.54 4.48 1.03
CA THR A 84 8.68 5.04 0.32
C THR A 84 9.77 3.99 0.11
N ILE A 85 9.90 3.53 -1.13
CA ILE A 85 10.90 2.52 -1.47
C ILE A 85 12.28 3.16 -1.64
N GLU A 86 13.25 2.69 -0.87
CA GLU A 86 14.61 3.20 -0.94
C GLU A 86 15.56 2.17 -1.56
N ASN A 87 16.84 2.50 -1.58
CA ASN A 87 17.85 1.61 -2.14
C ASN A 87 17.41 1.09 -3.51
N LEU A 88 16.97 2.01 -4.37
CA LEU A 88 16.53 1.65 -5.70
C LEU A 88 17.55 2.06 -6.75
N ASP A 89 17.33 1.64 -7.99
CA ASP A 89 18.25 1.96 -9.08
C ASP A 89 17.69 3.12 -9.92
N PRO A 90 18.41 4.25 -9.91
CA PRO A 90 18.03 5.45 -10.66
C PRO A 90 18.17 5.26 -12.16
N SER A 91 17.52 6.12 -12.93
CA SER A 91 17.57 6.04 -14.39
C SER A 91 17.05 4.70 -14.88
N SER A 92 15.89 4.31 -14.37
CA SER A 92 15.27 3.04 -14.76
C SER A 92 13.77 3.07 -14.52
N HIS A 93 13.03 2.32 -15.33
CA HIS A 93 11.58 2.25 -15.20
C HIS A 93 11.16 1.21 -14.16
N TYR A 94 10.28 1.61 -13.25
CA TYR A 94 9.81 0.72 -12.20
C TYR A 94 8.29 0.61 -12.21
N VAL A 95 7.79 -0.62 -12.14
CA VAL A 95 6.35 -0.84 -12.14
C VAL A 95 5.83 -1.12 -10.72
N ILE A 96 4.80 -0.40 -10.33
CA ILE A 96 4.21 -0.56 -9.00
C ILE A 96 2.80 -1.13 -9.10
N THR A 97 2.46 -2.00 -8.16
CA THR A 97 1.14 -2.62 -8.13
C THR A 97 0.61 -2.75 -6.70
N LEU A 98 -0.65 -2.40 -6.51
CA LEU A 98 -1.28 -2.47 -5.20
C LEU A 98 -2.57 -3.26 -5.25
N LYS A 99 -2.77 -4.14 -4.26
CA LYS A 99 -3.98 -4.95 -4.20
C LYS A 99 -4.48 -5.05 -2.76
N ALA A 100 -5.79 -4.90 -2.59
CA ALA A 100 -6.40 -4.98 -1.27
C ALA A 100 -6.62 -6.43 -0.85
N PHE A 101 -6.23 -6.76 0.37
CA PHE A 101 -6.37 -8.11 0.90
C PHE A 101 -6.97 -8.09 2.30
N ASN A 102 -7.68 -9.16 2.65
CA ASN A 102 -8.29 -9.26 3.97
C ASN A 102 -8.56 -10.72 4.33
N ASN A 103 -9.19 -10.94 5.48
CA ASN A 103 -9.50 -12.29 5.94
C ASN A 103 -10.15 -13.10 4.84
N VAL A 104 -11.09 -12.49 4.12
CA VAL A 104 -11.79 -13.16 3.03
C VAL A 104 -10.82 -13.59 1.94
N GLY A 105 -9.95 -12.67 1.53
CA GLY A 105 -8.98 -12.96 0.49
C GLY A 105 -8.37 -11.71 -0.12
N GLU A 106 -7.85 -11.84 -1.33
CA GLU A 106 -7.24 -10.71 -2.02
C GLU A 106 -8.16 -10.20 -3.13
N GLY A 107 -7.90 -8.97 -3.58
CA GLY A 107 -8.71 -8.38 -4.64
C GLY A 107 -7.96 -8.29 -5.95
N ILE A 108 -8.20 -7.22 -6.70
CA ILE A 108 -7.55 -7.02 -7.98
C ILE A 108 -6.45 -5.97 -7.88
N PRO A 109 -5.22 -6.36 -8.23
CA PRO A 109 -4.06 -5.47 -8.18
C PRO A 109 -4.12 -4.39 -9.25
N LEU A 110 -3.35 -3.32 -9.05
CA LEU A 110 -3.32 -2.21 -10.00
C LEU A 110 -1.98 -2.17 -10.73
N TYR A 111 -1.94 -1.41 -11.83
CA TYR A 111 -0.72 -1.27 -12.62
C TYR A 111 -0.28 0.19 -12.72
N GLU A 112 0.94 0.45 -12.28
CA GLU A 112 1.49 1.81 -12.33
C GLU A 112 2.89 1.83 -12.93
N SER A 113 3.36 3.03 -13.25
CA SER A 113 4.69 3.17 -13.84
C SER A 113 5.39 4.43 -13.31
N ALA A 114 6.69 4.33 -13.12
CA ALA A 114 7.47 5.45 -12.62
C ALA A 114 8.94 5.34 -13.04
N VAL A 115 9.42 6.33 -13.77
CA VAL A 115 10.80 6.34 -14.23
C VAL A 115 11.68 7.20 -13.33
N THR A 116 12.51 6.54 -12.52
CA THR A 116 13.41 7.23 -11.61
C THR A 116 14.18 8.33 -12.32
N ARG A 117 14.35 9.46 -11.64
CA ARG A 117 15.07 10.59 -12.22
C ARG A 117 16.56 10.30 -12.30
N PRO A 118 17.25 10.98 -13.22
CA PRO A 118 18.70 10.81 -13.42
C PRO A 118 19.50 11.39 -12.26
N HIS A 119 20.23 10.51 -11.56
CA HIS A 119 21.05 10.93 -10.43
C HIS A 119 22.39 11.49 -10.91
N THR A 120 22.33 12.35 -11.92
CA THR A 120 23.54 12.95 -12.48
C THR A 120 23.73 14.37 -11.97
N SER A 121 23.42 14.58 -10.69
CA SER A 121 23.55 15.91 -10.08
C SER A 121 24.49 15.86 -8.88
N GLY A 122 24.89 17.03 -8.41
CA GLY A 122 25.79 17.11 -7.28
C GLY A 122 27.21 17.44 -7.68
N PRO A 123 27.41 18.64 -8.23
CA PRO A 123 28.73 19.11 -8.68
C PRO A 123 29.68 19.38 -7.51
N SER A 124 30.87 19.87 -7.82
CA SER A 124 31.86 20.17 -6.80
C SER A 124 31.86 21.65 -6.47
N SER A 125 30.68 22.24 -6.39
CA SER A 125 30.54 23.66 -6.08
C SER A 125 30.45 23.88 -4.57
N GLY A 126 29.42 23.30 -3.97
CA GLY A 126 29.22 23.45 -2.54
C GLY A 126 29.26 22.13 -1.80
N GLY A 1 -25.92 35.94 38.63
CA GLY A 1 -26.44 35.13 37.55
C GLY A 1 -26.61 33.68 37.94
N SER A 2 -27.64 33.39 38.72
CA SER A 2 -27.91 32.03 39.17
C SER A 2 -27.97 31.07 37.98
N SER A 3 -28.67 31.49 36.93
CA SER A 3 -28.80 30.66 35.73
C SER A 3 -27.54 30.73 34.88
N GLY A 4 -27.46 29.85 33.87
CA GLY A 4 -26.31 29.83 33.00
C GLY A 4 -26.15 28.50 32.29
N SER A 5 -25.85 28.55 31.00
CA SER A 5 -25.68 27.34 30.21
C SER A 5 -24.79 27.60 29.00
N SER A 6 -23.67 26.89 28.93
CA SER A 6 -22.72 27.05 27.84
C SER A 6 -23.20 26.29 26.59
N GLY A 7 -23.35 24.99 26.72
CA GLY A 7 -23.81 24.17 25.61
C GLY A 7 -22.74 23.19 25.14
N PRO A 8 -22.69 22.02 25.80
CA PRO A 8 -21.72 20.97 25.46
C PRO A 8 -22.02 20.32 24.10
N ALA A 9 -20.99 19.75 23.50
CA ALA A 9 -21.13 19.09 22.21
C ALA A 9 -20.10 17.97 22.03
N THR A 10 -20.10 17.34 20.86
CA THR A 10 -19.17 16.26 20.58
C THR A 10 -18.77 16.26 19.11
N ASP A 11 -17.49 16.50 18.85
CA ASP A 11 -16.98 16.53 17.48
C ASP A 11 -16.32 15.19 17.12
N TRP A 12 -16.17 14.95 15.82
CA TRP A 12 -15.55 13.71 15.35
C TRP A 12 -14.17 13.54 15.94
N LEU A 13 -13.95 12.43 16.63
CA LEU A 13 -12.66 12.14 17.24
C LEU A 13 -12.18 10.74 16.86
N SER A 14 -10.90 10.47 17.14
CA SER A 14 -10.31 9.17 16.82
C SER A 14 -10.80 8.10 17.78
N ALA A 15 -11.96 7.53 17.49
CA ALA A 15 -12.53 6.48 18.33
C ALA A 15 -11.77 5.17 18.19
N GLU A 16 -11.61 4.45 19.29
CA GLU A 16 -10.89 3.19 19.28
C GLU A 16 -11.86 2.02 19.46
N THR A 17 -13.03 2.12 18.83
CA THR A 17 -14.04 1.07 18.92
C THR A 17 -14.45 0.58 17.53
N PHE A 18 -14.41 -0.73 17.34
CA PHE A 18 -14.78 -1.33 16.06
C PHE A 18 -15.74 -2.49 16.27
N GLU A 19 -16.94 -2.36 15.69
CA GLU A 19 -17.96 -3.39 15.80
C GLU A 19 -17.74 -4.48 14.76
N SER A 20 -18.12 -5.71 15.12
CA SER A 20 -17.97 -6.85 14.22
C SER A 20 -19.17 -6.97 13.28
N ASP A 21 -19.49 -5.87 12.61
CA ASP A 21 -20.62 -5.86 11.68
C ASP A 21 -20.20 -5.35 10.30
N LEU A 22 -19.09 -5.90 9.80
CA LEU A 22 -18.57 -5.50 8.50
C LEU A 22 -18.58 -6.68 7.53
N ASP A 23 -18.46 -6.38 6.24
CA ASP A 23 -18.46 -7.42 5.21
C ASP A 23 -17.11 -8.15 5.19
N GLU A 24 -17.11 -9.38 5.70
CA GLU A 24 -15.89 -10.18 5.74
C GLU A 24 -16.12 -11.55 5.11
N THR A 25 -16.92 -11.57 4.04
CA THR A 25 -17.22 -12.82 3.35
C THR A 25 -16.59 -12.85 1.96
N ARG A 26 -16.18 -11.67 1.48
CA ARG A 26 -15.57 -11.56 0.16
C ARG A 26 -14.30 -10.71 0.22
N VAL A 27 -13.43 -10.90 -0.75
CA VAL A 27 -12.17 -10.14 -0.80
C VAL A 27 -12.42 -8.69 -1.17
N PRO A 28 -11.52 -7.80 -0.73
CA PRO A 28 -11.62 -6.36 -1.00
C PRO A 28 -11.37 -6.03 -2.47
N GLU A 29 -12.44 -5.71 -3.19
CA GLU A 29 -12.34 -5.37 -4.61
C GLU A 29 -11.31 -4.28 -4.82
N VAL A 30 -10.73 -4.26 -6.02
CA VAL A 30 -9.72 -3.25 -6.36
C VAL A 30 -10.00 -1.92 -5.67
N PRO A 31 -8.95 -1.27 -5.16
CA PRO A 31 -9.06 0.01 -4.47
C PRO A 31 -9.43 1.15 -5.41
N SER A 32 -9.73 2.31 -4.85
CA SER A 32 -10.09 3.48 -5.64
C SER A 32 -9.04 3.77 -6.71
N SER A 33 -7.78 3.76 -6.30
CA SER A 33 -6.68 4.03 -7.22
C SER A 33 -5.33 3.83 -6.52
N LEU A 34 -4.25 4.13 -7.23
CA LEU A 34 -2.90 3.99 -6.69
C LEU A 34 -1.96 5.01 -7.30
N HIS A 35 -1.48 5.94 -6.48
CA HIS A 35 -0.56 6.98 -6.93
C HIS A 35 0.89 6.61 -6.61
N VAL A 36 1.81 7.04 -7.46
CA VAL A 36 3.23 6.75 -7.26
C VAL A 36 4.09 7.95 -7.64
N ARG A 37 5.18 8.15 -6.92
CA ARG A 37 6.09 9.26 -7.19
C ARG A 37 7.53 8.77 -7.31
N PRO A 38 8.06 8.76 -8.54
CA PRO A 38 9.43 8.33 -8.82
C PRO A 38 10.47 9.29 -8.27
N LEU A 39 11.37 8.77 -7.43
CA LEU A 39 12.41 9.58 -6.83
C LEU A 39 13.79 9.12 -7.29
N VAL A 40 14.75 10.03 -7.27
CA VAL A 40 16.12 9.71 -7.68
C VAL A 40 16.47 8.26 -7.36
N THR A 41 16.60 7.96 -6.08
CA THR A 41 16.93 6.61 -5.63
C THR A 41 15.83 6.03 -4.76
N SER A 42 14.63 6.58 -4.89
CA SER A 42 13.48 6.11 -4.10
C SER A 42 12.19 6.23 -4.89
N ILE A 43 11.08 5.88 -4.26
CA ILE A 43 9.77 5.95 -4.91
C ILE A 43 8.65 5.97 -3.88
N VAL A 44 8.03 7.14 -3.71
CA VAL A 44 6.93 7.30 -2.76
C VAL A 44 5.63 6.76 -3.34
N VAL A 45 5.29 5.53 -2.97
CA VAL A 45 4.06 4.90 -3.44
C VAL A 45 2.89 5.27 -2.55
N SER A 46 2.05 6.18 -3.05
CA SER A 46 0.88 6.63 -2.30
C SER A 46 -0.40 6.09 -2.93
N TRP A 47 -1.18 5.36 -2.14
CA TRP A 47 -2.44 4.78 -2.62
C TRP A 47 -3.61 5.26 -1.76
N THR A 48 -4.80 4.73 -2.06
CA THR A 48 -6.00 5.09 -1.32
C THR A 48 -6.89 3.87 -1.09
N PRO A 49 -7.71 3.93 -0.03
CA PRO A 49 -8.63 2.84 0.32
C PRO A 49 -9.77 2.71 -0.69
N PRO A 50 -10.36 1.51 -0.74
CA PRO A 50 -11.48 1.22 -1.66
C PRO A 50 -12.76 1.94 -1.25
N GLU A 51 -13.30 2.73 -2.17
CA GLU A 51 -14.53 3.47 -1.90
C GLU A 51 -15.49 2.65 -1.04
N ASN A 52 -15.42 1.33 -1.19
CA ASN A 52 -16.28 0.43 -0.43
C ASN A 52 -15.65 0.07 0.90
N GLN A 53 -16.10 0.72 1.97
CA GLN A 53 -15.58 0.46 3.31
C GLN A 53 -16.21 -0.79 3.91
N ASN A 54 -17.48 -1.02 3.58
CA ASN A 54 -18.20 -2.17 4.10
C ASN A 54 -17.30 -3.40 4.14
N ILE A 55 -16.41 -3.52 3.15
CA ILE A 55 -15.49 -4.65 3.07
C ILE A 55 -14.36 -4.50 4.06
N VAL A 56 -13.89 -5.63 4.60
CA VAL A 56 -12.81 -5.63 5.56
C VAL A 56 -11.45 -5.79 4.88
N VAL A 57 -10.45 -5.07 5.38
CA VAL A 57 -9.11 -5.14 4.81
C VAL A 57 -8.05 -5.19 5.91
N ARG A 58 -7.11 -6.12 5.78
CA ARG A 58 -6.05 -6.26 6.77
C ARG A 58 -4.72 -5.77 6.21
N GLY A 59 -4.79 -4.92 5.20
CA GLY A 59 -3.59 -4.38 4.59
C GLY A 59 -3.56 -4.58 3.08
N TYR A 60 -2.49 -4.11 2.45
CA TYR A 60 -2.35 -4.23 1.00
C TYR A 60 -0.99 -4.82 0.64
N ALA A 61 -0.88 -5.31 -0.60
CA ALA A 61 0.37 -5.90 -1.07
C ALA A 61 0.96 -5.08 -2.22
N ILE A 62 2.08 -4.42 -1.94
CA ILE A 62 2.75 -3.60 -2.93
C ILE A 62 3.79 -4.40 -3.70
N GLY A 63 3.77 -4.29 -5.03
CA GLY A 63 4.71 -5.02 -5.86
C GLY A 63 5.39 -4.12 -6.88
N TYR A 64 6.71 -4.04 -6.80
CA TYR A 64 7.48 -3.21 -7.72
C TYR A 64 8.48 -4.05 -8.50
N GLY A 65 8.92 -3.53 -9.64
CA GLY A 65 9.89 -4.24 -10.45
C GLY A 65 9.91 -3.75 -11.89
N ILE A 66 11.10 -3.44 -12.40
CA ILE A 66 11.24 -2.96 -13.77
C ILE A 66 10.56 -3.89 -14.75
N GLY A 67 9.47 -3.42 -15.35
CA GLY A 67 8.74 -4.23 -16.31
C GLY A 67 7.79 -5.20 -15.64
N SER A 68 8.32 -6.01 -14.73
CA SER A 68 7.51 -7.00 -14.02
C SER A 68 7.58 -6.78 -12.51
N PRO A 69 6.42 -6.55 -11.89
CA PRO A 69 6.33 -6.32 -10.44
C PRO A 69 6.62 -7.58 -9.64
N HIS A 70 6.84 -8.69 -10.33
CA HIS A 70 7.14 -9.96 -9.69
C HIS A 70 8.58 -10.00 -9.20
N ALA A 71 9.01 -8.94 -8.54
CA ALA A 71 10.37 -8.86 -8.03
C ALA A 71 10.38 -8.83 -6.50
N GLN A 72 9.65 -7.89 -5.93
CA GLN A 72 9.57 -7.74 -4.47
C GLN A 72 8.16 -7.42 -4.03
N THR A 73 7.83 -7.77 -2.79
CA THR A 73 6.50 -7.53 -2.25
C THR A 73 6.58 -6.99 -0.83
N ILE A 74 5.91 -5.88 -0.58
CA ILE A 74 5.91 -5.26 0.75
C ILE A 74 4.50 -5.22 1.33
N LYS A 75 4.29 -5.95 2.42
CA LYS A 75 2.99 -6.00 3.08
C LYS A 75 2.97 -5.07 4.28
N VAL A 76 2.06 -4.08 4.25
CA VAL A 76 1.93 -3.13 5.34
C VAL A 76 0.49 -3.01 5.79
N ASP A 77 0.29 -2.75 7.08
CA ASP A 77 -1.05 -2.61 7.64
C ASP A 77 -1.90 -1.68 6.79
N TYR A 78 -3.21 -1.90 6.80
CA TYR A 78 -4.13 -1.09 6.02
C TYR A 78 -3.93 0.40 6.33
N LYS A 79 -3.80 0.72 7.61
CA LYS A 79 -3.61 2.10 8.04
C LYS A 79 -2.64 2.83 7.11
N GLN A 80 -1.51 2.19 6.81
CA GLN A 80 -0.52 2.77 5.92
C GLN A 80 -1.16 3.31 4.65
N ARG A 81 -0.99 4.60 4.41
CA ARG A 81 -1.56 5.24 3.23
C ARG A 81 -0.57 5.20 2.06
N TYR A 82 0.70 5.34 2.37
CA TYR A 82 1.75 5.33 1.35
C TYR A 82 3.02 4.67 1.88
N TYR A 83 3.94 4.36 0.98
CA TYR A 83 5.20 3.73 1.35
C TYR A 83 6.37 4.30 0.54
N THR A 84 7.52 4.42 1.18
CA THR A 84 8.70 4.96 0.51
C THR A 84 9.71 3.85 0.22
N ILE A 85 9.82 3.48 -1.06
CA ILE A 85 10.75 2.43 -1.47
C ILE A 85 12.12 3.02 -1.80
N GLU A 86 13.11 2.70 -0.97
CA GLU A 86 14.46 3.18 -1.17
C GLU A 86 15.38 2.06 -1.65
N ASN A 87 16.62 2.42 -1.99
CA ASN A 87 17.59 1.44 -2.46
C ASN A 87 17.24 0.95 -3.85
N LEU A 88 16.86 1.87 -4.73
CA LEU A 88 16.50 1.53 -6.09
C LEU A 88 17.52 2.07 -7.09
N ASP A 89 17.35 1.71 -8.36
CA ASP A 89 18.26 2.17 -9.41
C ASP A 89 17.67 3.37 -10.15
N PRO A 90 18.41 4.49 -10.12
CA PRO A 90 17.97 5.72 -10.79
C PRO A 90 18.03 5.61 -12.31
N SER A 91 17.19 6.40 -12.98
CA SER A 91 17.14 6.38 -14.44
C SER A 91 16.63 5.04 -14.95
N SER A 92 15.52 4.57 -14.37
CA SER A 92 14.94 3.29 -14.76
C SER A 92 13.45 3.26 -14.41
N HIS A 93 12.64 2.69 -15.31
CA HIS A 93 11.22 2.59 -15.10
C HIS A 93 10.88 1.39 -14.22
N TYR A 94 10.04 1.62 -13.21
CA TYR A 94 9.65 0.55 -12.28
C TYR A 94 8.13 0.43 -12.21
N VAL A 95 7.62 -0.76 -12.51
CA VAL A 95 6.19 -1.01 -12.48
C VAL A 95 5.72 -1.33 -11.06
N ILE A 96 4.96 -0.41 -10.47
CA ILE A 96 4.44 -0.60 -9.12
C ILE A 96 3.00 -1.08 -9.14
N THR A 97 2.67 -1.98 -8.23
CA THR A 97 1.32 -2.53 -8.14
C THR A 97 0.82 -2.53 -6.70
N LEU A 98 -0.49 -2.43 -6.54
CA LEU A 98 -1.10 -2.41 -5.21
C LEU A 98 -2.43 -3.17 -5.22
N LYS A 99 -2.65 -3.98 -4.18
CA LYS A 99 -3.89 -4.75 -4.07
C LYS A 99 -4.23 -4.99 -2.60
N ALA A 100 -5.50 -4.81 -2.27
CA ALA A 100 -5.98 -5.00 -0.91
C ALA A 100 -6.23 -6.48 -0.62
N PHE A 101 -6.01 -6.89 0.63
CA PHE A 101 -6.22 -8.27 1.03
C PHE A 101 -6.80 -8.35 2.43
N ASN A 102 -7.55 -9.41 2.70
CA ASN A 102 -8.16 -9.61 4.01
C ASN A 102 -8.26 -11.09 4.35
N ASN A 103 -8.87 -11.40 5.49
CA ASN A 103 -9.02 -12.78 5.93
C ASN A 103 -9.51 -13.66 4.79
N VAL A 104 -10.41 -13.12 3.98
CA VAL A 104 -10.96 -13.86 2.85
C VAL A 104 -9.93 -14.01 1.74
N GLY A 105 -9.27 -12.92 1.39
CA GLY A 105 -8.26 -12.96 0.34
C GLY A 105 -7.99 -11.60 -0.25
N GLU A 106 -7.40 -11.58 -1.45
CA GLU A 106 -7.09 -10.34 -2.13
C GLU A 106 -7.94 -10.18 -3.39
N GLY A 107 -8.04 -8.94 -3.87
CA GLY A 107 -8.82 -8.68 -5.06
C GLY A 107 -7.96 -8.45 -6.29
N ILE A 108 -8.30 -7.44 -7.08
CA ILE A 108 -7.54 -7.13 -8.28
C ILE A 108 -6.55 -6.00 -8.04
N PRO A 109 -5.28 -6.24 -8.37
CA PRO A 109 -4.21 -5.25 -8.21
C PRO A 109 -4.34 -4.08 -9.17
N LEU A 110 -3.36 -3.18 -9.14
CA LEU A 110 -3.37 -2.01 -10.01
C LEU A 110 -2.02 -1.84 -10.70
N TYR A 111 -2.04 -1.27 -11.90
CA TYR A 111 -0.82 -1.05 -12.66
C TYR A 111 -0.47 0.44 -12.72
N GLU A 112 0.80 0.75 -12.47
CA GLU A 112 1.26 2.13 -12.50
C GLU A 112 2.64 2.23 -13.15
N SER A 113 3.14 3.46 -13.26
CA SER A 113 4.44 3.69 -13.86
C SER A 113 5.21 4.78 -13.11
N ALA A 114 6.50 4.56 -12.90
CA ALA A 114 7.34 5.52 -12.21
C ALA A 114 8.77 5.47 -12.71
N VAL A 115 9.26 6.58 -13.24
CA VAL A 115 10.62 6.66 -13.76
C VAL A 115 11.52 7.43 -12.82
N THR A 116 12.35 6.70 -12.08
CA THR A 116 13.27 7.32 -11.12
C THR A 116 14.10 8.42 -11.79
N ARG A 117 14.30 9.52 -11.07
CA ARG A 117 15.07 10.64 -11.60
C ARG A 117 16.53 10.24 -11.80
N PRO A 118 17.22 10.95 -12.71
CA PRO A 118 18.63 10.69 -13.01
C PRO A 118 19.55 11.09 -11.88
N HIS A 119 20.41 10.15 -11.47
CA HIS A 119 21.35 10.41 -10.39
C HIS A 119 22.76 10.60 -10.93
N THR A 120 23.19 11.86 -11.03
CA THR A 120 24.52 12.17 -11.53
C THR A 120 25.59 11.39 -10.78
N SER A 121 25.97 10.24 -11.33
CA SER A 121 26.99 9.40 -10.71
C SER A 121 28.37 10.05 -10.81
N GLY A 122 29.37 9.39 -10.24
CA GLY A 122 30.72 9.91 -10.28
C GLY A 122 30.91 11.09 -9.33
N PRO A 123 32.18 11.48 -9.13
CA PRO A 123 32.52 12.60 -8.25
C PRO A 123 32.09 13.95 -8.83
N SER A 124 30.89 14.39 -8.46
CA SER A 124 30.36 15.65 -8.95
C SER A 124 30.91 16.82 -8.13
N SER A 125 31.26 17.91 -8.82
CA SER A 125 31.80 19.09 -8.16
C SER A 125 31.91 20.26 -9.14
N GLY A 126 32.20 21.44 -8.61
CA GLY A 126 32.33 22.61 -9.45
C GLY A 126 33.26 23.65 -8.86
N GLY A 1 20.00 24.86 22.01
CA GLY A 1 19.21 25.07 23.23
C GLY A 1 18.32 23.89 23.54
N SER A 2 17.72 23.90 24.73
CA SER A 2 16.85 22.82 25.16
C SER A 2 16.15 23.17 26.47
N SER A 3 15.25 22.30 26.90
CA SER A 3 14.50 22.52 28.13
C SER A 3 13.74 21.26 28.54
N GLY A 4 13.15 21.30 29.74
CA GLY A 4 12.41 20.15 30.23
C GLY A 4 10.92 20.34 30.13
N SER A 5 10.25 19.41 29.45
CA SER A 5 8.80 19.49 29.27
C SER A 5 8.26 18.21 28.64
N SER A 6 6.95 18.00 28.76
CA SER A 6 6.32 16.81 28.19
C SER A 6 4.79 16.93 28.29
N GLY A 7 4.11 16.10 27.51
CA GLY A 7 2.65 16.11 27.52
C GLY A 7 2.05 14.73 27.34
N PRO A 8 1.26 14.29 28.33
CA PRO A 8 0.61 12.98 28.31
C PRO A 8 -0.48 12.89 27.25
N ALA A 9 -1.19 11.77 27.22
CA ALA A 9 -2.26 11.56 26.25
C ALA A 9 -3.63 11.70 26.92
N THR A 10 -4.66 11.86 26.11
CA THR A 10 -6.02 12.02 26.61
C THR A 10 -6.98 11.05 25.92
N ASP A 11 -7.67 10.24 26.71
CA ASP A 11 -8.61 9.28 26.17
C ASP A 11 -9.70 8.94 27.20
N TRP A 12 -10.77 8.30 26.74
CA TRP A 12 -11.86 7.93 27.62
C TRP A 12 -11.94 6.42 27.80
N LEU A 13 -10.77 5.80 27.97
CA LEU A 13 -10.70 4.35 28.15
C LEU A 13 -11.59 3.63 27.15
N SER A 14 -11.58 4.10 25.90
CA SER A 14 -12.39 3.51 24.85
C SER A 14 -11.90 3.94 23.47
N ALA A 15 -11.98 3.03 22.51
CA ALA A 15 -11.55 3.32 21.15
C ALA A 15 -11.89 2.16 20.21
N GLU A 16 -12.70 2.44 19.19
CA GLU A 16 -13.09 1.43 18.23
C GLU A 16 -13.60 2.07 16.94
N THR A 17 -12.96 1.75 15.83
CA THR A 17 -13.35 2.30 14.53
C THR A 17 -13.76 1.19 13.57
N PHE A 18 -14.44 0.18 14.10
CA PHE A 18 -14.90 -0.94 13.29
C PHE A 18 -16.07 -1.66 13.95
N GLU A 19 -17.19 -1.73 13.25
CA GLU A 19 -18.37 -2.40 13.78
C GLU A 19 -18.51 -3.81 13.23
N SER A 20 -19.22 -4.66 13.96
CA SER A 20 -19.40 -6.05 13.55
C SER A 20 -20.18 -6.13 12.23
N ASP A 21 -21.19 -5.26 12.10
CA ASP A 21 -22.01 -5.23 10.89
C ASP A 21 -21.15 -5.41 9.65
N LEU A 22 -20.00 -4.75 9.64
CA LEU A 22 -19.08 -4.83 8.49
C LEU A 22 -19.11 -6.23 7.88
N ASP A 23 -18.98 -6.29 6.56
CA ASP A 23 -18.97 -7.57 5.86
C ASP A 23 -17.56 -8.13 5.75
N GLU A 24 -17.33 -9.27 6.39
CA GLU A 24 -16.01 -9.91 6.37
C GLU A 24 -16.09 -11.29 5.71
N THR A 25 -17.03 -11.44 4.78
CA THR A 25 -17.21 -12.70 4.08
C THR A 25 -16.66 -12.62 2.65
N ARG A 26 -16.32 -11.40 2.22
CA ARG A 26 -15.78 -11.19 0.88
C ARG A 26 -14.44 -10.48 0.95
N VAL A 27 -13.76 -10.40 -0.20
CA VAL A 27 -12.46 -9.75 -0.27
C VAL A 27 -12.59 -8.33 -0.83
N PRO A 28 -11.74 -7.42 -0.33
CA PRO A 28 -11.73 -6.02 -0.76
C PRO A 28 -11.24 -5.86 -2.19
N GLU A 29 -12.17 -5.66 -3.13
CA GLU A 29 -11.83 -5.49 -4.52
C GLU A 29 -10.87 -4.32 -4.71
N VAL A 30 -10.30 -4.21 -5.91
CA VAL A 30 -9.37 -3.14 -6.22
C VAL A 30 -9.74 -1.85 -5.47
N PRO A 31 -8.72 -1.16 -4.95
CA PRO A 31 -8.91 0.09 -4.21
C PRO A 31 -9.35 1.24 -5.12
N SER A 32 -9.69 2.37 -4.51
CA SER A 32 -10.13 3.54 -5.26
C SER A 32 -9.12 3.91 -6.35
N SER A 33 -7.85 3.90 -5.97
CA SER A 33 -6.78 4.24 -6.92
C SER A 33 -5.41 4.04 -6.28
N LEU A 34 -4.36 4.36 -7.02
CA LEU A 34 -2.99 4.21 -6.54
C LEU A 34 -2.06 5.19 -7.23
N HIS A 35 -1.49 6.11 -6.46
CA HIS A 35 -0.57 7.10 -7.00
C HIS A 35 0.88 6.73 -6.68
N VAL A 36 1.79 7.10 -7.57
CA VAL A 36 3.20 6.81 -7.39
C VAL A 36 4.07 7.99 -7.82
N ARG A 37 5.11 8.26 -7.05
CA ARG A 37 6.01 9.37 -7.36
C ARG A 37 7.46 8.88 -7.43
N PRO A 38 8.02 8.87 -8.65
CA PRO A 38 9.40 8.43 -8.88
C PRO A 38 10.42 9.41 -8.31
N LEU A 39 11.37 8.89 -7.53
CA LEU A 39 12.41 9.72 -6.92
C LEU A 39 13.79 9.27 -7.37
N VAL A 40 14.74 10.20 -7.36
CA VAL A 40 16.11 9.88 -7.75
C VAL A 40 16.46 8.43 -7.44
N THR A 41 16.57 8.12 -6.15
CA THR A 41 16.90 6.77 -5.73
C THR A 41 15.82 6.19 -4.83
N SER A 42 14.60 6.73 -4.96
CA SER A 42 13.48 6.27 -4.16
C SER A 42 12.18 6.36 -4.95
N ILE A 43 11.07 5.98 -4.32
CA ILE A 43 9.77 6.01 -4.97
C ILE A 43 8.65 6.08 -3.94
N VAL A 44 8.03 7.25 -3.82
CA VAL A 44 6.93 7.44 -2.88
C VAL A 44 5.63 6.87 -3.42
N VAL A 45 5.31 5.66 -2.98
CA VAL A 45 4.08 5.00 -3.43
C VAL A 45 2.91 5.31 -2.49
N SER A 46 2.07 6.25 -2.91
CA SER A 46 0.91 6.64 -2.12
C SER A 46 -0.38 6.08 -2.71
N TRP A 47 -1.15 5.38 -1.88
CA TRP A 47 -2.41 4.80 -2.33
C TRP A 47 -3.56 5.26 -1.44
N THR A 48 -4.75 4.70 -1.68
CA THR A 48 -5.93 5.05 -0.90
C THR A 48 -6.83 3.84 -0.69
N PRO A 49 -7.68 3.92 0.34
CA PRO A 49 -8.62 2.83 0.68
C PRO A 49 -9.72 2.68 -0.36
N PRO A 50 -10.45 1.55 -0.29
CA PRO A 50 -11.55 1.26 -1.22
C PRO A 50 -12.76 2.17 -0.98
N GLU A 51 -13.30 2.70 -2.07
CA GLU A 51 -14.46 3.57 -1.98
C GLU A 51 -15.43 3.10 -0.91
N ASN A 52 -15.47 1.79 -0.69
CA ASN A 52 -16.36 1.20 0.31
C ASN A 52 -15.62 0.98 1.62
N GLN A 53 -16.37 0.80 2.70
CA GLN A 53 -15.79 0.58 4.01
C GLN A 53 -16.33 -0.70 4.63
N ASN A 54 -17.64 -0.91 4.50
CA ASN A 54 -18.28 -2.10 5.05
C ASN A 54 -17.38 -3.33 4.93
N ILE A 55 -16.54 -3.32 3.90
CA ILE A 55 -15.61 -4.42 3.67
C ILE A 55 -14.42 -4.35 4.61
N VAL A 56 -14.03 -5.50 5.15
CA VAL A 56 -12.89 -5.57 6.07
C VAL A 56 -11.57 -5.53 5.32
N VAL A 57 -10.68 -4.65 5.76
CA VAL A 57 -9.37 -4.50 5.12
C VAL A 57 -8.25 -4.68 6.14
N ARG A 58 -7.33 -5.60 5.85
CA ARG A 58 -6.20 -5.87 6.72
C ARG A 58 -4.97 -5.10 6.28
N GLY A 59 -4.76 -5.03 4.97
CA GLY A 59 -3.61 -4.32 4.43
C GLY A 59 -3.56 -4.35 2.92
N TYR A 60 -2.39 -4.10 2.37
CA TYR A 60 -2.21 -4.10 0.92
C TYR A 60 -0.82 -4.60 0.54
N ALA A 61 -0.69 -5.18 -0.65
CA ALA A 61 0.58 -5.69 -1.14
C ALA A 61 1.18 -4.78 -2.19
N ILE A 62 2.41 -4.34 -1.96
CA ILE A 62 3.09 -3.45 -2.91
C ILE A 62 4.18 -4.20 -3.66
N GLY A 63 4.02 -4.31 -4.98
CA GLY A 63 5.00 -5.00 -5.80
C GLY A 63 5.71 -4.07 -6.75
N TYR A 64 7.04 -4.12 -6.76
CA TYR A 64 7.83 -3.26 -7.63
C TYR A 64 8.97 -4.06 -8.28
N GLY A 65 9.56 -3.49 -9.33
CA GLY A 65 10.64 -4.17 -10.02
C GLY A 65 10.70 -3.81 -11.50
N ILE A 66 11.84 -4.06 -12.12
CA ILE A 66 12.03 -3.76 -13.54
C ILE A 66 11.26 -4.75 -14.40
N GLY A 67 10.25 -4.25 -15.12
CA GLY A 67 9.45 -5.10 -15.98
C GLY A 67 8.24 -5.68 -15.28
N SER A 68 8.47 -6.35 -14.16
CA SER A 68 7.39 -6.95 -13.39
C SER A 68 7.58 -6.71 -11.90
N PRO A 69 6.46 -6.51 -11.18
CA PRO A 69 6.48 -6.27 -9.74
C PRO A 69 6.89 -7.51 -8.95
N HIS A 70 6.54 -8.68 -9.46
CA HIS A 70 6.87 -9.94 -8.81
C HIS A 70 8.23 -9.86 -8.13
N ALA A 71 9.15 -9.14 -8.77
CA ALA A 71 10.50 -8.98 -8.23
C ALA A 71 10.49 -8.89 -6.71
N GLN A 72 9.79 -7.88 -6.20
CA GLN A 72 9.69 -7.68 -4.75
C GLN A 72 8.26 -7.36 -4.35
N THR A 73 7.91 -7.71 -3.12
CA THR A 73 6.56 -7.47 -2.60
C THR A 73 6.60 -7.08 -1.13
N ILE A 74 5.84 -6.06 -0.76
CA ILE A 74 5.78 -5.60 0.61
C ILE A 74 4.36 -5.64 1.15
N LYS A 75 4.21 -6.12 2.38
CA LYS A 75 2.90 -6.21 3.02
C LYS A 75 2.84 -5.37 4.29
N VAL A 76 1.86 -4.47 4.35
CA VAL A 76 1.70 -3.60 5.52
C VAL A 76 0.24 -3.49 5.91
N ASP A 77 -0.01 -2.94 7.10
CA ASP A 77 -1.37 -2.77 7.59
C ASP A 77 -2.12 -1.73 6.77
N TYR A 78 -3.40 -1.56 7.07
CA TYR A 78 -4.24 -0.59 6.35
C TYR A 78 -3.85 0.83 6.72
N LYS A 79 -3.48 1.03 7.98
CA LYS A 79 -3.10 2.35 8.46
C LYS A 79 -2.16 3.04 7.48
N GLN A 80 -1.12 2.33 7.05
CA GLN A 80 -0.15 2.87 6.10
C GLN A 80 -0.87 3.44 4.88
N ARG A 81 -0.74 4.75 4.69
CA ARG A 81 -1.37 5.42 3.56
C ARG A 81 -0.43 5.45 2.36
N TYR A 82 0.87 5.46 2.62
CA TYR A 82 1.87 5.49 1.56
C TYR A 82 3.15 4.79 2.00
N TYR A 83 3.99 4.43 1.04
CA TYR A 83 5.24 3.75 1.32
C TYR A 83 6.39 4.33 0.48
N THR A 84 7.50 4.62 1.13
CA THR A 84 8.66 5.18 0.45
C THR A 84 9.68 4.09 0.13
N ILE A 85 9.71 3.67 -1.14
CA ILE A 85 10.63 2.64 -1.59
C ILE A 85 12.01 3.24 -1.90
N GLU A 86 13.00 2.89 -1.09
CA GLU A 86 14.35 3.39 -1.28
C GLU A 86 15.29 2.26 -1.71
N ASN A 87 16.54 2.61 -1.99
CA ASN A 87 17.53 1.64 -2.41
C ASN A 87 17.22 1.10 -3.81
N LEU A 88 16.90 2.01 -4.72
CA LEU A 88 16.57 1.64 -6.09
C LEU A 88 17.61 2.17 -7.07
N ASP A 89 17.43 1.84 -8.34
CA ASP A 89 18.36 2.29 -9.39
C ASP A 89 17.75 3.44 -10.18
N PRO A 90 18.45 4.58 -10.20
CA PRO A 90 18.00 5.77 -10.93
C PRO A 90 18.07 5.60 -12.44
N SER A 91 17.16 6.24 -13.17
CA SER A 91 17.13 6.15 -14.61
C SER A 91 16.57 4.79 -15.06
N SER A 92 15.51 4.35 -14.40
CA SER A 92 14.89 3.07 -14.72
C SER A 92 13.38 3.12 -14.45
N HIS A 93 12.64 2.24 -15.12
CA HIS A 93 11.20 2.18 -14.96
C HIS A 93 10.81 1.04 -14.03
N TYR A 94 10.07 1.37 -12.97
CA TYR A 94 9.63 0.37 -12.00
C TYR A 94 8.11 0.27 -11.98
N VAL A 95 7.61 -0.95 -12.16
CA VAL A 95 6.17 -1.20 -12.17
C VAL A 95 5.65 -1.43 -10.75
N ILE A 96 4.92 -0.45 -10.22
CA ILE A 96 4.38 -0.55 -8.88
C ILE A 96 2.93 -1.05 -8.92
N THR A 97 2.61 -1.98 -8.02
CA THR A 97 1.26 -2.53 -7.95
C THR A 97 0.70 -2.46 -6.53
N LEU A 98 -0.62 -2.55 -6.42
CA LEU A 98 -1.27 -2.49 -5.12
C LEU A 98 -2.55 -3.32 -5.12
N LYS A 99 -2.71 -4.15 -4.09
CA LYS A 99 -3.90 -4.99 -3.96
C LYS A 99 -4.35 -5.08 -2.51
N ALA A 100 -5.65 -4.90 -2.29
CA ALA A 100 -6.21 -4.97 -0.95
C ALA A 100 -6.64 -6.39 -0.60
N PHE A 101 -6.18 -6.89 0.55
CA PHE A 101 -6.51 -8.24 0.99
C PHE A 101 -6.87 -8.25 2.47
N ASN A 102 -7.83 -9.08 2.84
CA ASN A 102 -8.26 -9.20 4.23
C ASN A 102 -8.31 -10.66 4.67
N ASN A 103 -8.77 -10.89 5.89
CA ASN A 103 -8.88 -12.24 6.43
C ASN A 103 -9.45 -13.20 5.40
N VAL A 104 -10.35 -12.69 4.56
CA VAL A 104 -10.97 -13.51 3.52
C VAL A 104 -9.98 -13.82 2.41
N GLY A 105 -9.25 -12.81 1.96
CA GLY A 105 -8.27 -13.00 0.90
C GLY A 105 -7.94 -11.70 0.19
N GLU A 106 -7.26 -11.82 -0.95
CA GLU A 106 -6.88 -10.65 -1.74
C GLU A 106 -7.76 -10.50 -2.96
N GLY A 107 -7.78 -9.30 -3.53
CA GLY A 107 -8.59 -9.05 -4.71
C GLY A 107 -7.76 -8.90 -5.97
N ILE A 108 -8.01 -7.84 -6.73
CA ILE A 108 -7.28 -7.60 -7.97
C ILE A 108 -6.29 -6.44 -7.80
N PRO A 109 -5.02 -6.71 -8.08
CA PRO A 109 -3.95 -5.70 -7.98
C PRO A 109 -4.07 -4.62 -9.05
N LEU A 110 -3.31 -3.55 -8.88
CA LEU A 110 -3.33 -2.44 -9.84
C LEU A 110 -2.03 -2.38 -10.63
N TYR A 111 -1.93 -1.41 -11.53
CA TYR A 111 -0.73 -1.25 -12.35
C TYR A 111 -0.41 0.22 -12.55
N GLU A 112 0.82 0.60 -12.22
CA GLU A 112 1.27 1.98 -12.36
C GLU A 112 2.66 2.05 -13.00
N SER A 113 3.17 3.27 -13.13
CA SER A 113 4.49 3.47 -13.73
C SER A 113 5.25 4.58 -13.00
N ALA A 114 6.54 4.37 -12.78
CA ALA A 114 7.37 5.35 -12.10
C ALA A 114 8.83 5.25 -12.57
N VAL A 115 9.28 6.28 -13.28
CA VAL A 115 10.65 6.31 -13.79
C VAL A 115 11.53 7.22 -12.94
N THR A 116 12.33 6.61 -12.07
CA THR A 116 13.22 7.36 -11.19
C THR A 116 14.06 8.36 -11.98
N ARG A 117 14.07 9.61 -11.52
CA ARG A 117 14.83 10.66 -12.20
C ARG A 117 16.31 10.27 -12.33
N PRO A 118 16.98 10.82 -13.34
CA PRO A 118 18.39 10.54 -13.60
C PRO A 118 19.30 11.15 -12.54
N HIS A 119 19.80 10.31 -11.64
CA HIS A 119 20.68 10.77 -10.57
C HIS A 119 21.58 11.89 -11.06
N THR A 120 21.28 13.12 -10.63
CA THR A 120 22.07 14.28 -11.03
C THR A 120 23.34 14.40 -10.19
N SER A 121 24.42 14.83 -10.83
CA SER A 121 25.70 14.98 -10.15
C SER A 121 25.89 16.42 -9.67
N GLY A 122 25.62 17.37 -10.57
CA GLY A 122 25.76 18.77 -10.23
C GLY A 122 27.19 19.13 -9.88
N PRO A 123 28.08 19.04 -10.87
CA PRO A 123 29.51 19.36 -10.70
C PRO A 123 29.74 20.85 -10.49
N SER A 124 29.93 21.25 -9.24
CA SER A 124 30.16 22.65 -8.91
C SER A 124 30.57 22.79 -7.44
N SER A 125 31.43 23.78 -7.17
CA SER A 125 31.90 24.03 -5.81
C SER A 125 32.51 25.42 -5.70
N GLY A 126 31.95 26.22 -4.80
CA GLY A 126 32.45 27.57 -4.61
C GLY A 126 32.19 28.10 -3.20
N GLY A 1 -24.46 18.25 60.69
CA GLY A 1 -24.91 18.35 59.31
C GLY A 1 -24.96 17.01 58.63
N SER A 2 -25.33 17.00 57.35
CA SER A 2 -25.43 15.77 56.58
C SER A 2 -25.04 16.01 55.12
N SER A 3 -24.42 15.00 54.51
CA SER A 3 -23.99 15.10 53.12
C SER A 3 -23.72 13.72 52.54
N GLY A 4 -23.51 13.66 51.23
CA GLY A 4 -23.24 12.40 50.57
C GLY A 4 -21.75 12.13 50.42
N SER A 5 -21.39 10.85 50.43
CA SER A 5 -19.98 10.46 50.30
C SER A 5 -19.87 8.97 49.98
N SER A 6 -18.70 8.58 49.45
CA SER A 6 -18.47 7.19 49.08
C SER A 6 -19.27 6.80 47.85
N GLY A 7 -19.30 7.70 46.86
CA GLY A 7 -20.05 7.43 45.65
C GLY A 7 -19.15 6.98 44.51
N PRO A 8 -19.51 5.85 43.89
CA PRO A 8 -18.73 5.28 42.78
C PRO A 8 -18.84 6.12 41.52
N ALA A 9 -17.70 6.45 40.92
CA ALA A 9 -17.66 7.25 39.70
C ALA A 9 -16.62 6.72 38.72
N THR A 10 -17.09 6.05 37.68
CA THR A 10 -16.18 5.50 36.67
C THR A 10 -16.14 6.38 35.43
N ASP A 11 -15.12 7.23 35.36
CA ASP A 11 -14.95 8.14 34.23
C ASP A 11 -14.66 7.35 32.95
N TRP A 12 -15.55 7.44 31.99
CA TRP A 12 -15.39 6.74 30.72
C TRP A 12 -14.17 7.25 29.97
N LEU A 13 -13.76 6.51 28.95
CA LEU A 13 -12.59 6.90 28.14
C LEU A 13 -12.99 7.14 26.69
N SER A 14 -12.33 8.10 26.06
CA SER A 14 -12.61 8.44 24.67
C SER A 14 -12.19 7.30 23.75
N ALA A 15 -13.08 6.92 22.84
CA ALA A 15 -12.81 5.84 21.89
C ALA A 15 -13.91 5.73 20.86
N GLU A 16 -13.54 5.86 19.59
CA GLU A 16 -14.50 5.77 18.49
C GLU A 16 -15.23 4.43 18.51
N THR A 17 -16.55 4.48 18.46
CA THR A 17 -17.36 3.27 18.48
C THR A 17 -18.03 3.04 17.13
N PHE A 18 -17.36 2.32 16.25
CA PHE A 18 -17.89 2.03 14.92
C PHE A 18 -19.00 1.00 15.00
N GLU A 19 -19.72 0.82 13.89
CA GLU A 19 -20.82 -0.14 13.83
C GLU A 19 -20.30 -1.56 13.92
N SER A 20 -20.95 -2.38 14.74
CA SER A 20 -20.56 -3.77 14.91
C SER A 20 -21.13 -4.65 13.80
N ASP A 21 -20.79 -4.31 12.57
CA ASP A 21 -21.26 -5.06 11.42
C ASP A 21 -20.62 -4.55 10.13
N LEU A 22 -19.77 -5.38 9.53
CA LEU A 22 -19.08 -5.01 8.30
C LEU A 22 -19.06 -6.18 7.31
N ASP A 23 -18.56 -5.93 6.12
CA ASP A 23 -18.47 -6.97 5.10
C ASP A 23 -17.11 -7.64 5.11
N GLU A 24 -17.04 -8.82 5.73
CA GLU A 24 -15.79 -9.56 5.83
C GLU A 24 -15.95 -10.97 5.28
N THR A 25 -16.83 -11.13 4.30
CA THR A 25 -17.09 -12.42 3.70
C THR A 25 -16.45 -12.52 2.32
N ARG A 26 -16.07 -11.38 1.77
CA ARG A 26 -15.44 -11.35 0.45
C ARG A 26 -14.17 -10.49 0.47
N VAL A 27 -13.28 -10.75 -0.47
CA VAL A 27 -12.03 -10.00 -0.56
C VAL A 27 -12.27 -8.57 -1.02
N PRO A 28 -11.42 -7.64 -0.53
CA PRO A 28 -11.52 -6.22 -0.88
C PRO A 28 -11.16 -5.95 -2.34
N GLU A 29 -12.17 -5.80 -3.18
CA GLU A 29 -11.95 -5.54 -4.60
C GLU A 29 -11.00 -4.37 -4.79
N VAL A 30 -10.43 -4.26 -5.99
CA VAL A 30 -9.50 -3.18 -6.30
C VAL A 30 -9.89 -1.90 -5.59
N PRO A 31 -8.88 -1.18 -5.06
CA PRO A 31 -9.10 0.08 -4.34
C PRO A 31 -9.55 1.21 -5.26
N SER A 32 -9.81 2.37 -4.69
CA SER A 32 -10.25 3.53 -5.45
C SER A 32 -9.24 3.89 -6.54
N SER A 33 -7.96 3.88 -6.17
CA SER A 33 -6.90 4.21 -7.12
C SER A 33 -5.52 4.02 -6.48
N LEU A 34 -4.48 4.23 -7.26
CA LEU A 34 -3.11 4.09 -6.77
C LEU A 34 -2.20 5.16 -7.36
N HIS A 35 -1.47 5.85 -6.48
CA HIS A 35 -0.56 6.90 -6.92
C HIS A 35 0.88 6.56 -6.56
N VAL A 36 1.81 6.95 -7.42
CA VAL A 36 3.23 6.68 -7.20
C VAL A 36 4.09 7.83 -7.68
N ARG A 37 5.08 8.22 -6.87
CA ARG A 37 5.97 9.31 -7.23
C ARG A 37 7.42 8.81 -7.34
N PRO A 38 7.93 8.78 -8.58
CA PRO A 38 9.30 8.33 -8.86
C PRO A 38 10.35 9.31 -8.34
N LEU A 39 11.26 8.81 -7.52
CA LEU A 39 12.32 9.64 -6.95
C LEU A 39 13.70 9.14 -7.38
N VAL A 40 14.67 10.04 -7.40
CA VAL A 40 16.03 9.69 -7.79
C VAL A 40 16.35 8.25 -7.40
N THR A 41 16.52 8.01 -6.10
CA THR A 41 16.83 6.68 -5.61
C THR A 41 15.73 6.16 -4.69
N SER A 42 14.51 6.68 -4.87
CA SER A 42 13.37 6.27 -4.06
C SER A 42 12.08 6.35 -4.87
N ILE A 43 10.98 5.97 -4.23
CA ILE A 43 9.68 5.99 -4.89
C ILE A 43 8.55 6.08 -3.87
N VAL A 44 7.95 7.26 -3.75
CA VAL A 44 6.86 7.47 -2.81
C VAL A 44 5.55 6.88 -3.34
N VAL A 45 5.20 5.69 -2.86
CA VAL A 45 3.98 5.02 -3.28
C VAL A 45 2.80 5.42 -2.41
N SER A 46 1.87 6.20 -2.96
CA SER A 46 0.70 6.64 -2.23
C SER A 46 -0.57 6.02 -2.80
N TRP A 47 -1.25 5.22 -1.98
CA TRP A 47 -2.48 4.56 -2.40
C TRP A 47 -3.67 5.02 -1.56
N THR A 48 -4.87 4.60 -1.94
CA THR A 48 -6.08 4.97 -1.23
C THR A 48 -6.97 3.76 -0.98
N PRO A 49 -7.78 3.83 0.08
CA PRO A 49 -8.69 2.74 0.44
C PRO A 49 -9.84 2.60 -0.54
N PRO A 50 -10.53 1.44 -0.50
CA PRO A 50 -11.65 1.15 -1.39
C PRO A 50 -12.87 2.00 -1.05
N GLU A 51 -13.37 2.74 -2.05
CA GLU A 51 -14.54 3.59 -1.86
C GLU A 51 -15.53 2.95 -0.89
N ASN A 52 -15.64 1.62 -0.94
CA ASN A 52 -16.54 0.89 -0.06
C ASN A 52 -15.84 0.48 1.22
N GLN A 53 -15.79 1.38 2.19
CA GLN A 53 -15.14 1.10 3.47
C GLN A 53 -15.81 -0.07 4.17
N ASN A 54 -17.13 -0.16 4.03
CA ASN A 54 -17.88 -1.24 4.66
C ASN A 54 -17.11 -2.55 4.60
N ILE A 55 -16.34 -2.73 3.54
CA ILE A 55 -15.56 -3.95 3.36
C ILE A 55 -14.33 -3.93 4.26
N VAL A 56 -14.12 -5.05 4.97
CA VAL A 56 -12.97 -5.17 5.87
C VAL A 56 -11.66 -5.19 5.09
N VAL A 57 -10.68 -4.45 5.58
CA VAL A 57 -9.37 -4.40 4.92
C VAL A 57 -8.24 -4.54 5.94
N ARG A 58 -7.65 -5.73 6.01
CA ARG A 58 -6.56 -6.00 6.94
C ARG A 58 -5.30 -5.23 6.53
N GLY A 59 -5.09 -5.11 5.22
CA GLY A 59 -3.93 -4.40 4.72
C GLY A 59 -3.83 -4.45 3.21
N TYR A 60 -2.70 -3.97 2.68
CA TYR A 60 -2.48 -3.95 1.24
C TYR A 60 -1.12 -4.54 0.89
N ALA A 61 -0.99 -5.02 -0.35
CA ALA A 61 0.26 -5.61 -0.82
C ALA A 61 0.82 -4.82 -2.00
N ILE A 62 2.01 -4.27 -1.83
CA ILE A 62 2.66 -3.50 -2.88
C ILE A 62 3.69 -4.34 -3.63
N GLY A 63 3.84 -4.08 -4.91
CA GLY A 63 4.79 -4.82 -5.72
C GLY A 63 5.60 -3.92 -6.64
N TYR A 64 6.90 -4.20 -6.75
CA TYR A 64 7.78 -3.40 -7.59
C TYR A 64 8.85 -4.27 -8.23
N GLY A 65 9.55 -3.72 -9.22
CA GLY A 65 10.60 -4.47 -9.89
C GLY A 65 10.86 -3.96 -11.30
N ILE A 66 12.02 -4.32 -11.85
CA ILE A 66 12.39 -3.88 -13.19
C ILE A 66 11.70 -4.75 -14.25
N GLY A 67 10.61 -4.23 -14.80
CA GLY A 67 9.87 -4.96 -15.82
C GLY A 67 8.63 -5.63 -15.28
N SER A 68 8.73 -6.18 -14.07
CA SER A 68 7.59 -6.85 -13.44
C SER A 68 7.64 -6.69 -11.92
N PRO A 69 6.46 -6.50 -11.32
CA PRO A 69 6.34 -6.32 -9.86
C PRO A 69 6.63 -7.60 -9.10
N HIS A 70 6.16 -8.72 -9.63
CA HIS A 70 6.37 -10.02 -9.00
C HIS A 70 7.75 -10.09 -8.36
N ALA A 71 8.70 -9.36 -8.94
CA ALA A 71 10.07 -9.35 -8.44
C ALA A 71 10.08 -9.26 -6.91
N GLN A 72 9.52 -8.17 -6.39
CA GLN A 72 9.47 -7.96 -4.94
C GLN A 72 8.06 -7.58 -4.49
N THR A 73 7.74 -7.88 -3.24
CA THR A 73 6.42 -7.56 -2.69
C THR A 73 6.53 -7.14 -1.23
N ILE A 74 5.84 -6.06 -0.88
CA ILE A 74 5.85 -5.56 0.48
C ILE A 74 4.43 -5.48 1.06
N LYS A 75 4.26 -6.01 2.27
CA LYS A 75 2.97 -5.99 2.93
C LYS A 75 3.02 -5.20 4.22
N VAL A 76 2.32 -4.07 4.24
CA VAL A 76 2.29 -3.21 5.42
C VAL A 76 0.87 -3.11 5.98
N ASP A 77 0.75 -2.46 7.13
CA ASP A 77 -0.55 -2.28 7.78
C ASP A 77 -1.44 -1.35 6.97
N TYR A 78 -2.75 -1.57 7.05
CA TYR A 78 -3.71 -0.75 6.32
C TYR A 78 -3.52 0.73 6.63
N LYS A 79 -3.43 1.05 7.91
CA LYS A 79 -3.24 2.43 8.34
C LYS A 79 -2.30 3.17 7.41
N GLN A 80 -1.20 2.51 7.03
CA GLN A 80 -0.22 3.12 6.13
C GLN A 80 -0.89 3.60 4.85
N ARG A 81 -0.83 4.91 4.62
CA ARG A 81 -1.43 5.50 3.43
C ARG A 81 -0.46 5.43 2.25
N TYR A 82 0.83 5.53 2.54
CA TYR A 82 1.85 5.50 1.49
C TYR A 82 3.12 4.83 2.01
N TYR A 83 4.03 4.51 1.10
CA TYR A 83 5.29 3.87 1.46
C TYR A 83 6.44 4.45 0.65
N THR A 84 7.61 4.56 1.28
CA THR A 84 8.79 5.10 0.62
C THR A 84 9.84 4.02 0.40
N ILE A 85 9.95 3.55 -0.85
CA ILE A 85 10.92 2.51 -1.19
C ILE A 85 12.26 3.11 -1.54
N GLU A 86 13.27 2.83 -0.71
CA GLU A 86 14.62 3.35 -0.93
C GLU A 86 15.55 2.23 -1.41
N ASN A 87 16.81 2.59 -1.64
CA ASN A 87 17.80 1.62 -2.10
C ASN A 87 17.40 1.04 -3.45
N LEU A 88 17.08 1.91 -4.39
CA LEU A 88 16.68 1.48 -5.73
C LEU A 88 17.57 2.12 -6.80
N ASP A 89 17.66 1.46 -7.95
CA ASP A 89 18.48 1.96 -9.05
C ASP A 89 17.76 3.08 -9.80
N PRO A 90 18.40 4.26 -9.85
CA PRO A 90 17.84 5.43 -10.53
C PRO A 90 17.83 5.27 -12.04
N SER A 91 17.31 6.28 -12.74
CA SER A 91 17.23 6.25 -14.19
C SER A 91 16.78 4.87 -14.68
N SER A 92 15.67 4.39 -14.13
CA SER A 92 15.13 3.09 -14.49
C SER A 92 13.61 3.06 -14.30
N HIS A 93 12.92 2.41 -15.24
CA HIS A 93 11.47 2.29 -15.16
C HIS A 93 11.05 1.19 -14.21
N TYR A 94 10.26 1.55 -13.21
CA TYR A 94 9.78 0.59 -12.22
C TYR A 94 8.26 0.45 -12.27
N VAL A 95 7.78 -0.79 -12.23
CA VAL A 95 6.35 -1.05 -12.27
C VAL A 95 5.80 -1.29 -10.86
N ILE A 96 5.06 -0.31 -10.35
CA ILE A 96 4.48 -0.42 -9.02
C ILE A 96 3.05 -0.93 -9.09
N THR A 97 2.69 -1.82 -8.18
CA THR A 97 1.34 -2.38 -8.14
C THR A 97 0.81 -2.42 -6.71
N LEU A 98 -0.51 -2.46 -6.58
CA LEU A 98 -1.15 -2.50 -5.27
C LEU A 98 -2.42 -3.36 -5.30
N LYS A 99 -2.55 -4.24 -4.31
CA LYS A 99 -3.70 -5.12 -4.23
C LYS A 99 -4.24 -5.18 -2.80
N ALA A 100 -5.56 -5.06 -2.66
CA ALA A 100 -6.19 -5.11 -1.35
C ALA A 100 -6.48 -6.55 -0.93
N PHE A 101 -6.04 -6.91 0.28
CA PHE A 101 -6.26 -8.25 0.80
C PHE A 101 -6.84 -8.20 2.21
N ASN A 102 -7.55 -9.26 2.58
CA ASN A 102 -8.16 -9.34 3.91
C ASN A 102 -8.30 -10.79 4.35
N ASN A 103 -8.93 -11.00 5.50
CA ASN A 103 -9.14 -12.34 6.04
C ASN A 103 -9.70 -13.28 4.98
N VAL A 104 -10.61 -12.75 4.16
CA VAL A 104 -11.23 -13.54 3.10
C VAL A 104 -10.19 -14.02 2.10
N GLY A 105 -9.35 -13.09 1.62
CA GLY A 105 -8.32 -13.44 0.66
C GLY A 105 -7.63 -12.23 0.08
N GLU A 106 -7.48 -12.21 -1.24
CA GLU A 106 -6.82 -11.09 -1.92
C GLU A 106 -7.68 -10.58 -3.07
N GLY A 107 -7.48 -9.32 -3.43
CA GLY A 107 -8.24 -8.73 -4.52
C GLY A 107 -7.45 -8.63 -5.80
N ILE A 108 -7.77 -7.63 -6.62
CA ILE A 108 -7.08 -7.43 -7.89
C ILE A 108 -6.06 -6.31 -7.79
N PRO A 109 -4.80 -6.61 -8.16
CA PRO A 109 -3.71 -5.64 -8.12
C PRO A 109 -3.87 -4.55 -9.18
N LEU A 110 -3.09 -3.48 -9.03
CA LEU A 110 -3.15 -2.37 -9.98
C LEU A 110 -1.88 -2.32 -10.84
N TYR A 111 -1.83 -1.36 -11.75
CA TYR A 111 -0.68 -1.21 -12.64
C TYR A 111 -0.33 0.26 -12.83
N GLU A 112 0.84 0.66 -12.35
CA GLU A 112 1.29 2.04 -12.48
C GLU A 112 2.70 2.10 -13.05
N SER A 113 3.19 3.31 -13.30
CA SER A 113 4.52 3.51 -13.85
C SER A 113 5.27 4.59 -13.07
N ALA A 114 6.56 4.35 -12.86
CA ALA A 114 7.40 5.30 -12.12
C ALA A 114 8.85 5.24 -12.60
N VAL A 115 9.30 6.30 -13.26
CA VAL A 115 10.66 6.36 -13.77
C VAL A 115 11.56 7.14 -12.83
N THR A 116 12.43 6.43 -12.12
CA THR A 116 13.35 7.06 -11.17
C THR A 116 14.09 8.24 -11.83
N ARG A 117 14.00 9.40 -11.20
CA ARG A 117 14.66 10.59 -11.72
C ARG A 117 16.09 10.28 -12.17
N PRO A 118 16.59 11.07 -13.13
CA PRO A 118 17.95 10.90 -13.66
C PRO A 118 19.02 11.25 -12.65
N HIS A 119 19.64 10.24 -12.05
CA HIS A 119 20.69 10.47 -11.06
C HIS A 119 22.04 10.66 -11.73
N THR A 120 22.43 9.70 -12.56
CA THR A 120 23.70 9.76 -13.27
C THR A 120 23.62 10.72 -14.44
N SER A 121 23.13 11.93 -14.18
CA SER A 121 23.01 12.94 -15.22
C SER A 121 24.21 13.88 -15.21
N GLY A 122 24.85 14.02 -16.37
CA GLY A 122 26.01 14.89 -16.47
C GLY A 122 25.65 16.27 -16.97
N PRO A 123 26.21 16.66 -18.13
CA PRO A 123 25.95 17.97 -18.73
C PRO A 123 24.53 18.10 -19.26
N SER A 124 24.14 19.32 -19.61
CA SER A 124 22.81 19.58 -20.13
C SER A 124 22.84 19.79 -21.63
N SER A 125 21.67 19.68 -22.27
CA SER A 125 21.57 19.86 -23.71
C SER A 125 22.09 21.23 -24.14
N GLY A 126 21.69 22.26 -23.40
CA GLY A 126 22.13 23.61 -23.71
C GLY A 126 21.12 24.66 -23.30
N GLY A 1 -17.36 41.84 44.58
CA GLY A 1 -17.05 40.43 44.53
C GLY A 1 -15.64 40.16 44.02
N SER A 2 -15.31 38.89 43.85
CA SER A 2 -13.98 38.50 43.39
C SER A 2 -14.02 37.10 42.76
N SER A 3 -13.59 37.01 41.51
CA SER A 3 -13.58 35.74 40.79
C SER A 3 -12.59 35.78 39.62
N GLY A 4 -12.39 34.63 38.99
CA GLY A 4 -11.47 34.55 37.87
C GLY A 4 -11.50 33.20 37.19
N SER A 5 -12.67 32.80 36.72
CA SER A 5 -12.82 31.51 36.05
C SER A 5 -12.01 31.47 34.76
N SER A 6 -11.92 32.61 34.08
CA SER A 6 -11.19 32.70 32.83
C SER A 6 -11.71 31.69 31.82
N GLY A 7 -13.03 31.57 31.74
CA GLY A 7 -13.63 30.63 30.80
C GLY A 7 -13.19 29.20 31.05
N PRO A 8 -14.08 28.25 30.74
CA PRO A 8 -13.80 26.82 30.93
C PRO A 8 -12.75 26.30 29.95
N ALA A 9 -12.42 25.02 30.07
CA ALA A 9 -11.43 24.40 29.20
C ALA A 9 -11.70 22.91 29.03
N THR A 10 -12.16 22.53 27.84
CA THR A 10 -12.46 21.13 27.55
C THR A 10 -12.03 20.77 26.13
N ASP A 11 -11.08 19.84 26.03
CA ASP A 11 -10.58 19.40 24.73
C ASP A 11 -10.48 17.88 24.69
N TRP A 12 -11.58 17.23 24.36
CA TRP A 12 -11.62 15.77 24.28
C TRP A 12 -12.24 15.31 22.97
N LEU A 13 -11.46 15.34 21.90
CA LEU A 13 -11.94 14.93 20.58
C LEU A 13 -11.28 13.63 20.14
N SER A 14 -11.92 12.51 20.46
CA SER A 14 -11.40 11.19 20.09
C SER A 14 -12.47 10.36 19.39
N ALA A 15 -13.13 10.96 18.42
CA ALA A 15 -14.17 10.28 17.66
C ALA A 15 -13.58 9.43 16.55
N GLU A 16 -12.55 8.66 16.88
CA GLU A 16 -11.89 7.80 15.91
C GLU A 16 -12.01 6.33 16.31
N THR A 17 -13.21 5.79 16.15
CA THR A 17 -13.47 4.39 16.49
C THR A 17 -14.65 3.84 15.69
N PHE A 18 -14.45 2.68 15.08
CA PHE A 18 -15.49 2.04 14.27
C PHE A 18 -16.08 0.84 15.01
N GLU A 19 -17.26 0.41 14.58
CA GLU A 19 -17.94 -0.73 15.20
C GLU A 19 -17.47 -2.03 14.57
N SER A 20 -17.51 -3.11 15.35
CA SER A 20 -17.09 -4.42 14.88
C SER A 20 -18.20 -5.08 14.06
N ASP A 21 -18.82 -4.30 13.19
CA ASP A 21 -19.90 -4.81 12.34
C ASP A 21 -19.60 -4.55 10.87
N LEU A 22 -18.36 -4.81 10.47
CA LEU A 22 -17.94 -4.60 9.09
C LEU A 22 -18.15 -5.86 8.26
N ASP A 23 -18.17 -5.70 6.94
CA ASP A 23 -18.37 -6.83 6.03
C ASP A 23 -17.05 -7.55 5.79
N GLU A 24 -16.98 -8.81 6.21
CA GLU A 24 -15.78 -9.62 6.04
C GLU A 24 -16.10 -10.96 5.37
N THR A 25 -17.09 -10.94 4.49
CA THR A 25 -17.50 -12.14 3.78
C THR A 25 -16.90 -12.20 2.38
N ARG A 26 -16.33 -11.08 1.94
CA ARG A 26 -15.72 -11.00 0.62
C ARG A 26 -14.46 -10.15 0.66
N VAL A 27 -13.54 -10.42 -0.27
CA VAL A 27 -12.29 -9.68 -0.34
C VAL A 27 -12.51 -8.25 -0.83
N PRO A 28 -11.62 -7.34 -0.40
CA PRO A 28 -11.71 -5.92 -0.78
C PRO A 28 -11.38 -5.70 -2.26
N GLU A 29 -12.41 -5.37 -3.04
CA GLU A 29 -12.23 -5.12 -4.46
C GLU A 29 -11.19 -4.04 -4.71
N VAL A 30 -10.61 -4.02 -5.90
CA VAL A 30 -9.60 -3.03 -6.26
C VAL A 30 -9.89 -1.69 -5.61
N PRO A 31 -8.83 -1.04 -5.09
CA PRO A 31 -8.95 0.26 -4.43
C PRO A 31 -9.30 1.38 -5.41
N SER A 32 -9.68 2.53 -4.87
CA SER A 32 -10.03 3.68 -5.69
C SER A 32 -8.97 3.93 -6.77
N SER A 33 -7.72 3.96 -6.35
CA SER A 33 -6.61 4.19 -7.27
C SER A 33 -5.27 4.02 -6.56
N LEU A 34 -4.18 4.28 -7.29
CA LEU A 34 -2.84 4.16 -6.73
C LEU A 34 -1.87 5.10 -7.43
N HIS A 35 -1.39 6.10 -6.70
CA HIS A 35 -0.45 7.07 -7.25
C HIS A 35 0.99 6.69 -6.90
N VAL A 36 1.91 7.02 -7.81
CA VAL A 36 3.32 6.71 -7.59
C VAL A 36 4.21 7.88 -8.00
N ARG A 37 5.14 8.25 -7.13
CA ARG A 37 6.05 9.36 -7.41
C ARG A 37 7.49 8.87 -7.45
N PRO A 38 8.08 8.87 -8.66
CA PRO A 38 9.47 8.44 -8.87
C PRO A 38 10.47 9.41 -8.27
N LEU A 39 11.39 8.88 -7.46
CA LEU A 39 12.41 9.70 -6.81
C LEU A 39 13.81 9.23 -7.21
N VAL A 40 14.77 10.14 -7.14
CA VAL A 40 16.15 9.82 -7.49
C VAL A 40 16.47 8.36 -7.21
N THR A 41 16.56 8.03 -5.92
CA THR A 41 16.87 6.66 -5.51
C THR A 41 15.74 6.08 -4.66
N SER A 42 14.54 6.62 -4.83
CA SER A 42 13.39 6.16 -4.07
C SER A 42 12.11 6.31 -4.89
N ILE A 43 10.98 5.94 -4.29
CA ILE A 43 9.68 6.04 -4.96
C ILE A 43 8.55 6.10 -3.95
N VAL A 44 7.97 7.28 -3.78
CA VAL A 44 6.87 7.48 -2.85
C VAL A 44 5.58 6.88 -3.40
N VAL A 45 5.27 5.65 -2.99
CA VAL A 45 4.07 4.96 -3.44
C VAL A 45 2.87 5.32 -2.56
N SER A 46 2.05 6.24 -3.04
CA SER A 46 0.86 6.68 -2.29
C SER A 46 -0.42 6.08 -2.90
N TRP A 47 -1.21 5.44 -2.06
CA TRP A 47 -2.46 4.82 -2.51
C TRP A 47 -3.63 5.28 -1.64
N THR A 48 -4.80 4.70 -1.90
CA THR A 48 -5.99 5.04 -1.13
C THR A 48 -6.86 3.80 -0.88
N PRO A 49 -7.73 3.89 0.12
CA PRO A 49 -8.64 2.80 0.47
C PRO A 49 -9.71 2.56 -0.57
N PRO A 50 -10.33 1.37 -0.54
CA PRO A 50 -11.39 1.00 -1.48
C PRO A 50 -12.68 1.78 -1.24
N GLU A 51 -13.21 2.37 -2.31
CA GLU A 51 -14.45 3.15 -2.21
C GLU A 51 -15.39 2.54 -1.19
N ASN A 52 -15.47 1.21 -1.17
CA ASN A 52 -16.35 0.51 -0.25
C ASN A 52 -15.60 0.15 1.03
N GLN A 53 -15.90 0.87 2.11
CA GLN A 53 -15.25 0.62 3.39
C GLN A 53 -15.85 -0.60 4.08
N ASN A 54 -17.14 -0.84 3.85
CA ASN A 54 -17.82 -1.98 4.44
C ASN A 54 -16.91 -3.21 4.46
N ILE A 55 -16.21 -3.44 3.36
CA ILE A 55 -15.31 -4.57 3.25
C ILE A 55 -14.11 -4.41 4.17
N VAL A 56 -13.89 -5.40 5.04
CA VAL A 56 -12.78 -5.37 5.98
C VAL A 56 -11.44 -5.45 5.24
N VAL A 57 -10.48 -4.65 5.70
CA VAL A 57 -9.16 -4.63 5.08
C VAL A 57 -8.06 -4.78 6.14
N ARG A 58 -7.42 -5.94 6.17
CA ARG A 58 -6.36 -6.21 7.12
C ARG A 58 -5.08 -5.47 6.74
N GLY A 59 -4.87 -5.31 5.43
CA GLY A 59 -3.68 -4.62 4.96
C GLY A 59 -3.62 -4.57 3.44
N TYR A 60 -2.47 -4.15 2.92
CA TYR A 60 -2.28 -4.05 1.47
C TYR A 60 -0.93 -4.61 1.06
N ALA A 61 -0.85 -5.10 -0.17
CA ALA A 61 0.39 -5.68 -0.70
C ALA A 61 0.89 -4.88 -1.90
N ILE A 62 2.13 -4.41 -1.81
CA ILE A 62 2.72 -3.64 -2.90
C ILE A 62 3.80 -4.44 -3.61
N GLY A 63 3.85 -4.31 -4.93
CA GLY A 63 4.85 -5.03 -5.71
C GLY A 63 5.51 -4.14 -6.76
N TYR A 64 6.84 -4.03 -6.67
CA TYR A 64 7.58 -3.21 -7.61
C TYR A 64 8.54 -4.07 -8.44
N GLY A 65 9.14 -3.46 -9.46
CA GLY A 65 10.07 -4.18 -10.32
C GLY A 65 10.06 -3.67 -11.74
N ILE A 66 11.24 -3.30 -12.23
CA ILE A 66 11.37 -2.79 -13.59
C ILE A 66 10.63 -3.68 -14.59
N GLY A 67 9.63 -3.11 -15.26
CA GLY A 67 8.87 -3.86 -16.23
C GLY A 67 7.90 -4.84 -15.58
N SER A 68 8.44 -5.75 -14.78
CA SER A 68 7.61 -6.74 -14.10
C SER A 68 7.69 -6.56 -12.59
N PRO A 69 6.53 -6.30 -11.96
CA PRO A 69 6.43 -6.11 -10.52
C PRO A 69 6.67 -7.40 -9.73
N HIS A 70 6.95 -8.47 -10.46
CA HIS A 70 7.20 -9.78 -9.84
C HIS A 70 8.64 -9.87 -9.34
N ALA A 71 9.11 -8.81 -8.70
CA ALA A 71 10.46 -8.77 -8.17
C ALA A 71 10.47 -8.88 -6.65
N GLN A 72 9.73 -7.98 -6.00
CA GLN A 72 9.65 -7.98 -4.54
C GLN A 72 8.26 -7.56 -4.08
N THR A 73 7.83 -8.12 -2.95
CA THR A 73 6.51 -7.81 -2.41
C THR A 73 6.63 -7.21 -1.00
N ILE A 74 5.87 -6.16 -0.75
CA ILE A 74 5.88 -5.49 0.54
C ILE A 74 4.47 -5.32 1.09
N LYS A 75 4.15 -6.09 2.13
CA LYS A 75 2.83 -6.01 2.74
C LYS A 75 2.87 -5.18 4.02
N VAL A 76 2.21 -4.03 3.99
CA VAL A 76 2.17 -3.14 5.14
C VAL A 76 0.79 -3.14 5.79
N ASP A 77 0.73 -2.74 7.06
CA ASP A 77 -0.52 -2.70 7.80
C ASP A 77 -1.58 -1.92 7.02
N TYR A 78 -2.78 -1.82 7.59
CA TYR A 78 -3.87 -1.11 6.95
C TYR A 78 -3.78 0.39 7.24
N LYS A 79 -3.09 0.73 8.31
CA LYS A 79 -2.92 2.14 8.70
C LYS A 79 -1.79 2.78 7.91
N GLN A 80 -1.68 2.44 6.64
CA GLN A 80 -0.64 2.99 5.77
C GLN A 80 -1.24 3.62 4.52
N ARG A 81 -0.96 4.90 4.32
CA ARG A 81 -1.47 5.62 3.16
C ARG A 81 -0.49 5.55 1.99
N TYR A 82 0.80 5.53 2.32
CA TYR A 82 1.84 5.46 1.30
C TYR A 82 3.07 4.71 1.82
N TYR A 83 3.99 4.39 0.91
CA TYR A 83 5.20 3.67 1.28
C TYR A 83 6.40 4.20 0.50
N THR A 84 7.46 4.54 1.23
CA THR A 84 8.68 5.06 0.61
C THR A 84 9.65 3.94 0.26
N ILE A 85 9.70 3.58 -1.02
CA ILE A 85 10.58 2.52 -1.47
C ILE A 85 11.98 3.06 -1.77
N GLU A 86 12.93 2.76 -0.89
CA GLU A 86 14.30 3.22 -1.06
C GLU A 86 15.20 2.08 -1.55
N ASN A 87 16.45 2.40 -1.85
CA ASN A 87 17.41 1.41 -2.33
C ASN A 87 17.11 1.04 -3.79
N LEU A 88 16.85 2.05 -4.61
CA LEU A 88 16.56 1.83 -6.02
C LEU A 88 17.56 2.56 -6.90
N ASP A 89 17.72 2.08 -8.14
CA ASP A 89 18.64 2.70 -9.09
C ASP A 89 17.96 3.83 -9.85
N PRO A 90 18.62 4.99 -9.90
CA PRO A 90 18.10 6.17 -10.60
C PRO A 90 18.11 6.00 -12.11
N SER A 91 17.12 6.57 -12.78
CA SER A 91 17.01 6.48 -14.23
C SER A 91 16.54 5.09 -14.65
N SER A 92 15.39 4.67 -14.11
CA SER A 92 14.84 3.36 -14.43
C SER A 92 13.34 3.33 -14.12
N HIS A 93 12.55 2.89 -15.09
CA HIS A 93 11.10 2.79 -14.92
C HIS A 93 10.73 1.56 -14.11
N TYR A 94 9.96 1.77 -13.05
CA TYR A 94 9.53 0.67 -12.18
C TYR A 94 8.01 0.53 -12.20
N VAL A 95 7.55 -0.72 -12.26
CA VAL A 95 6.12 -1.00 -12.29
C VAL A 95 5.59 -1.30 -10.89
N ILE A 96 4.94 -0.31 -10.27
CA ILE A 96 4.39 -0.47 -8.93
C ILE A 96 2.95 -0.99 -8.99
N THR A 97 2.64 -1.93 -8.09
CA THR A 97 1.30 -2.50 -8.04
C THR A 97 0.78 -2.53 -6.61
N LEU A 98 -0.55 -2.52 -6.47
CA LEU A 98 -1.18 -2.55 -5.16
C LEU A 98 -2.49 -3.34 -5.19
N LYS A 99 -2.65 -4.25 -4.25
CA LYS A 99 -3.84 -5.08 -4.17
C LYS A 99 -4.37 -5.16 -2.73
N ALA A 100 -5.66 -4.96 -2.56
CA ALA A 100 -6.28 -5.02 -1.24
C ALA A 100 -6.61 -6.45 -0.85
N PHE A 101 -6.21 -6.84 0.35
CA PHE A 101 -6.46 -8.19 0.84
C PHE A 101 -7.00 -8.16 2.27
N ASN A 102 -7.54 -9.28 2.72
CA ASN A 102 -8.09 -9.38 4.07
C ASN A 102 -8.32 -10.84 4.45
N ASN A 103 -8.82 -11.05 5.66
CA ASN A 103 -9.09 -12.40 6.16
C ASN A 103 -9.81 -13.23 5.11
N VAL A 104 -10.67 -12.58 4.32
CA VAL A 104 -11.41 -13.26 3.27
C VAL A 104 -10.49 -13.78 2.17
N GLY A 105 -9.57 -12.92 1.73
CA GLY A 105 -8.64 -13.30 0.68
C GLY A 105 -7.83 -12.13 0.16
N GLU A 106 -7.79 -11.98 -1.16
CA GLU A 106 -7.04 -10.90 -1.78
C GLU A 106 -7.89 -10.17 -2.82
N GLY A 107 -7.42 -9.02 -3.26
CA GLY A 107 -8.14 -8.24 -4.25
C GLY A 107 -7.38 -8.11 -5.56
N ILE A 108 -7.91 -7.29 -6.46
CA ILE A 108 -7.27 -7.08 -7.76
C ILE A 108 -6.19 -6.01 -7.67
N PRO A 109 -4.97 -6.37 -8.11
CA PRO A 109 -3.84 -5.45 -8.09
C PRO A 109 -3.98 -4.33 -9.11
N LEU A 110 -3.21 -3.25 -8.92
CA LEU A 110 -3.25 -2.12 -9.82
C LEU A 110 -1.94 -1.97 -10.59
N TYR A 111 -1.99 -1.28 -11.72
CA TYR A 111 -0.81 -1.08 -12.55
C TYR A 111 -0.48 0.41 -12.67
N GLU A 112 0.77 0.75 -12.36
CA GLU A 112 1.22 2.14 -12.44
C GLU A 112 2.60 2.23 -13.07
N SER A 113 3.10 3.45 -13.22
CA SER A 113 4.42 3.68 -13.81
C SER A 113 5.16 4.79 -13.07
N ALA A 114 6.45 4.58 -12.85
CA ALA A 114 7.28 5.57 -12.16
C ALA A 114 8.76 5.30 -12.38
N VAL A 115 9.43 6.22 -13.06
CA VAL A 115 10.85 6.08 -13.33
C VAL A 115 11.68 7.07 -12.52
N THR A 116 12.57 6.56 -11.68
CA THR A 116 13.42 7.40 -10.84
C THR A 116 13.93 8.60 -11.63
N ARG A 117 14.31 9.65 -10.90
CA ARG A 117 14.83 10.87 -11.52
C ARG A 117 16.33 10.78 -11.75
N PRO A 118 16.85 11.60 -12.67
CA PRO A 118 18.28 11.63 -13.00
C PRO A 118 19.12 12.22 -11.87
N HIS A 119 19.85 11.36 -11.18
CA HIS A 119 20.69 11.78 -10.07
C HIS A 119 21.65 12.88 -10.52
N THR A 120 21.42 14.10 -10.01
CA THR A 120 22.26 15.24 -10.36
C THR A 120 23.58 15.21 -9.58
N SER A 121 24.69 15.36 -10.30
CA SER A 121 26.00 15.36 -9.68
C SER A 121 26.22 16.61 -8.85
N GLY A 122 26.84 16.45 -7.68
CA GLY A 122 27.10 17.58 -6.81
C GLY A 122 26.22 17.57 -5.57
N PRO A 123 26.37 18.59 -4.73
CA PRO A 123 25.60 18.72 -3.48
C PRO A 123 24.13 19.01 -3.74
N SER A 124 23.32 18.97 -2.68
CA SER A 124 21.89 19.24 -2.81
C SER A 124 21.62 20.74 -2.90
N SER A 125 20.41 21.09 -3.31
CA SER A 125 20.02 22.49 -3.45
C SER A 125 18.89 22.84 -2.49
N GLY A 126 19.01 23.99 -1.83
CA GLY A 126 17.99 24.42 -0.90
C GLY A 126 18.57 24.87 0.43
N GLY A 1 17.14 -13.39 3.40
CA GLY A 1 17.73 -13.60 4.72
C GLY A 1 17.14 -14.83 5.41
N SER A 2 15.83 -14.83 5.59
CA SER A 2 15.15 -15.93 6.25
C SER A 2 15.78 -16.23 7.61
N SER A 3 16.09 -15.17 8.35
CA SER A 3 16.70 -15.30 9.67
C SER A 3 15.70 -14.92 10.77
N GLY A 4 14.98 -15.92 11.27
CA GLY A 4 14.00 -15.67 12.31
C GLY A 4 13.09 -14.50 12.00
N SER A 5 12.19 -14.19 12.93
CA SER A 5 11.25 -13.09 12.73
C SER A 5 11.97 -11.75 12.79
N SER A 6 11.57 -10.83 11.90
CA SER A 6 12.18 -9.51 11.84
C SER A 6 11.41 -8.53 12.73
N GLY A 7 12.07 -8.09 13.80
CA GLY A 7 11.44 -7.15 14.71
C GLY A 7 10.04 -7.57 15.09
N PRO A 8 9.94 -8.45 16.11
CA PRO A 8 8.64 -8.94 16.59
C PRO A 8 7.84 -7.87 17.31
N ALA A 9 8.48 -6.74 17.58
CA ALA A 9 7.83 -5.62 18.27
C ALA A 9 6.45 -5.36 17.68
N THR A 10 5.42 -5.46 18.53
CA THR A 10 4.05 -5.22 18.09
C THR A 10 3.32 -4.29 19.05
N ASP A 11 2.56 -3.36 18.48
CA ASP A 11 1.81 -2.39 19.28
C ASP A 11 0.31 -2.52 19.02
N TRP A 12 -0.48 -2.03 19.97
CA TRP A 12 -1.93 -2.09 19.85
C TRP A 12 -2.58 -0.83 20.39
N LEU A 13 -3.78 -0.53 19.90
CA LEU A 13 -4.52 0.66 20.35
C LEU A 13 -5.74 0.27 21.17
N SER A 14 -5.99 1.04 22.22
CA SER A 14 -7.14 0.78 23.10
C SER A 14 -8.45 0.99 22.36
N ALA A 15 -8.93 -0.07 21.72
CA ALA A 15 -10.19 0.00 20.97
C ALA A 15 -10.79 -1.39 20.80
N GLU A 16 -12.00 -1.44 20.24
CA GLU A 16 -12.69 -2.71 20.04
C GLU A 16 -13.35 -2.74 18.66
N THR A 17 -13.97 -3.87 18.33
CA THR A 17 -14.64 -4.02 17.04
C THR A 17 -15.93 -4.81 17.20
N PHE A 18 -16.98 -4.37 16.50
CA PHE A 18 -18.28 -5.03 16.57
C PHE A 18 -18.38 -6.11 15.50
N GLU A 19 -17.92 -5.78 14.29
CA GLU A 19 -17.97 -6.73 13.18
C GLU A 19 -19.24 -7.57 13.23
N SER A 20 -20.35 -6.92 13.55
CA SER A 20 -21.64 -7.61 13.64
C SER A 20 -22.42 -7.47 12.33
N ASP A 21 -22.05 -6.48 11.53
CA ASP A 21 -22.71 -6.25 10.25
C ASP A 21 -21.68 -6.04 9.14
N LEU A 22 -20.40 -6.08 9.50
CA LEU A 22 -19.33 -5.90 8.54
C LEU A 22 -19.33 -7.01 7.50
N ASP A 23 -18.58 -6.81 6.42
CA ASP A 23 -18.50 -7.80 5.36
C ASP A 23 -17.09 -8.40 5.27
N GLU A 24 -16.87 -9.48 6.01
CA GLU A 24 -15.57 -10.14 6.02
C GLU A 24 -15.65 -11.53 5.39
N THR A 25 -16.66 -11.71 4.54
CA THR A 25 -16.86 -13.00 3.86
C THR A 25 -16.29 -12.96 2.45
N ARG A 26 -15.84 -11.79 2.02
CA ARG A 26 -15.28 -11.62 0.69
C ARG A 26 -14.03 -10.74 0.73
N VAL A 27 -13.11 -10.98 -0.20
CA VAL A 27 -11.88 -10.20 -0.27
C VAL A 27 -12.14 -8.80 -0.81
N PRO A 28 -11.30 -7.84 -0.41
CA PRO A 28 -11.42 -6.44 -0.86
C PRO A 28 -11.08 -6.28 -2.33
N GLU A 29 -12.04 -5.79 -3.11
CA GLU A 29 -11.84 -5.57 -4.53
C GLU A 29 -10.90 -4.41 -4.78
N VAL A 30 -10.40 -4.31 -6.01
CA VAL A 30 -9.48 -3.23 -6.37
C VAL A 30 -9.82 -1.94 -5.64
N PRO A 31 -8.79 -1.30 -5.06
CA PRO A 31 -8.95 -0.05 -4.32
C PRO A 31 -9.31 1.12 -5.22
N SER A 32 -9.66 2.26 -4.62
CA SER A 32 -10.02 3.45 -5.37
C SER A 32 -8.99 3.75 -6.45
N SER A 33 -7.71 3.76 -6.05
CA SER A 33 -6.63 4.04 -6.98
C SER A 33 -5.27 3.87 -6.30
N LEU A 34 -4.21 4.15 -7.04
CA LEU A 34 -2.85 4.04 -6.51
C LEU A 34 -1.92 5.06 -7.15
N HIS A 35 -1.44 6.00 -6.35
CA HIS A 35 -0.53 7.03 -6.85
C HIS A 35 0.92 6.66 -6.55
N VAL A 36 1.82 7.09 -7.42
CA VAL A 36 3.24 6.81 -7.26
C VAL A 36 4.09 8.00 -7.68
N ARG A 37 5.19 8.22 -6.97
CA ARG A 37 6.08 9.34 -7.26
C ARG A 37 7.53 8.85 -7.37
N PRO A 38 8.06 8.82 -8.60
CA PRO A 38 9.43 8.39 -8.86
C PRO A 38 10.47 9.37 -8.34
N LEU A 39 11.41 8.87 -7.56
CA LEU A 39 12.47 9.70 -7.00
C LEU A 39 13.85 9.21 -7.40
N VAL A 40 14.82 10.11 -7.43
CA VAL A 40 16.18 9.76 -7.80
C VAL A 40 16.50 8.33 -7.40
N THR A 41 16.62 8.09 -6.09
CA THR A 41 16.93 6.76 -5.58
C THR A 41 15.82 6.25 -4.68
N SER A 42 14.62 6.80 -4.85
CA SER A 42 13.48 6.40 -4.03
C SER A 42 12.19 6.46 -4.85
N ILE A 43 11.07 6.11 -4.22
CA ILE A 43 9.78 6.13 -4.89
C ILE A 43 8.64 6.17 -3.87
N VAL A 44 8.02 7.33 -3.74
CA VAL A 44 6.90 7.50 -2.81
C VAL A 44 5.62 6.88 -3.35
N VAL A 45 5.33 5.66 -2.93
CA VAL A 45 4.13 4.97 -3.37
C VAL A 45 2.95 5.26 -2.46
N SER A 46 2.05 6.13 -2.91
CA SER A 46 0.88 6.50 -2.11
C SER A 46 -0.39 5.90 -2.72
N TRP A 47 -1.17 5.21 -1.90
CA TRP A 47 -2.40 4.59 -2.35
C TRP A 47 -3.58 5.03 -1.49
N THR A 48 -4.77 4.52 -1.80
CA THR A 48 -5.97 4.86 -1.05
C THR A 48 -6.83 3.62 -0.81
N PRO A 49 -7.59 3.63 0.29
CA PRO A 49 -8.48 2.53 0.65
C PRO A 49 -9.68 2.42 -0.28
N PRO A 50 -10.26 1.21 -0.34
CA PRO A 50 -11.43 0.94 -1.19
C PRO A 50 -12.69 1.65 -0.69
N GLU A 51 -13.23 2.54 -1.52
CA GLU A 51 -14.42 3.29 -1.16
C GLU A 51 -15.41 2.40 -0.40
N ASN A 52 -15.36 1.10 -0.67
CA ASN A 52 -16.24 0.15 -0.01
C ASN A 52 -15.66 -0.28 1.34
N GLN A 53 -16.05 0.43 2.39
CA GLN A 53 -15.58 0.13 3.75
C GLN A 53 -16.19 -1.18 4.25
N ASN A 54 -17.41 -1.46 3.81
CA ASN A 54 -18.10 -2.68 4.22
C ASN A 54 -17.16 -3.88 4.22
N ILE A 55 -16.29 -3.93 3.21
CA ILE A 55 -15.33 -5.02 3.10
C ILE A 55 -14.16 -4.84 4.07
N VAL A 56 -14.01 -5.78 4.99
CA VAL A 56 -12.95 -5.72 5.97
C VAL A 56 -11.58 -5.89 5.32
N VAL A 57 -10.65 -5.01 5.67
CA VAL A 57 -9.31 -5.06 5.11
C VAL A 57 -8.26 -5.15 6.21
N ARG A 58 -7.27 -6.02 6.01
CA ARG A 58 -6.20 -6.20 6.98
C ARG A 58 -4.94 -5.44 6.57
N GLY A 59 -4.75 -5.28 5.27
CA GLY A 59 -3.59 -4.56 4.76
C GLY A 59 -3.50 -4.62 3.25
N TYR A 60 -2.45 -4.02 2.71
CA TYR A 60 -2.24 -3.99 1.27
C TYR A 60 -0.83 -4.48 0.91
N ALA A 61 -0.64 -4.80 -0.36
CA ALA A 61 0.65 -5.28 -0.84
C ALA A 61 1.14 -4.47 -2.04
N ILE A 62 2.37 -3.98 -1.95
CA ILE A 62 2.94 -3.19 -3.02
C ILE A 62 4.07 -3.94 -3.72
N GLY A 63 3.84 -4.32 -4.98
CA GLY A 63 4.85 -5.04 -5.74
C GLY A 63 5.59 -4.15 -6.72
N TYR A 64 6.91 -4.18 -6.66
CA TYR A 64 7.74 -3.38 -7.55
C TYR A 64 8.85 -4.21 -8.16
N GLY A 65 9.28 -3.82 -9.36
CA GLY A 65 10.34 -4.54 -10.05
C GLY A 65 10.43 -4.18 -11.51
N ILE A 66 11.66 -4.00 -12.00
CA ILE A 66 11.88 -3.64 -13.39
C ILE A 66 11.37 -4.73 -14.33
N GLY A 67 10.24 -4.46 -14.97
CA GLY A 67 9.66 -5.43 -15.89
C GLY A 67 8.39 -6.04 -15.34
N SER A 68 8.44 -6.51 -14.10
CA SER A 68 7.29 -7.13 -13.47
C SER A 68 7.28 -6.87 -11.96
N PRO A 69 6.08 -6.65 -11.40
CA PRO A 69 5.91 -6.38 -9.98
C PRO A 69 6.20 -7.61 -9.12
N HIS A 70 5.83 -8.78 -9.63
CA HIS A 70 6.05 -10.03 -8.91
C HIS A 70 7.42 -10.04 -8.25
N ALA A 71 8.34 -9.26 -8.79
CA ALA A 71 9.70 -9.19 -8.26
C ALA A 71 9.69 -9.29 -6.73
N GLN A 72 8.96 -8.37 -6.09
CA GLN A 72 8.87 -8.36 -4.64
C GLN A 72 7.50 -7.88 -4.17
N THR A 73 7.21 -8.07 -2.89
CA THR A 73 5.93 -7.65 -2.33
C THR A 73 6.12 -6.95 -0.99
N ILE A 74 5.55 -5.76 -0.87
CA ILE A 74 5.66 -4.98 0.36
C ILE A 74 4.31 -4.88 1.06
N LYS A 75 4.17 -5.58 2.17
CA LYS A 75 2.93 -5.57 2.94
C LYS A 75 3.13 -4.84 4.27
N VAL A 76 2.15 -4.03 4.64
CA VAL A 76 2.21 -3.28 5.89
C VAL A 76 0.90 -3.39 6.67
N ASP A 77 -0.11 -2.66 6.24
CA ASP A 77 -1.42 -2.68 6.88
C ASP A 77 -2.42 -1.82 6.12
N TYR A 78 -3.62 -1.70 6.67
CA TYR A 78 -4.68 -0.91 6.04
C TYR A 78 -4.53 0.58 6.39
N LYS A 79 -3.86 0.85 7.50
CA LYS A 79 -3.66 2.22 7.95
C LYS A 79 -2.66 2.94 7.05
N GLN A 80 -1.58 2.26 6.71
CA GLN A 80 -0.55 2.84 5.84
C GLN A 80 -1.16 3.42 4.58
N ARG A 81 -0.89 4.70 4.31
CA ARG A 81 -1.42 5.36 3.13
C ARG A 81 -0.39 5.36 2.00
N TYR A 82 0.88 5.49 2.37
CA TYR A 82 1.96 5.50 1.39
C TYR A 82 3.21 4.81 1.93
N TYR A 83 4.09 4.40 1.03
CA TYR A 83 5.32 3.73 1.42
C TYR A 83 6.51 4.22 0.59
N THR A 84 7.61 4.55 1.26
CA THR A 84 8.80 5.02 0.58
C THR A 84 9.75 3.88 0.24
N ILE A 85 9.87 3.59 -1.05
CA ILE A 85 10.75 2.51 -1.51
C ILE A 85 12.16 3.03 -1.76
N GLU A 86 13.08 2.67 -0.88
CA GLU A 86 14.47 3.09 -1.00
C GLU A 86 15.34 1.95 -1.52
N ASN A 87 16.58 2.26 -1.84
CA ASN A 87 17.53 1.26 -2.35
C ASN A 87 17.20 0.91 -3.80
N LEU A 88 16.89 1.92 -4.60
CA LEU A 88 16.57 1.70 -6.00
C LEU A 88 17.55 2.46 -6.90
N ASP A 89 17.64 2.02 -8.15
CA ASP A 89 18.54 2.65 -9.11
C ASP A 89 17.83 3.76 -9.88
N PRO A 90 18.51 4.90 -10.04
CA PRO A 90 17.97 6.05 -10.76
C PRO A 90 17.84 5.80 -12.25
N SER A 91 17.14 6.71 -12.94
CA SER A 91 16.93 6.57 -14.38
C SER A 91 16.52 5.16 -14.75
N SER A 92 15.47 4.67 -14.08
CA SER A 92 14.97 3.32 -14.34
C SER A 92 13.47 3.25 -14.13
N HIS A 93 12.77 2.62 -15.09
CA HIS A 93 11.32 2.49 -15.00
C HIS A 93 10.94 1.29 -14.14
N TYR A 94 10.03 1.52 -13.19
CA TYR A 94 9.58 0.46 -12.30
C TYR A 94 8.06 0.32 -12.34
N VAL A 95 7.58 -0.92 -12.27
CA VAL A 95 6.15 -1.19 -12.30
C VAL A 95 5.61 -1.49 -10.90
N ILE A 96 4.80 -0.58 -10.39
CA ILE A 96 4.21 -0.74 -9.07
C ILE A 96 2.77 -1.25 -9.15
N THR A 97 2.47 -2.27 -8.37
CA THR A 97 1.14 -2.85 -8.36
C THR A 97 0.63 -3.03 -6.93
N LEU A 98 -0.50 -2.39 -6.63
CA LEU A 98 -1.09 -2.48 -5.30
C LEU A 98 -2.36 -3.32 -5.32
N LYS A 99 -2.54 -4.14 -4.30
CA LYS A 99 -3.71 -5.00 -4.19
C LYS A 99 -4.20 -5.07 -2.76
N ALA A 100 -5.52 -5.23 -2.60
CA ALA A 100 -6.12 -5.31 -1.27
C ALA A 100 -6.34 -6.77 -0.86
N PHE A 101 -5.88 -7.12 0.33
CA PHE A 101 -6.02 -8.48 0.83
C PHE A 101 -6.42 -8.47 2.31
N ASN A 102 -7.38 -9.33 2.66
CA ASN A 102 -7.85 -9.42 4.03
C ASN A 102 -7.76 -10.85 4.55
N ASN A 103 -8.26 -11.07 5.76
CA ASN A 103 -8.23 -12.40 6.36
C ASN A 103 -8.89 -13.44 5.46
N VAL A 104 -9.77 -12.97 4.58
CA VAL A 104 -10.47 -13.84 3.65
C VAL A 104 -9.56 -14.25 2.49
N GLY A 105 -8.80 -13.29 1.98
CA GLY A 105 -7.90 -13.56 0.88
C GLY A 105 -7.36 -12.30 0.23
N GLU A 106 -7.00 -12.39 -1.04
CA GLU A 106 -6.46 -11.24 -1.77
C GLU A 106 -7.49 -10.71 -2.77
N GLY A 107 -7.11 -9.66 -3.50
CA GLY A 107 -7.99 -9.08 -4.47
C GLY A 107 -7.33 -8.91 -5.83
N ILE A 108 -7.69 -7.84 -6.54
CA ILE A 108 -7.11 -7.56 -7.84
C ILE A 108 -6.12 -6.41 -7.79
N PRO A 109 -4.86 -6.69 -8.14
CA PRO A 109 -3.79 -5.68 -8.14
C PRO A 109 -3.98 -4.64 -9.24
N LEU A 110 -3.25 -3.52 -9.11
CA LEU A 110 -3.34 -2.45 -10.10
C LEU A 110 -2.06 -2.37 -10.92
N TYR A 111 -2.00 -1.40 -11.82
CA TYR A 111 -0.83 -1.21 -12.67
C TYR A 111 -0.47 0.27 -12.78
N GLU A 112 0.75 0.60 -12.36
CA GLU A 112 1.23 1.98 -12.41
C GLU A 112 2.61 2.05 -13.05
N SER A 113 3.10 3.27 -13.25
CA SER A 113 4.40 3.49 -13.86
C SER A 113 5.16 4.61 -13.14
N ALA A 114 6.43 4.36 -12.84
CA ALA A 114 7.26 5.35 -12.16
C ALA A 114 8.70 5.29 -12.67
N VAL A 115 9.18 6.42 -13.20
CA VAL A 115 10.55 6.50 -13.71
C VAL A 115 11.42 7.35 -12.81
N THR A 116 12.33 6.70 -12.08
CA THR A 116 13.23 7.40 -11.18
C THR A 116 14.06 8.45 -11.93
N ARG A 117 14.12 9.65 -11.37
CA ARG A 117 14.88 10.73 -11.99
C ARG A 117 16.37 10.38 -12.07
N PRO A 118 17.05 10.94 -13.08
CA PRO A 118 18.48 10.71 -13.29
C PRO A 118 19.34 11.35 -12.22
N HIS A 119 20.12 10.53 -11.52
CA HIS A 119 21.00 11.03 -10.47
C HIS A 119 21.96 12.08 -11.00
N THR A 120 22.20 13.12 -10.20
CA THR A 120 23.10 14.19 -10.59
C THR A 120 23.96 14.66 -9.41
N SER A 121 25.27 14.53 -9.56
CA SER A 121 26.20 14.93 -8.51
C SER A 121 26.84 16.28 -8.83
N GLY A 122 26.16 17.34 -8.42
CA GLY A 122 26.67 18.69 -8.66
C GLY A 122 25.97 19.74 -7.81
N PRO A 123 26.61 20.11 -6.70
CA PRO A 123 26.08 21.12 -5.78
C PRO A 123 26.07 22.53 -6.39
N SER A 124 27.02 22.77 -7.29
CA SER A 124 27.13 24.07 -7.94
C SER A 124 25.77 24.54 -8.45
N SER A 125 25.14 23.72 -9.29
CA SER A 125 23.84 24.05 -9.85
C SER A 125 22.72 23.44 -9.02
N GLY A 126 21.57 24.11 -9.02
CA GLY A 126 20.43 23.62 -8.25
C GLY A 126 20.38 24.18 -6.85
N GLY A 1 15.47 -27.17 12.35
CA GLY A 1 14.69 -26.73 11.20
C GLY A 1 14.48 -25.24 11.19
N SER A 2 14.21 -24.68 10.01
CA SER A 2 13.99 -23.25 9.86
C SER A 2 13.30 -22.95 8.53
N SER A 3 12.13 -22.34 8.61
CA SER A 3 11.37 -21.99 7.41
C SER A 3 10.19 -21.08 7.76
N GLY A 4 10.14 -19.91 7.12
CA GLY A 4 9.07 -18.97 7.38
C GLY A 4 9.37 -17.59 6.81
N SER A 5 8.41 -16.67 6.98
CA SER A 5 8.57 -15.31 6.47
C SER A 5 8.57 -14.31 7.62
N SER A 6 9.12 -13.13 7.35
CA SER A 6 9.19 -12.08 8.36
C SER A 6 8.02 -11.11 8.21
N GLY A 7 7.94 -10.15 9.13
CA GLY A 7 6.86 -9.17 9.10
C GLY A 7 6.20 -8.98 10.44
N PRO A 8 6.73 -8.05 11.25
CA PRO A 8 6.21 -7.76 12.58
C PRO A 8 4.85 -7.07 12.53
N ALA A 9 4.03 -7.30 13.56
CA ALA A 9 2.70 -6.69 13.62
C ALA A 9 2.79 -5.20 13.90
N THR A 10 1.66 -4.51 13.78
CA THR A 10 1.61 -3.08 14.01
C THR A 10 1.77 -2.76 15.50
N ASP A 11 2.99 -2.50 15.91
CA ASP A 11 3.27 -2.19 17.32
C ASP A 11 3.33 -0.68 17.53
N TRP A 12 2.43 0.04 16.88
CA TRP A 12 2.39 1.50 17.00
C TRP A 12 1.12 2.06 16.37
N LEU A 13 0.78 3.30 16.73
CA LEU A 13 -0.41 3.94 16.19
C LEU A 13 -0.49 5.40 16.65
N SER A 14 -1.37 6.16 16.01
CA SER A 14 -1.55 7.57 16.36
C SER A 14 -3.02 7.89 16.64
N ALA A 15 -3.88 7.54 15.69
CA ALA A 15 -5.31 7.78 15.83
C ALA A 15 -6.04 6.51 16.25
N GLU A 16 -7.08 6.67 17.06
CA GLU A 16 -7.86 5.54 17.53
C GLU A 16 -9.26 5.54 16.90
N THR A 17 -9.50 4.58 16.02
CA THR A 17 -10.80 4.48 15.35
C THR A 17 -10.95 3.12 14.67
N PHE A 18 -12.20 2.71 14.46
CA PHE A 18 -12.49 1.43 13.82
C PHE A 18 -13.95 1.35 13.40
N GLU A 19 -14.23 0.50 12.43
CA GLU A 19 -15.60 0.32 11.93
C GLU A 19 -16.37 -0.67 12.79
N SER A 20 -17.61 -0.94 12.40
CA SER A 20 -18.46 -1.87 13.13
C SER A 20 -19.54 -2.45 12.23
N ASP A 21 -19.67 -3.77 12.24
CA ASP A 21 -20.67 -4.45 11.42
C ASP A 21 -20.30 -4.39 9.94
N LEU A 22 -19.09 -4.81 9.62
CA LEU A 22 -18.61 -4.80 8.24
C LEU A 22 -18.70 -6.20 7.62
N ASP A 23 -18.57 -6.26 6.30
CA ASP A 23 -18.63 -7.53 5.59
C ASP A 23 -17.23 -8.13 5.44
N GLU A 24 -17.07 -9.37 5.90
CA GLU A 24 -15.79 -10.05 5.81
C GLU A 24 -15.92 -11.38 5.08
N THR A 25 -16.90 -11.45 4.17
CA THR A 25 -17.13 -12.66 3.39
C THR A 25 -16.55 -12.54 1.99
N ARG A 26 -16.37 -11.30 1.53
CA ARG A 26 -15.82 -11.05 0.20
C ARG A 26 -14.54 -10.23 0.30
N VAL A 27 -13.60 -10.50 -0.60
CA VAL A 27 -12.33 -9.78 -0.63
C VAL A 27 -12.50 -8.39 -1.23
N PRO A 28 -11.69 -7.44 -0.75
CA PRO A 28 -11.71 -6.05 -1.23
C PRO A 28 -11.18 -5.92 -2.65
N GLU A 29 -12.10 -5.79 -3.61
CA GLU A 29 -11.73 -5.66 -5.01
C GLU A 29 -10.81 -4.47 -5.22
N VAL A 30 -10.35 -4.28 -6.45
CA VAL A 30 -9.46 -3.18 -6.78
C VAL A 30 -9.83 -1.92 -6.02
N PRO A 31 -8.84 -1.29 -5.38
CA PRO A 31 -9.03 -0.07 -4.59
C PRO A 31 -9.35 1.13 -5.47
N SER A 32 -9.72 2.24 -4.83
CA SER A 32 -10.06 3.46 -5.56
C SER A 32 -9.02 3.76 -6.64
N SER A 33 -7.77 3.85 -6.23
CA SER A 33 -6.68 4.13 -7.16
C SER A 33 -5.32 3.93 -6.49
N LEU A 34 -4.26 4.24 -7.22
CA LEU A 34 -2.90 4.09 -6.70
C LEU A 34 -1.93 5.02 -7.42
N HIS A 35 -1.34 5.94 -6.68
CA HIS A 35 -0.39 6.89 -7.26
C HIS A 35 1.04 6.56 -6.81
N VAL A 36 1.98 6.75 -7.73
CA VAL A 36 3.39 6.47 -7.44
C VAL A 36 4.28 7.62 -7.89
N ARG A 37 5.15 8.08 -6.99
CA ARG A 37 6.06 9.18 -7.30
C ARG A 37 7.50 8.69 -7.35
N PRO A 38 8.07 8.62 -8.55
CA PRO A 38 9.44 8.17 -8.77
C PRO A 38 10.46 9.17 -8.24
N LEU A 39 11.40 8.68 -7.43
CA LEU A 39 12.44 9.54 -6.86
C LEU A 39 13.83 9.04 -7.24
N VAL A 40 14.80 9.95 -7.26
CA VAL A 40 16.17 9.60 -7.61
C VAL A 40 16.50 8.18 -7.18
N THR A 41 16.67 7.98 -5.88
CA THR A 41 16.99 6.67 -5.35
C THR A 41 15.88 6.15 -4.45
N SER A 42 14.65 6.63 -4.69
CA SER A 42 13.49 6.22 -3.90
C SER A 42 12.22 6.30 -4.75
N ILE A 43 11.11 5.92 -4.13
CA ILE A 43 9.81 5.95 -4.81
C ILE A 43 8.67 6.00 -3.81
N VAL A 44 7.95 7.12 -3.80
CA VAL A 44 6.83 7.30 -2.89
C VAL A 44 5.55 6.69 -3.47
N VAL A 45 5.22 5.50 -3.02
CA VAL A 45 4.02 4.80 -3.50
C VAL A 45 2.82 5.13 -2.62
N SER A 46 1.98 6.04 -3.10
CA SER A 46 0.79 6.45 -2.36
C SER A 46 -0.46 5.77 -2.92
N TRP A 47 -1.35 5.34 -2.04
CA TRP A 47 -2.58 4.68 -2.44
C TRP A 47 -3.75 5.15 -1.60
N THR A 48 -4.94 4.61 -1.89
CA THR A 48 -6.15 4.98 -1.15
C THR A 48 -7.05 3.78 -0.95
N PRO A 49 -7.86 3.81 0.12
CA PRO A 49 -8.79 2.72 0.45
C PRO A 49 -9.96 2.66 -0.54
N PRO A 50 -10.64 1.50 -0.57
CA PRO A 50 -11.78 1.27 -1.46
C PRO A 50 -13.00 2.10 -1.06
N GLU A 51 -13.54 2.84 -2.01
CA GLU A 51 -14.71 3.68 -1.77
C GLU A 51 -15.73 2.93 -0.91
N ASN A 52 -15.85 1.63 -1.14
CA ASN A 52 -16.79 0.81 -0.40
C ASN A 52 -16.34 0.63 1.05
N GLN A 53 -16.89 1.44 1.94
CA GLN A 53 -16.54 1.38 3.35
C GLN A 53 -17.34 0.29 4.07
N ASN A 54 -17.55 -0.82 3.38
CA ASN A 54 -18.31 -1.94 3.94
C ASN A 54 -17.47 -3.22 3.94
N ILE A 55 -16.45 -3.24 3.10
CA ILE A 55 -15.56 -4.40 3.00
C ILE A 55 -14.45 -4.33 4.03
N VAL A 56 -14.29 -5.40 4.80
CA VAL A 56 -13.25 -5.47 5.81
C VAL A 56 -11.87 -5.58 5.19
N VAL A 57 -11.10 -4.50 5.25
CA VAL A 57 -9.75 -4.48 4.69
C VAL A 57 -8.70 -4.59 5.80
N ARG A 58 -7.96 -5.70 5.79
CA ARG A 58 -6.93 -5.92 6.78
C ARG A 58 -5.63 -5.20 6.40
N GLY A 59 -5.27 -5.29 5.13
CA GLY A 59 -4.05 -4.65 4.66
C GLY A 59 -3.92 -4.71 3.15
N TYR A 60 -2.82 -4.15 2.63
CA TYR A 60 -2.57 -4.15 1.20
C TYR A 60 -1.20 -4.75 0.87
N ALA A 61 -0.97 -5.02 -0.41
CA ALA A 61 0.31 -5.59 -0.84
C ALA A 61 0.88 -4.80 -2.01
N ILE A 62 2.10 -4.29 -1.82
CA ILE A 62 2.77 -3.52 -2.87
C ILE A 62 3.79 -4.38 -3.61
N GLY A 63 3.83 -4.23 -4.94
CA GLY A 63 4.76 -4.99 -5.74
C GLY A 63 5.45 -4.13 -6.79
N TYR A 64 6.77 -4.14 -6.77
CA TYR A 64 7.56 -3.36 -7.72
C TYR A 64 8.55 -4.24 -8.46
N GLY A 65 9.20 -3.67 -9.47
CA GLY A 65 10.18 -4.41 -10.25
C GLY A 65 10.33 -3.88 -11.66
N ILE A 66 11.54 -3.95 -12.19
CA ILE A 66 11.82 -3.46 -13.54
C ILE A 66 10.95 -4.18 -14.56
N GLY A 67 9.94 -3.46 -15.07
CA GLY A 67 9.05 -4.05 -16.05
C GLY A 67 8.03 -4.98 -15.43
N SER A 68 8.51 -5.89 -14.58
CA SER A 68 7.63 -6.85 -13.92
C SER A 68 7.61 -6.63 -12.41
N PRO A 69 6.42 -6.35 -11.87
CA PRO A 69 6.24 -6.13 -10.43
C PRO A 69 6.44 -7.39 -9.60
N HIS A 70 6.78 -8.48 -10.29
CA HIS A 70 7.00 -9.76 -9.61
C HIS A 70 8.45 -9.88 -9.14
N ALA A 71 8.97 -8.79 -8.58
CA ALA A 71 10.33 -8.77 -8.08
C ALA A 71 10.37 -8.76 -6.55
N GLN A 72 9.66 -7.81 -5.96
CA GLN A 72 9.61 -7.70 -4.50
C GLN A 72 8.20 -7.35 -4.04
N THR A 73 7.88 -7.74 -2.80
CA THR A 73 6.57 -7.47 -2.23
C THR A 73 6.67 -6.98 -0.79
N ILE A 74 6.00 -5.87 -0.50
CA ILE A 74 6.02 -5.30 0.84
C ILE A 74 4.64 -5.29 1.46
N LYS A 75 4.48 -6.03 2.56
CA LYS A 75 3.20 -6.11 3.25
C LYS A 75 3.16 -5.17 4.45
N VAL A 76 2.18 -4.28 4.48
CA VAL A 76 2.05 -3.33 5.58
C VAL A 76 0.59 -3.16 5.97
N ASP A 77 0.36 -2.62 7.17
CA ASP A 77 -0.99 -2.40 7.67
C ASP A 77 -1.78 -1.51 6.73
N TYR A 78 -3.10 -1.59 6.82
CA TYR A 78 -3.97 -0.78 5.96
C TYR A 78 -3.75 0.71 6.21
N LYS A 79 -3.79 1.09 7.48
CA LYS A 79 -3.60 2.49 7.85
C LYS A 79 -2.56 3.15 6.96
N GLN A 80 -1.41 2.51 6.81
CA GLN A 80 -0.33 3.04 5.98
C GLN A 80 -0.89 3.71 4.73
N ARG A 81 -0.74 5.02 4.65
CA ARG A 81 -1.22 5.79 3.51
C ARG A 81 -0.35 5.56 2.29
N TYR A 82 0.97 5.52 2.51
CA TYR A 82 1.92 5.32 1.43
C TYR A 82 3.23 4.73 1.95
N TYR A 83 4.05 4.23 1.04
CA TYR A 83 5.32 3.63 1.41
C TYR A 83 6.46 4.21 0.57
N THR A 84 7.61 4.41 1.20
CA THR A 84 8.78 4.96 0.50
C THR A 84 9.82 3.87 0.24
N ILE A 85 9.90 3.44 -1.02
CA ILE A 85 10.85 2.41 -1.40
C ILE A 85 12.20 3.01 -1.78
N GLU A 86 13.17 2.86 -0.88
CA GLU A 86 14.51 3.39 -1.12
C GLU A 86 15.47 2.29 -1.56
N ASN A 87 16.67 2.68 -1.98
CA ASN A 87 17.67 1.73 -2.42
C ASN A 87 17.32 1.17 -3.80
N LEU A 88 16.93 2.05 -4.70
CA LEU A 88 16.57 1.64 -6.06
C LEU A 88 17.47 2.31 -7.10
N ASP A 89 17.55 1.71 -8.28
CA ASP A 89 18.38 2.25 -9.35
C ASP A 89 17.68 3.41 -10.04
N PRO A 90 18.33 4.59 -10.03
CA PRO A 90 17.80 5.80 -10.65
C PRO A 90 17.77 5.71 -12.17
N SER A 91 17.14 6.69 -12.81
CA SER A 91 17.04 6.73 -14.26
C SER A 91 16.54 5.39 -14.80
N SER A 92 15.40 4.95 -14.31
CA SER A 92 14.81 3.69 -14.73
C SER A 92 13.30 3.68 -14.50
N HIS A 93 12.58 2.98 -15.37
CA HIS A 93 11.13 2.89 -15.26
C HIS A 93 10.72 1.66 -14.45
N TYR A 94 10.06 1.88 -13.32
CA TYR A 94 9.62 0.79 -12.46
C TYR A 94 8.11 0.65 -12.51
N VAL A 95 7.64 -0.59 -12.28
CA VAL A 95 6.20 -0.87 -12.30
C VAL A 95 5.69 -1.19 -10.91
N ILE A 96 4.95 -0.25 -10.33
CA ILE A 96 4.40 -0.45 -8.99
C ILE A 96 2.96 -0.95 -9.06
N THR A 97 2.64 -1.93 -8.20
CA THR A 97 1.30 -2.50 -8.17
C THR A 97 0.81 -2.65 -6.74
N LEU A 98 -0.48 -2.42 -6.53
CA LEU A 98 -1.07 -2.54 -5.19
C LEU A 98 -2.39 -3.30 -5.26
N LYS A 99 -2.67 -4.09 -4.22
CA LYS A 99 -3.89 -4.87 -4.15
C LYS A 99 -4.37 -5.01 -2.71
N ALA A 100 -5.64 -4.72 -2.48
CA ALA A 100 -6.22 -4.82 -1.15
C ALA A 100 -6.50 -6.28 -0.78
N PHE A 101 -5.96 -6.70 0.36
CA PHE A 101 -6.14 -8.07 0.84
C PHE A 101 -6.65 -8.09 2.27
N ASN A 102 -7.52 -9.06 2.57
CA ASN A 102 -8.08 -9.17 3.91
C ASN A 102 -8.09 -10.64 4.35
N ASN A 103 -8.67 -10.89 5.53
CA ASN A 103 -8.75 -12.24 6.07
C ASN A 103 -9.24 -13.23 5.01
N VAL A 104 -10.26 -12.81 4.26
CA VAL A 104 -10.83 -13.66 3.22
C VAL A 104 -9.84 -13.84 2.06
N GLY A 105 -9.30 -12.73 1.58
CA GLY A 105 -8.35 -12.79 0.48
C GLY A 105 -8.13 -11.43 -0.16
N GLU A 106 -7.52 -11.44 -1.35
CA GLU A 106 -7.25 -10.20 -2.07
C GLU A 106 -7.99 -10.18 -3.40
N GLY A 107 -8.05 -9.00 -4.03
CA GLY A 107 -8.74 -8.86 -5.30
C GLY A 107 -7.77 -8.68 -6.46
N ILE A 108 -8.04 -7.69 -7.30
CA ILE A 108 -7.19 -7.41 -8.45
C ILE A 108 -6.28 -6.21 -8.19
N PRO A 109 -4.98 -6.40 -8.43
CA PRO A 109 -3.98 -5.33 -8.23
C PRO A 109 -4.12 -4.21 -9.26
N LEU A 110 -3.42 -3.11 -9.02
CA LEU A 110 -3.45 -1.97 -9.92
C LEU A 110 -2.14 -1.83 -10.68
N TYR A 111 -2.19 -1.19 -11.85
CA TYR A 111 -1.00 -0.98 -12.66
C TYR A 111 -0.65 0.50 -12.74
N GLU A 112 0.61 0.83 -12.43
CA GLU A 112 1.07 2.20 -12.47
C GLU A 112 2.46 2.29 -13.10
N SER A 113 2.99 3.50 -13.19
CA SER A 113 4.30 3.72 -13.79
C SER A 113 5.06 4.82 -13.03
N ALA A 114 6.38 4.68 -12.96
CA ALA A 114 7.21 5.64 -12.28
C ALA A 114 8.65 5.59 -12.79
N VAL A 115 9.12 6.72 -13.33
CA VAL A 115 10.48 6.80 -13.86
C VAL A 115 11.42 7.46 -12.86
N THR A 116 12.16 6.64 -12.12
CA THR A 116 13.09 7.16 -11.12
C THR A 116 13.90 8.32 -11.67
N ARG A 117 13.83 9.47 -10.99
CA ARG A 117 14.56 10.66 -11.42
C ARG A 117 15.92 10.29 -12.00
N PRO A 118 16.35 11.03 -13.02
CA PRO A 118 17.64 10.80 -13.68
C PRO A 118 18.82 11.17 -12.78
N HIS A 119 19.44 10.15 -12.19
CA HIS A 119 20.58 10.38 -11.31
C HIS A 119 21.90 10.34 -12.09
N THR A 120 21.90 11.01 -13.24
CA THR A 120 23.09 11.05 -14.09
C THR A 120 23.30 12.44 -14.66
N SER A 121 24.35 13.12 -14.20
CA SER A 121 24.67 14.46 -14.66
C SER A 121 26.17 14.72 -14.60
N GLY A 122 26.74 15.15 -15.72
CA GLY A 122 28.17 15.42 -15.77
C GLY A 122 28.55 16.62 -14.93
N PRO A 123 29.86 16.78 -14.66
CA PRO A 123 30.38 17.89 -13.87
C PRO A 123 30.28 19.22 -14.59
N SER A 124 30.74 20.29 -13.94
CA SER A 124 30.69 21.62 -14.52
C SER A 124 31.73 22.53 -13.87
N SER A 125 32.50 23.21 -14.70
CA SER A 125 33.54 24.11 -14.20
C SER A 125 32.98 25.51 -13.98
N GLY A 126 32.82 25.89 -12.72
CA GLY A 126 32.29 27.20 -12.40
C GLY A 126 33.15 28.32 -12.94
#